data_7YO7
#
_entry.id   7YO7
#
_cell.length_a   80.350
_cell.length_b   182.570
_cell.length_c   242.160
_cell.angle_alpha   90.000
_cell.angle_beta   90.000
_cell.angle_gamma   90.000
#
_symmetry.space_group_name_H-M   'C 2 2 21'
#
loop_
_entity.id
_entity.type
_entity.pdbx_description
1 polymer Beta-D-xylosidase/beta-D-glucosidase
2 branched 2-acetamido-2-deoxy-beta-D-glucopyranose-(1-1)-alpha-D-mannopyranose-(3-4)-2-acetamido-2-deoxy-beta-D-glucopyranose-(1-4)-2-acetamido-2-deoxy-beta-D-glucopyranose
3 branched 2-acetamido-2-deoxy-beta-D-glucopyranose-(1-4)-2-acetamido-2-deoxy-beta-D-glucopyranose
4 branched 2-acetamido-2-deoxy-beta-D-glucopyranose-(1-3)-alpha-D-mannopyranose
5 non-polymer 2-acetamido-2-deoxy-beta-D-glucopyranose
6 non-polymer Deacetyltaxol
7 non-polymer D-xylose
8 water water
#
_entity_poly.entity_id   1
_entity_poly.type   'polypeptide(L)'
_entity_poly.pdbx_seq_one_letter_code
;MFPARLSLAVLFSVSPALAYFSGLGLGSERSIFRRDLNSTGDESNSTQWPAPLANGGKSWASAFKKAKATVTEMTVEELA
NITSGVIGLCSGVTGAVTRLGIPEFCLQDGPIGPRGVHGSSQFPAGLTVAATWDRTLMYARARGMGQEFHDQGVHLALAP
VTGGPLGRTPLNGRGWEGTFADPYACGEASYLSVKGLTDAGVATVSKHWIAYEQETSRNLYIDIDGVSQADIQLPISSNV
DDLTMHELYMWSFAEAVRAGTNHIMCSYNRINNTHSCSNAKGLNQLLKTELNFQGGVVSDWGGQWDSVPAAENGLDVAMP
GKGFLGALGDFWGATLVELINNGTVSEDLVRDKAVRILTGYYYLGQDTNPPPPFVYNTIGAPTLNATSGYRNVRKPGTAE
LIKEIGSASVTLLKNTGSLPLKHPQRIAVLGNDATYNVLGPNACGLANSACDIDNLNGTLTTGGGSGSALSPYTITPLEA
LQKRAIEDNAEIAAVVANSNTTTGAEDAIAALLPDADVTFVFLNRYSEEGADAPDFSLGGDGDNLMDLAVTYSSNVVVVI
HTTGVVDIEKWADNPNVTAILVAYLPGQEAGNSLVPVLYGDVAPSGKLPWTWGKSIDDYVPNGVVYTDAYSPQSNFTEGV
FIDYRWFDKMGITPRYEFGFGLSYTTFTYSNLIVDHGRWAKDYSSVMETAEPFAEWDGTNSLYDVIFTVFATITNTGNLT
GSEVAQLYISIPGDNQPVRQLRGFDKIKDLPVGDSAVVTFPIRRKDVSSWSVVDQLWYVPNGDFLISVGGSSRDLPLNTT
WTP
;
_entity_poly.pdbx_strand_id   A,B
#
# COMPACT_ATOMS: atom_id res chain seq x y z
N GLN A 48 -8.41 14.68 -19.25
CA GLN A 48 -7.88 13.50 -18.49
C GLN A 48 -8.90 12.38 -18.33
N TRP A 49 -10.20 12.69 -18.34
CA TRP A 49 -11.22 11.66 -18.07
C TRP A 49 -12.32 11.66 -19.04
N PRO A 50 -12.23 10.80 -20.05
CA PRO A 50 -13.23 10.79 -21.09
C PRO A 50 -14.59 10.26 -20.64
N ALA A 51 -15.60 10.64 -21.41
CA ALA A 51 -17.00 10.41 -21.09
C ALA A 51 -17.45 9.00 -21.58
N PRO A 52 -17.78 8.04 -20.68
CA PRO A 52 -18.09 6.69 -21.18
C PRO A 52 -19.49 6.58 -21.73
N LEU A 53 -19.66 5.93 -22.86
CA LEU A 53 -20.94 5.86 -23.50
C LEU A 53 -21.81 4.92 -22.64
N ALA A 54 -23.08 5.30 -22.47
CA ALA A 54 -24.07 4.39 -21.91
C ALA A 54 -24.24 3.12 -22.74
N ASN A 55 -24.61 2.04 -22.07
CA ASN A 55 -25.02 0.78 -22.71
C ASN A 55 -26.22 0.13 -22.04
N GLY A 56 -26.91 0.79 -21.09
CA GLY A 56 -28.11 0.18 -20.47
C GLY A 56 -27.78 -0.75 -19.32
N GLY A 57 -26.52 -1.20 -19.21
CA GLY A 57 -26.11 -2.16 -18.14
C GLY A 57 -27.05 -3.30 -17.94
N LYS A 58 -27.32 -3.62 -16.67
CA LYS A 58 -28.04 -4.85 -16.30
C LYS A 58 -29.56 -4.89 -16.63
N SER A 59 -30.43 -4.14 -15.93
CA SER A 59 -31.89 -4.27 -16.16
C SER A 59 -32.39 -3.31 -17.21
N TRP A 60 -31.59 -2.36 -17.67
CA TRP A 60 -32.10 -1.34 -18.67
C TRP A 60 -31.78 -1.63 -20.16
N ALA A 61 -31.47 -2.89 -20.47
CA ALA A 61 -30.89 -3.21 -21.77
C ALA A 61 -31.86 -2.94 -22.89
N SER A 62 -33.11 -3.35 -22.74
CA SER A 62 -34.12 -3.21 -23.75
C SER A 62 -34.54 -1.75 -23.86
N ALA A 63 -34.54 -1.06 -22.72
CA ALA A 63 -34.90 0.39 -22.77
C ALA A 63 -33.81 1.24 -23.41
N PHE A 64 -32.56 0.89 -23.15
CA PHE A 64 -31.43 1.54 -23.77
C PHE A 64 -31.47 1.41 -25.29
N LYS A 65 -31.81 0.21 -25.75
CA LYS A 65 -31.94 -0.01 -27.19
C LYS A 65 -32.99 0.90 -27.82
N LYS A 66 -34.18 0.97 -27.20
CA LYS A 66 -35.23 1.89 -27.67
C LYS A 66 -34.75 3.34 -27.65
N ALA A 67 -34.16 3.75 -26.51
CA ALA A 67 -33.57 5.05 -26.36
C ALA A 67 -32.60 5.38 -27.47
N LYS A 68 -31.61 4.51 -27.65
CA LYS A 68 -30.60 4.72 -28.70
C LYS A 68 -31.22 4.95 -30.09
N ALA A 69 -32.24 4.18 -30.41
CA ALA A 69 -32.93 4.28 -31.69
C ALA A 69 -33.62 5.64 -31.86
N THR A 70 -34.36 6.07 -30.83
CA THR A 70 -35.08 7.33 -30.89
C THR A 70 -34.10 8.53 -31.06
N VAL A 71 -33.00 8.51 -30.30
CA VAL A 71 -32.00 9.52 -30.30
C VAL A 71 -31.23 9.50 -31.62
N THR A 72 -31.06 8.33 -32.23
CA THR A 72 -30.41 8.29 -33.58
C THR A 72 -31.22 9.12 -34.63
N GLU A 73 -32.55 9.07 -34.55
CA GLU A 73 -33.43 9.93 -35.37
C GLU A 73 -33.48 11.43 -35.04
N MET A 74 -32.97 11.87 -33.88
CA MET A 74 -33.17 13.28 -33.46
C MET A 74 -32.27 14.21 -34.24
N THR A 75 -32.77 15.41 -34.55
CA THR A 75 -31.99 16.48 -35.13
C THR A 75 -31.34 17.13 -33.96
N VAL A 76 -30.46 18.07 -34.29
CA VAL A 76 -29.68 18.77 -33.29
C VAL A 76 -30.51 19.67 -32.40
N GLU A 77 -31.52 20.30 -32.99
CA GLU A 77 -32.41 21.17 -32.23
C GLU A 77 -33.22 20.29 -31.23
N GLU A 78 -33.59 19.08 -31.66
CA GLU A 78 -34.31 18.12 -30.79
C GLU A 78 -33.42 17.67 -29.63
N LEU A 79 -32.14 17.43 -29.89
CA LEU A 79 -31.16 17.15 -28.86
C LEU A 79 -31.05 18.25 -27.82
N ALA A 80 -30.95 19.51 -28.24
CA ALA A 80 -30.89 20.60 -27.30
C ALA A 80 -32.22 20.87 -26.60
N ASN A 81 -33.34 20.44 -27.19
CA ASN A 81 -34.63 20.58 -26.56
C ASN A 81 -34.78 19.67 -25.30
N ILE A 82 -34.27 18.46 -25.38
CA ILE A 82 -34.55 17.44 -24.40
C ILE A 82 -33.60 17.49 -23.26
N THR A 83 -32.52 18.22 -23.47
CA THR A 83 -31.39 18.23 -22.65
C THR A 83 -31.40 19.58 -21.79
N SER A 84 -32.49 20.34 -21.90
CA SER A 84 -32.57 21.60 -21.19
C SER A 84 -34.01 22.00 -20.87
N GLY A 85 -34.14 22.69 -19.74
CA GLY A 85 -35.42 23.02 -19.18
C GLY A 85 -36.26 24.05 -19.92
N VAL A 86 -37.56 23.82 -19.92
CA VAL A 86 -38.59 24.70 -20.53
C VAL A 86 -39.61 25.08 -19.51
N ILE A 87 -40.56 25.93 -19.90
CA ILE A 87 -41.51 26.45 -18.93
C ILE A 87 -42.61 25.51 -18.68
N GLY A 88 -43.00 25.36 -17.41
CA GLY A 88 -44.17 24.52 -17.11
C GLY A 88 -44.49 24.48 -15.62
N LEU A 89 -45.46 23.64 -15.28
CA LEU A 89 -46.11 23.65 -13.99
C LEU A 89 -45.25 23.03 -12.90
N CYS A 90 -44.30 22.19 -13.31
CA CYS A 90 -43.48 21.43 -12.41
C CYS A 90 -42.18 22.14 -12.17
N SER A 91 -41.49 21.72 -11.12
CA SER A 91 -40.23 22.26 -10.71
C SER A 91 -39.21 22.41 -11.91
N GLY A 92 -39.17 21.38 -12.77
CA GLY A 92 -38.36 21.42 -13.98
C GLY A 92 -39.20 20.75 -15.04
N VAL A 93 -38.92 21.03 -16.31
CA VAL A 93 -39.66 20.40 -17.39
C VAL A 93 -38.66 20.26 -18.54
N THR A 94 -38.46 19.05 -19.07
CA THR A 94 -37.63 18.89 -20.28
C THR A 94 -38.47 19.30 -21.48
N GLY A 95 -37.81 19.79 -22.53
CA GLY A 95 -38.50 20.04 -23.80
C GLY A 95 -38.97 18.77 -24.46
N ALA A 96 -40.12 18.86 -25.10
CA ALA A 96 -40.60 17.76 -25.94
C ALA A 96 -39.72 17.57 -27.18
N VAL A 97 -39.88 16.40 -27.80
CA VAL A 97 -39.32 16.14 -29.12
C VAL A 97 -40.57 15.75 -29.86
N THR A 98 -41.30 16.76 -30.29
CA THR A 98 -42.69 16.54 -30.69
C THR A 98 -42.87 15.75 -32.00
N ARG A 99 -41.90 15.83 -32.92
CA ARG A 99 -41.94 15.03 -34.19
C ARG A 99 -41.91 13.50 -33.91
N LEU A 100 -41.16 13.10 -32.89
CA LEU A 100 -41.06 11.71 -32.49
C LEU A 100 -42.05 11.35 -31.39
N GLY A 101 -42.97 12.24 -30.99
CA GLY A 101 -43.98 11.91 -29.95
C GLY A 101 -43.46 11.69 -28.53
N ILE A 102 -42.32 12.29 -28.21
CA ILE A 102 -41.79 12.27 -26.86
C ILE A 102 -42.36 13.50 -26.13
N PRO A 103 -43.06 13.29 -25.01
CA PRO A 103 -43.63 14.41 -24.33
C PRO A 103 -42.60 15.15 -23.50
N GLU A 104 -43.00 16.33 -23.01
CA GLU A 104 -42.22 16.99 -21.93
C GLU A 104 -42.26 16.05 -20.74
N PHE A 105 -41.15 15.98 -19.99
CA PHE A 105 -41.12 15.30 -18.68
C PHE A 105 -41.16 16.30 -17.56
N CYS A 106 -41.95 15.96 -16.55
CA CYS A 106 -42.15 16.69 -15.33
C CYS A 106 -41.19 16.19 -14.30
N LEU A 107 -40.29 17.05 -13.90
CA LEU A 107 -39.38 16.79 -12.79
C LEU A 107 -40.02 17.53 -11.65
N GLN A 108 -40.22 16.84 -10.50
CA GLN A 108 -40.89 17.48 -9.36
C GLN A 108 -40.24 17.10 -8.02
N ASP A 109 -40.00 18.14 -7.24
CA ASP A 109 -39.68 18.05 -5.84
C ASP A 109 -40.83 17.29 -5.11
N GLY A 110 -40.51 16.53 -4.05
CA GLY A 110 -39.22 16.55 -3.35
C GLY A 110 -39.15 15.24 -2.52
N PRO A 111 -38.21 15.19 -1.60
CA PRO A 111 -38.00 13.88 -0.87
C PRO A 111 -38.99 13.43 0.19
N ILE A 112 -40.09 14.17 0.41
CA ILE A 112 -41.20 13.64 1.15
C ILE A 112 -42.44 13.47 0.37
N GLY A 113 -42.37 13.71 -0.94
CA GLY A 113 -43.53 13.60 -1.79
C GLY A 113 -43.66 14.82 -2.64
N PRO A 114 -44.60 14.80 -3.64
CA PRO A 114 -44.76 15.87 -4.59
C PRO A 114 -45.05 17.15 -3.79
N ARG A 115 -44.19 18.13 -3.99
CA ARG A 115 -44.25 19.43 -3.34
C ARG A 115 -45.14 20.34 -4.15
N GLY A 116 -45.96 21.10 -3.42
CA GLY A 116 -46.76 22.18 -3.99
C GLY A 116 -48.05 21.72 -4.58
N VAL A 117 -48.45 20.51 -4.28
CA VAL A 117 -49.71 19.98 -4.81
C VAL A 117 -50.72 19.87 -3.64
N HIS A 118 -51.99 20.00 -3.97
CA HIS A 118 -53.12 19.58 -3.13
C HIS A 118 -53.48 18.22 -3.52
N GLY A 119 -54.31 17.61 -2.69
CA GLY A 119 -54.73 16.28 -2.93
C GLY A 119 -53.71 15.21 -2.60
N SER A 120 -52.67 15.52 -1.87
CA SER A 120 -51.64 14.52 -1.51
C SER A 120 -51.57 14.44 -0.01
N SER A 121 -50.71 13.56 0.50
CA SER A 121 -50.47 13.45 1.88
C SER A 121 -49.10 14.06 2.23
N GLN A 122 -48.91 14.48 3.47
CA GLN A 122 -47.59 14.90 3.96
C GLN A 122 -46.91 13.72 4.71
N PHE A 123 -45.92 13.12 4.08
CA PHE A 123 -45.14 12.00 4.65
C PHE A 123 -44.11 12.55 5.62
N PRO A 124 -43.69 11.71 6.57
CA PRO A 124 -42.59 12.10 7.39
C PRO A 124 -41.28 12.20 6.63
N ALA A 125 -40.41 13.01 7.18
CA ALA A 125 -39.13 13.23 6.52
C ALA A 125 -38.19 12.01 6.60
N GLY A 126 -37.20 12.04 5.71
CA GLY A 126 -36.08 11.11 5.80
C GLY A 126 -35.50 10.79 7.18
N LEU A 127 -35.18 11.84 7.91
CA LEU A 127 -34.71 11.72 9.24
C LEU A 127 -35.63 10.80 10.14
N THR A 128 -36.96 10.95 9.95
CA THR A 128 -37.93 10.32 10.79
C THR A 128 -37.98 8.83 10.47
N VAL A 129 -38.00 8.46 9.18
CA VAL A 129 -37.95 7.08 8.79
C VAL A 129 -36.60 6.42 9.18
N ALA A 130 -35.51 7.17 9.13
CA ALA A 130 -34.22 6.65 9.55
C ALA A 130 -34.30 6.21 11.02
N ALA A 131 -34.98 7.00 11.86
CA ALA A 131 -35.07 6.67 13.29
C ALA A 131 -35.87 5.47 13.58
N THR A 132 -36.68 4.98 12.62
CA THR A 132 -37.36 3.70 12.81
C THR A 132 -36.39 2.52 12.76
N TRP A 133 -35.34 2.64 11.97
CA TRP A 133 -34.39 1.54 11.70
C TRP A 133 -35.12 0.36 11.12
N ASP A 134 -36.18 0.60 10.37
CA ASP A 134 -37.02 -0.50 9.93
C ASP A 134 -37.07 -0.47 8.42
N ARG A 135 -36.41 -1.43 7.77
CA ARG A 135 -36.39 -1.54 6.29
C ARG A 135 -37.75 -1.67 5.60
N THR A 136 -38.69 -2.30 6.25
CA THR A 136 -40.02 -2.41 5.74
C THR A 136 -40.67 -1.05 5.64
N LEU A 137 -40.49 -0.20 6.64
CA LEU A 137 -41.07 1.13 6.56
C LEU A 137 -40.31 2.04 5.61
N MET A 138 -38.98 1.97 5.58
CA MET A 138 -38.21 2.72 4.54
C MET A 138 -38.77 2.44 3.13
N TYR A 139 -39.00 1.18 2.78
CA TYR A 139 -39.57 0.80 1.47
C TYR A 139 -41.05 1.23 1.26
N ALA A 140 -41.89 0.92 2.24
CA ALA A 140 -43.29 1.30 2.18
C ALA A 140 -43.50 2.83 2.02
N ARG A 141 -42.71 3.64 2.71
CA ARG A 141 -42.82 5.11 2.65
C ARG A 141 -42.57 5.51 1.22
N ALA A 142 -41.42 5.09 0.70
CA ALA A 142 -41.02 5.39 -0.76
C ALA A 142 -42.03 4.95 -1.80
N ARG A 143 -42.61 3.81 -1.58
CA ARG A 143 -43.57 3.24 -2.48
C ARG A 143 -44.89 4.04 -2.44
N GLY A 144 -45.25 4.52 -1.27
CA GLY A 144 -46.36 5.45 -1.08
C GLY A 144 -46.15 6.82 -1.72
N MET A 145 -44.99 7.41 -1.47
CA MET A 145 -44.61 8.71 -2.11
C MET A 145 -44.69 8.48 -3.61
N GLY A 146 -44.19 7.33 -4.05
CA GLY A 146 -44.14 7.00 -5.48
C GLY A 146 -45.50 7.00 -6.10
N GLN A 147 -46.43 6.35 -5.41
CA GLN A 147 -47.78 6.24 -5.90
C GLN A 147 -48.35 7.64 -6.05
N GLU A 148 -48.15 8.49 -5.05
CA GLU A 148 -48.61 9.89 -5.16
C GLU A 148 -47.92 10.71 -6.27
N PHE A 149 -46.61 10.53 -6.45
CA PHE A 149 -45.84 11.13 -7.55
C PHE A 149 -46.42 10.78 -8.91
N HIS A 150 -46.59 9.50 -9.10
CA HIS A 150 -47.15 8.97 -10.31
C HIS A 150 -48.52 9.44 -10.60
N ASP A 151 -49.36 9.46 -9.59
CA ASP A 151 -50.71 9.76 -9.76
C ASP A 151 -50.94 11.24 -9.96
N GLN A 152 -50.03 12.05 -9.46
CA GLN A 152 -50.07 13.51 -9.76
C GLN A 152 -49.49 13.87 -11.12
N GLY A 153 -48.86 12.90 -11.80
CA GLY A 153 -48.30 13.16 -13.17
C GLY A 153 -46.82 13.30 -13.33
N VAL A 154 -46.03 12.94 -12.32
CA VAL A 154 -44.64 13.21 -12.31
C VAL A 154 -43.97 12.06 -13.05
N HIS A 155 -43.08 12.41 -13.99
CA HIS A 155 -42.15 11.51 -14.62
C HIS A 155 -40.94 11.20 -13.78
N LEU A 156 -40.33 12.25 -13.19
CA LEU A 156 -39.06 12.20 -12.48
C LEU A 156 -39.22 12.92 -11.14
N ALA A 157 -39.04 12.17 -10.09
CA ALA A 157 -39.04 12.69 -8.76
C ALA A 157 -37.66 13.13 -8.35
N LEU A 158 -37.57 14.37 -7.85
CA LEU A 158 -36.35 14.92 -7.33
C LEU A 158 -36.18 14.38 -5.89
N ALA A 159 -35.83 13.11 -5.85
CA ALA A 159 -35.78 12.25 -4.61
C ALA A 159 -35.19 10.91 -4.99
N PRO A 160 -34.56 10.26 -4.03
CA PRO A 160 -34.41 10.70 -2.64
C PRO A 160 -33.12 11.41 -2.38
N VAL A 161 -32.89 11.79 -1.15
CA VAL A 161 -31.59 12.30 -0.79
C VAL A 161 -30.81 11.10 -0.33
N THR A 162 -29.68 10.89 -0.95
CA THR A 162 -28.94 9.68 -0.79
C THR A 162 -27.47 10.02 -0.57
N GLY A 163 -27.18 10.73 0.51
CA GLY A 163 -25.79 10.93 0.96
C GLY A 163 -25.19 12.29 0.68
N GLY A 164 -26.02 13.27 0.33
CA GLY A 164 -25.51 14.64 0.22
C GLY A 164 -26.66 15.60 0.41
N PRO A 165 -26.78 16.26 1.58
CA PRO A 165 -25.86 16.17 2.74
C PRO A 165 -25.93 14.76 3.41
N LEU A 166 -24.78 14.31 3.94
CA LEU A 166 -24.70 13.01 4.67
C LEU A 166 -24.75 13.32 6.13
N GLY A 167 -24.03 14.36 6.58
CA GLY A 167 -24.02 14.76 7.98
C GLY A 167 -22.67 15.16 8.58
N ARG A 168 -21.84 15.87 7.82
CA ARG A 168 -20.57 16.43 8.38
C ARG A 168 -20.79 17.46 9.47
N THR A 169 -21.86 18.26 9.37
CA THR A 169 -22.27 19.19 10.42
C THR A 169 -23.66 18.80 10.91
N PRO A 170 -23.89 18.81 12.24
CA PRO A 170 -25.24 18.74 12.82
C PRO A 170 -26.05 20.02 12.67
N LEU A 171 -25.45 21.09 12.15
CA LEU A 171 -26.17 22.36 11.86
C LEU A 171 -26.76 22.54 10.45
N ASN A 172 -26.57 21.55 9.59
CA ASN A 172 -26.89 21.64 8.21
C ASN A 172 -28.39 21.89 8.13
N GLY A 173 -28.79 22.99 7.50
CA GLY A 173 -30.20 23.33 7.46
C GLY A 173 -31.11 22.33 6.76
N ARG A 174 -30.58 21.59 5.82
CA ARG A 174 -31.29 20.55 5.19
C ARG A 174 -30.91 19.09 5.51
N GLY A 175 -30.17 18.84 6.60
CA GLY A 175 -29.83 17.45 6.97
C GLY A 175 -31.03 16.50 7.15
N TRP A 176 -32.13 17.08 7.61
CA TRP A 176 -33.41 16.38 7.82
C TRP A 176 -33.96 15.69 6.58
N GLU A 177 -33.55 16.09 5.35
CA GLU A 177 -34.09 15.47 4.14
C GLU A 177 -33.52 14.04 3.88
N GLY A 178 -32.31 13.88 4.40
CA GLY A 178 -31.53 12.60 4.32
C GLY A 178 -31.93 11.72 5.46
N THR A 179 -31.10 10.73 5.81
CA THR A 179 -31.51 9.67 6.73
C THR A 179 -30.56 9.65 7.93
N PHE A 180 -29.51 8.86 7.84
CA PHE A 180 -28.55 8.66 8.92
C PHE A 180 -27.26 9.42 8.69
N ALA A 181 -26.61 9.93 9.75
CA ALA A 181 -25.23 10.41 9.65
C ALA A 181 -24.20 9.28 9.58
N ASP A 182 -24.40 8.36 8.67
CA ASP A 182 -23.59 7.14 8.62
C ASP A 182 -23.69 6.56 7.24
N PRO A 183 -22.55 6.27 6.60
CA PRO A 183 -22.61 5.73 5.21
C PRO A 183 -23.35 4.42 5.07
N TYR A 184 -23.13 3.46 5.96
CA TYR A 184 -23.77 2.15 5.79
C TYR A 184 -25.29 2.29 5.88
N ALA A 185 -25.76 2.93 6.91
CA ALA A 185 -27.22 3.01 7.11
C ALA A 185 -27.95 3.90 6.07
N CYS A 186 -27.31 5.00 5.74
CA CYS A 186 -27.78 5.85 4.62
C CYS A 186 -27.83 5.02 3.37
N GLY A 187 -26.76 4.22 3.14
CA GLY A 187 -26.71 3.28 2.07
C GLY A 187 -27.97 2.44 1.95
N GLU A 188 -28.33 1.79 3.06
CA GLU A 188 -29.45 0.89 3.05
C GLU A 188 -30.73 1.64 2.82
N ALA A 189 -30.85 2.80 3.43
CA ALA A 189 -32.11 3.55 3.33
C ALA A 189 -32.27 4.05 1.93
N SER A 190 -31.13 4.48 1.34
CA SER A 190 -31.09 4.98 -0.06
C SER A 190 -31.54 3.91 -1.04
N TYR A 191 -31.01 2.68 -0.88
CA TYR A 191 -31.36 1.60 -1.72
C TYR A 191 -32.85 1.39 -1.69
N LEU A 192 -33.42 1.30 -0.51
CA LEU A 192 -34.84 0.99 -0.41
C LEU A 192 -35.76 2.14 -0.90
N SER A 193 -35.29 3.36 -0.78
CA SER A 193 -36.09 4.52 -1.19
C SER A 193 -36.14 4.58 -2.72
N VAL A 194 -34.98 4.35 -3.36
CA VAL A 194 -34.96 4.25 -4.81
C VAL A 194 -35.86 3.18 -5.26
N LYS A 195 -35.75 2.00 -4.65
CA LYS A 195 -36.54 0.93 -5.05
C LYS A 195 -38.00 1.19 -4.91
N GLY A 196 -38.38 1.82 -3.82
CA GLY A 196 -39.79 2.14 -3.60
C GLY A 196 -40.37 3.11 -4.62
N LEU A 197 -39.59 4.09 -4.92
CA LEU A 197 -40.04 5.13 -5.93
C LEU A 197 -40.13 4.52 -7.35
N THR A 198 -39.10 3.80 -7.75
CA THR A 198 -39.13 3.11 -9.05
C THR A 198 -40.18 2.01 -9.19
N ASP A 199 -40.39 1.18 -8.15
CA ASP A 199 -41.47 0.22 -8.22
C ASP A 199 -42.84 0.88 -8.43
N ALA A 200 -43.06 2.09 -7.91
CA ALA A 200 -44.26 2.85 -8.34
C ALA A 200 -44.00 3.33 -9.78
N GLY A 201 -44.84 3.99 -10.51
CA GLY A 201 -44.23 4.39 -11.88
C GLY A 201 -43.06 5.45 -12.06
N VAL A 202 -42.28 5.81 -11.03
CA VAL A 202 -41.52 7.09 -11.11
C VAL A 202 -40.04 6.94 -11.24
N ALA A 203 -39.44 7.76 -12.13
CA ALA A 203 -38.03 7.81 -12.27
C ALA A 203 -37.45 8.58 -11.07
N THR A 204 -36.32 8.13 -10.55
CA THR A 204 -35.70 8.83 -9.47
C THR A 204 -34.54 9.66 -9.92
N VAL A 205 -34.35 10.78 -9.22
CA VAL A 205 -33.16 11.65 -9.30
C VAL A 205 -32.56 11.72 -7.92
N SER A 206 -31.60 10.80 -7.67
CA SER A 206 -31.00 10.69 -6.38
C SER A 206 -30.07 11.85 -6.20
N LYS A 207 -30.05 12.46 -5.03
CA LYS A 207 -29.33 13.69 -4.87
C LYS A 207 -28.67 13.81 -3.49
N HIS A 208 -27.64 14.63 -3.30
CA HIS A 208 -27.01 15.50 -4.29
C HIS A 208 -25.52 15.08 -4.38
N TRP A 209 -25.07 14.74 -5.58
CA TRP A 209 -23.71 14.29 -5.81
C TRP A 209 -22.80 15.55 -5.92
N ILE A 210 -21.88 15.83 -5.01
CA ILE A 210 -21.50 15.00 -3.92
C ILE A 210 -20.68 15.91 -2.99
N ALA A 211 -20.51 15.52 -1.76
CA ALA A 211 -19.80 16.28 -0.73
C ALA A 211 -20.44 17.65 -0.45
N TYR A 212 -21.77 17.64 -0.55
CA TYR A 212 -22.59 18.88 -0.37
C TYR A 212 -23.02 18.96 1.10
N GLU A 213 -22.15 19.53 1.95
CA GLU A 213 -22.23 19.36 3.37
C GLU A 213 -22.47 20.64 4.11
N GLN A 214 -22.74 21.74 3.42
CA GLN A 214 -23.22 22.91 4.12
C GLN A 214 -24.04 23.76 3.20
N GLU A 215 -25.03 24.40 3.74
CA GLU A 215 -25.87 25.33 2.93
C GLU A 215 -25.24 26.72 2.75
N THR A 216 -24.45 27.11 3.72
CA THR A 216 -23.82 28.41 3.75
C THR A 216 -22.79 28.48 2.62
N SER A 217 -22.91 29.52 1.83
CA SER A 217 -22.07 29.71 0.64
C SER A 217 -22.29 28.63 -0.41
N ARG A 218 -23.46 28.02 -0.39
CA ARG A 218 -23.70 27.02 -1.45
C ARG A 218 -23.71 27.75 -2.80
N ASN A 219 -24.21 29.01 -2.78
CA ASN A 219 -24.07 29.98 -3.88
C ASN A 219 -24.43 29.45 -5.25
N LEU A 220 -25.70 29.14 -5.37
CA LEU A 220 -26.22 28.69 -6.65
C LEU A 220 -26.05 29.81 -7.67
N TYR A 221 -25.92 29.42 -8.94
CA TYR A 221 -25.84 30.37 -10.00
C TYR A 221 -27.15 31.11 -10.14
N ILE A 222 -27.06 32.42 -10.10
CA ILE A 222 -28.22 33.27 -10.25
C ILE A 222 -27.77 34.69 -10.67
N ASP A 223 -28.58 35.24 -11.55
CA ASP A 223 -28.33 36.55 -12.14
C ASP A 223 -29.70 37.18 -12.27
N ILE A 224 -30.04 38.06 -11.33
CA ILE A 224 -31.40 38.60 -11.22
C ILE A 224 -31.30 40.09 -10.88
N ASP A 225 -32.02 40.94 -11.61
CA ASP A 225 -31.96 42.41 -11.46
C ASP A 225 -30.53 42.98 -11.51
N GLY A 226 -29.69 42.46 -12.39
CA GLY A 226 -28.28 42.93 -12.51
C GLY A 226 -27.22 42.56 -11.51
N VAL A 227 -27.55 41.79 -10.48
CA VAL A 227 -26.54 41.30 -9.56
C VAL A 227 -26.45 39.76 -9.76
N SER A 228 -25.20 39.31 -9.90
CA SER A 228 -24.87 37.93 -10.29
C SER A 228 -24.09 37.31 -9.17
N GLN A 229 -24.48 36.10 -8.79
CA GLN A 229 -23.72 35.39 -7.80
C GLN A 229 -22.27 35.33 -8.23
N ALA A 230 -22.03 35.14 -9.51
CA ALA A 230 -20.65 35.09 -10.04
C ALA A 230 -19.74 36.28 -9.68
N ASP A 231 -20.33 37.45 -9.44
CA ASP A 231 -19.65 38.66 -9.03
C ASP A 231 -19.53 38.78 -7.53
N ILE A 232 -20.21 37.96 -6.74
CA ILE A 232 -20.09 38.07 -5.28
C ILE A 232 -19.21 36.98 -4.69
N GLN A 233 -19.54 35.73 -4.99
CA GLN A 233 -18.83 34.57 -4.32
C GLN A 233 -19.02 33.28 -5.04
N LEU A 234 -17.92 32.54 -5.24
CA LEU A 234 -18.00 31.22 -5.83
C LEU A 234 -18.58 30.20 -4.79
N PRO A 235 -19.06 29.08 -5.25
CA PRO A 235 -19.48 28.15 -4.19
C PRO A 235 -18.39 27.65 -3.31
N ILE A 236 -18.78 27.36 -2.08
CA ILE A 236 -17.95 26.59 -1.18
C ILE A 236 -17.30 25.41 -1.90
N SER A 237 -15.99 25.27 -1.74
CA SER A 237 -15.26 24.15 -2.31
C SER A 237 -14.98 23.06 -1.26
N SER A 238 -15.60 21.90 -1.45
CA SER A 238 -15.38 20.75 -0.53
C SER A 238 -14.11 20.11 -1.06
N ASN A 239 -13.03 20.13 -0.28
CA ASN A 239 -11.74 19.52 -0.68
C ASN A 239 -11.58 18.19 0.05
N VAL A 240 -11.72 17.13 -0.72
CA VAL A 240 -11.92 15.79 -0.21
C VAL A 240 -10.88 14.88 -0.75
N ASP A 241 -10.24 14.13 0.13
CA ASP A 241 -9.18 13.24 -0.31
C ASP A 241 -9.83 12.00 -0.89
N ASP A 242 -9.04 11.22 -1.62
CA ASP A 242 -9.56 10.10 -2.37
C ASP A 242 -10.18 9.00 -1.47
N LEU A 243 -9.52 8.68 -0.34
CA LEU A 243 -10.05 7.58 0.54
C LEU A 243 -11.38 8.03 1.19
N THR A 244 -11.44 9.29 1.60
CA THR A 244 -12.66 9.86 2.22
C THR A 244 -13.78 9.85 1.25
N MET A 245 -13.52 10.16 -0.01
CA MET A 245 -14.57 10.14 -1.06
C MET A 245 -15.14 8.74 -1.31
N HIS A 246 -14.29 7.72 -1.32
CA HIS A 246 -14.74 6.36 -1.57
C HIS A 246 -15.37 5.79 -0.32
N GLU A 247 -14.79 5.99 0.84
CA GLU A 247 -15.26 5.29 2.04
C GLU A 247 -16.49 5.93 2.70
N LEU A 248 -16.65 7.22 2.50
CA LEU A 248 -17.68 7.99 3.19
C LEU A 248 -18.72 8.46 2.18
N TYR A 249 -18.36 9.42 1.31
CA TYR A 249 -19.38 10.06 0.42
C TYR A 249 -19.96 9.24 -0.71
N MET A 250 -19.19 8.46 -1.45
CA MET A 250 -19.73 7.64 -2.53
C MET A 250 -20.57 6.44 -2.04
N TRP A 251 -20.38 6.00 -0.78
CA TRP A 251 -21.01 4.74 -0.32
C TRP A 251 -22.48 4.70 -0.66
N SER A 252 -23.24 5.75 -0.30
CA SER A 252 -24.69 5.66 -0.40
C SER A 252 -25.12 5.86 -1.84
N PHE A 253 -24.36 6.65 -2.60
CA PHE A 253 -24.57 6.74 -4.05
C PHE A 253 -24.36 5.43 -4.83
N ALA A 254 -23.41 4.63 -4.40
CA ALA A 254 -23.22 3.29 -4.96
C ALA A 254 -24.43 2.43 -4.76
N GLU A 255 -24.98 2.50 -3.54
CA GLU A 255 -26.25 1.79 -3.22
C GLU A 255 -27.41 2.29 -4.08
N ALA A 256 -27.58 3.61 -4.21
CA ALA A 256 -28.59 4.20 -5.09
C ALA A 256 -28.40 3.74 -6.54
N VAL A 257 -27.14 3.74 -7.03
CA VAL A 257 -26.88 3.15 -8.39
C VAL A 257 -27.36 1.71 -8.56
N ARG A 258 -26.98 0.83 -7.59
CA ARG A 258 -27.37 -0.58 -7.57
C ARG A 258 -28.87 -0.81 -7.52
N ALA A 259 -29.58 0.07 -6.78
CA ALA A 259 -31.01 0.07 -6.72
C ALA A 259 -31.71 0.44 -8.01
N GLY A 260 -31.00 1.05 -8.93
CA GLY A 260 -31.54 1.39 -10.20
C GLY A 260 -31.90 2.89 -10.27
N THR A 261 -31.25 3.79 -9.54
CA THR A 261 -31.70 5.23 -9.73
C THR A 261 -31.56 5.54 -11.19
N ASN A 262 -32.54 6.23 -11.74
CA ASN A 262 -32.56 6.54 -13.16
C ASN A 262 -31.65 7.74 -13.46
N HIS A 263 -31.43 8.63 -12.49
CA HIS A 263 -30.64 9.84 -12.61
C HIS A 263 -30.07 10.21 -11.25
N ILE A 264 -29.12 11.12 -11.26
CA ILE A 264 -28.41 11.72 -10.15
C ILE A 264 -28.35 13.22 -10.40
N MET A 265 -28.56 13.99 -9.34
CA MET A 265 -28.45 15.44 -9.37
C MET A 265 -27.10 15.88 -8.83
N CYS A 266 -26.36 16.68 -9.61
CA CYS A 266 -25.10 17.23 -9.12
C CYS A 266 -25.39 18.42 -8.27
N SER A 267 -24.53 18.62 -7.30
CA SER A 267 -24.72 19.59 -6.25
C SER A 267 -24.21 20.97 -6.58
N TYR A 268 -24.51 21.91 -5.68
CA TYR A 268 -24.07 23.29 -5.81
C TYR A 268 -22.63 23.56 -5.42
N ASN A 269 -22.07 22.75 -4.54
CA ASN A 269 -20.72 23.02 -4.10
C ASN A 269 -19.74 22.74 -5.24
N ARG A 270 -18.54 23.25 -5.06
CA ARG A 270 -17.39 22.80 -5.86
C ARG A 270 -16.72 21.68 -5.08
N ILE A 271 -15.87 20.91 -5.78
CA ILE A 271 -15.05 19.87 -5.22
C ILE A 271 -13.67 20.12 -5.74
N ASN A 272 -12.72 20.35 -4.83
CA ASN A 272 -11.32 20.73 -5.16
C ASN A 272 -11.36 21.90 -6.18
N ASN A 273 -12.18 22.92 -5.88
CA ASN A 273 -12.29 24.15 -6.66
C ASN A 273 -12.81 24.03 -8.07
N THR A 274 -13.49 22.91 -8.36
CA THR A 274 -14.21 22.73 -9.63
C THR A 274 -15.68 22.42 -9.33
N HIS A 275 -16.59 23.20 -9.90
CA HIS A 275 -18.04 22.93 -9.81
C HIS A 275 -18.46 21.48 -10.02
N SER A 276 -19.37 20.98 -9.19
CA SER A 276 -19.73 19.57 -9.22
C SER A 276 -20.37 19.17 -10.54
N CYS A 277 -21.21 20.06 -11.08
CA CYS A 277 -21.85 19.82 -12.37
C CYS A 277 -20.91 19.93 -13.56
N SER A 278 -19.64 20.24 -13.35
CA SER A 278 -18.67 20.18 -14.46
C SER A 278 -17.34 19.64 -14.01
N ASN A 279 -17.42 18.65 -13.09
CA ASN A 279 -16.24 18.04 -12.48
C ASN A 279 -16.05 16.72 -13.21
N ALA A 280 -15.10 16.70 -14.14
CA ALA A 280 -14.83 15.45 -14.90
C ALA A 280 -14.37 14.26 -14.00
N LYS A 281 -13.57 14.47 -12.96
CA LYS A 281 -13.19 13.39 -12.05
C LYS A 281 -14.46 12.84 -11.36
N GLY A 282 -15.34 13.75 -10.93
CA GLY A 282 -16.55 13.39 -10.24
C GLY A 282 -17.55 12.68 -11.09
N LEU A 283 -17.92 13.27 -12.24
CA LEU A 283 -18.99 12.73 -13.06
C LEU A 283 -18.53 11.69 -14.07
N ASN A 284 -17.47 11.93 -14.85
CA ASN A 284 -17.10 10.97 -15.91
C ASN A 284 -16.33 9.80 -15.37
N GLN A 285 -15.44 10.05 -14.40
CA GLN A 285 -14.63 9.00 -13.79
C GLN A 285 -15.40 8.39 -12.60
N LEU A 286 -15.48 9.04 -11.45
CA LEU A 286 -16.06 8.40 -10.25
C LEU A 286 -17.46 7.85 -10.46
N LEU A 287 -18.33 8.63 -11.09
CA LEU A 287 -19.72 8.24 -11.20
C LEU A 287 -19.98 7.35 -12.38
N LYS A 288 -19.59 7.83 -13.56
CA LYS A 288 -19.93 7.13 -14.79
C LYS A 288 -18.95 5.98 -15.14
N THR A 289 -17.75 5.98 -14.59
CA THR A 289 -16.82 4.82 -14.77
C THR A 289 -16.79 3.85 -13.60
N GLU A 290 -16.29 4.29 -12.44
CA GLU A 290 -16.16 3.39 -11.29
C GLU A 290 -17.53 2.90 -10.82
N LEU A 291 -18.50 3.83 -10.66
CA LEU A 291 -19.86 3.39 -10.35
C LEU A 291 -20.67 2.92 -11.47
N ASN A 292 -20.16 2.98 -12.73
CA ASN A 292 -20.83 2.47 -13.89
C ASN A 292 -22.26 2.94 -14.15
N PHE A 293 -22.46 4.20 -13.81
CA PHE A 293 -23.80 4.76 -13.86
C PHE A 293 -24.27 4.98 -15.27
N GLN A 294 -25.43 4.39 -15.59
CA GLN A 294 -26.00 4.34 -16.92
C GLN A 294 -27.06 5.45 -17.16
N GLY A 295 -27.42 6.25 -16.14
CA GLY A 295 -28.53 7.15 -16.26
C GLY A 295 -28.00 8.58 -16.53
N GLY A 296 -28.86 9.57 -16.28
CA GLY A 296 -28.48 10.98 -16.44
C GLY A 296 -28.02 11.76 -15.23
N VAL A 297 -27.12 12.73 -15.44
CA VAL A 297 -26.79 13.67 -14.42
C VAL A 297 -27.58 14.97 -14.67
N VAL A 298 -28.39 15.39 -13.70
CA VAL A 298 -29.30 16.56 -13.84
C VAL A 298 -28.67 17.63 -13.00
N SER A 299 -28.59 18.89 -13.48
CA SER A 299 -27.99 19.94 -12.60
C SER A 299 -29.00 20.23 -11.50
N ASP A 300 -28.51 20.64 -10.34
CA ASP A 300 -29.38 21.25 -9.40
C ASP A 300 -29.76 22.60 -10.04
N TRP A 301 -30.71 23.29 -9.43
CA TRP A 301 -31.30 24.51 -10.05
C TRP A 301 -30.40 25.68 -9.79
N GLY A 302 -29.54 26.01 -10.76
CA GLY A 302 -28.44 26.92 -10.54
C GLY A 302 -27.10 26.25 -10.33
N GLY A 303 -27.04 24.92 -10.36
CA GLY A 303 -25.80 24.23 -10.28
C GLY A 303 -24.88 24.27 -11.48
N GLN A 304 -25.39 24.57 -12.65
CA GLN A 304 -24.59 24.75 -13.87
C GLN A 304 -24.07 26.19 -14.04
N TRP A 305 -22.74 26.30 -14.16
CA TRP A 305 -22.10 27.61 -14.21
C TRP A 305 -21.51 27.98 -15.60
N ASP A 306 -21.53 27.03 -16.53
CA ASP A 306 -20.91 27.19 -17.86
C ASP A 306 -21.53 26.24 -18.86
N SER A 307 -21.25 26.49 -20.15
CA SER A 307 -21.83 25.73 -21.24
C SER A 307 -20.95 24.53 -21.66
N VAL A 308 -19.69 24.78 -21.98
CA VAL A 308 -18.87 23.74 -22.58
C VAL A 308 -18.21 22.84 -21.53
N PRO A 309 -17.72 23.38 -20.43
CA PRO A 309 -17.14 22.42 -19.49
C PRO A 309 -18.19 21.46 -18.98
N ALA A 310 -19.37 21.97 -18.66
CA ALA A 310 -20.52 21.09 -18.33
C ALA A 310 -20.84 20.02 -19.41
N ALA A 311 -20.79 20.36 -20.72
CA ALA A 311 -21.11 19.35 -21.74
C ALA A 311 -19.99 18.29 -21.89
N GLU A 312 -18.78 18.67 -21.61
CA GLU A 312 -17.68 17.74 -21.79
C GLU A 312 -17.43 16.92 -20.54
N ASN A 313 -17.83 17.45 -19.37
CA ASN A 313 -17.40 16.88 -18.08
C ASN A 313 -18.47 16.09 -17.36
N GLY A 314 -19.62 15.84 -18.00
CA GLY A 314 -20.54 14.77 -17.59
C GLY A 314 -21.94 15.20 -17.26
N LEU A 315 -22.28 16.50 -17.40
CA LEU A 315 -23.66 16.91 -17.21
C LEU A 315 -24.56 16.43 -18.37
N ASP A 316 -25.78 15.97 -18.10
CA ASP A 316 -26.75 15.54 -19.15
C ASP A 316 -27.99 16.38 -19.32
N VAL A 317 -28.44 17.01 -18.24
CA VAL A 317 -29.66 17.80 -18.20
C VAL A 317 -29.46 19.15 -17.47
N ALA A 318 -29.72 20.23 -18.20
CA ALA A 318 -29.65 21.56 -17.70
C ALA A 318 -31.03 21.99 -17.15
N MET A 319 -31.06 22.27 -15.84
CA MET A 319 -32.30 22.65 -15.22
C MET A 319 -32.08 23.85 -14.36
N PRO A 320 -33.10 24.72 -14.23
CA PRO A 320 -34.40 24.66 -14.91
C PRO A 320 -34.53 25.31 -16.31
N GLY A 321 -33.44 25.79 -16.87
CA GLY A 321 -33.46 26.25 -18.30
C GLY A 321 -34.19 27.59 -18.36
N LYS A 322 -35.21 27.63 -19.19
CA LYS A 322 -36.17 28.73 -19.30
C LYS A 322 -37.03 28.90 -18.08
N GLY A 323 -37.13 27.85 -17.22
CA GLY A 323 -37.89 28.01 -16.01
C GLY A 323 -37.36 29.09 -15.06
N PHE A 324 -38.26 29.55 -14.22
CA PHE A 324 -37.92 30.57 -13.24
C PHE A 324 -37.21 31.80 -13.89
N LEU A 325 -37.79 32.26 -14.95
CA LEU A 325 -37.37 33.47 -15.65
C LEU A 325 -35.96 33.41 -16.27
N GLY A 326 -35.44 32.20 -16.46
CA GLY A 326 -34.05 32.02 -16.86
C GLY A 326 -33.06 32.63 -15.92
N ALA A 327 -33.49 32.93 -14.67
CA ALA A 327 -32.66 33.66 -13.71
C ALA A 327 -31.52 32.83 -13.17
N LEU A 328 -31.69 31.51 -13.21
CA LEU A 328 -30.70 30.59 -12.68
C LEU A 328 -29.74 30.09 -13.76
N GLY A 329 -29.52 30.95 -14.78
CA GLY A 329 -28.65 30.63 -15.86
C GLY A 329 -29.38 29.73 -16.82
N ASP A 330 -28.92 29.79 -18.06
CA ASP A 330 -29.59 29.10 -19.12
C ASP A 330 -28.46 28.90 -20.11
N PHE A 331 -27.55 27.99 -19.78
CA PHE A 331 -26.31 27.83 -20.50
C PHE A 331 -26.36 26.91 -21.73
N TRP A 332 -27.44 26.14 -21.87
CA TRP A 332 -27.57 25.22 -22.99
C TRP A 332 -28.67 25.74 -23.86
N GLY A 333 -29.61 24.89 -24.30
CA GLY A 333 -30.72 25.32 -25.09
C GLY A 333 -30.27 25.75 -26.48
N ALA A 334 -30.73 26.92 -26.94
CA ALA A 334 -30.29 27.41 -28.25
C ALA A 334 -28.76 27.65 -28.25
N THR A 335 -28.13 27.99 -27.12
CA THR A 335 -26.65 28.07 -27.04
C THR A 335 -25.96 26.72 -27.30
N LEU A 336 -26.56 25.64 -26.82
CA LEU A 336 -25.96 24.30 -27.10
C LEU A 336 -26.07 23.95 -28.60
N VAL A 337 -27.22 24.19 -29.19
CA VAL A 337 -27.43 24.01 -30.63
C VAL A 337 -26.27 24.72 -31.38
N GLU A 338 -25.92 25.92 -30.94
CA GLU A 338 -24.94 26.72 -31.68
C GLU A 338 -23.55 26.16 -31.50
N LEU A 339 -23.28 25.66 -30.29
CA LEU A 339 -22.04 25.01 -29.93
C LEU A 339 -21.79 23.73 -30.70
N ILE A 340 -22.85 22.95 -30.90
CA ILE A 340 -22.80 21.73 -31.74
C ILE A 340 -22.58 22.10 -33.22
N ASN A 341 -23.37 23.02 -33.73
CA ASN A 341 -23.27 23.42 -35.14
C ASN A 341 -21.93 24.01 -35.54
N ASN A 342 -21.30 24.79 -34.69
CA ASN A 342 -20.00 25.31 -35.05
C ASN A 342 -18.85 24.39 -34.65
N GLY A 343 -19.18 23.21 -34.11
CA GLY A 343 -18.20 22.18 -33.81
C GLY A 343 -17.39 22.29 -32.53
N THR A 344 -17.73 23.19 -31.61
CA THR A 344 -16.94 23.21 -30.34
C THR A 344 -17.45 22.11 -29.35
N VAL A 345 -18.69 21.63 -29.51
CA VAL A 345 -19.23 20.50 -28.72
C VAL A 345 -19.58 19.41 -29.73
N SER A 346 -18.94 18.25 -29.56
CA SER A 346 -19.29 17.01 -30.26
C SER A 346 -20.80 16.64 -30.19
N GLU A 347 -21.39 16.39 -31.35
CA GLU A 347 -22.77 15.92 -31.45
C GLU A 347 -23.05 14.49 -30.88
N ASP A 348 -22.13 13.55 -31.12
CA ASP A 348 -22.20 12.23 -30.51
C ASP A 348 -22.21 12.28 -28.99
N LEU A 349 -21.39 13.16 -28.41
CA LEU A 349 -21.42 13.39 -26.95
C LEU A 349 -22.84 13.70 -26.46
N VAL A 350 -23.51 14.60 -27.17
CA VAL A 350 -24.82 15.10 -26.76
C VAL A 350 -25.85 14.03 -26.97
N ARG A 351 -25.67 13.22 -28.01
CA ARG A 351 -26.59 12.11 -28.25
C ARG A 351 -26.57 11.12 -27.07
N ASP A 352 -25.40 10.92 -26.48
CA ASP A 352 -25.30 10.15 -25.23
C ASP A 352 -26.04 10.76 -24.03
N LYS A 353 -26.08 12.10 -23.91
CA LYS A 353 -26.97 12.79 -22.91
C LYS A 353 -28.44 12.39 -23.07
N ALA A 354 -28.90 12.60 -24.30
CA ALA A 354 -30.22 12.29 -24.67
C ALA A 354 -30.54 10.78 -24.45
N VAL A 355 -29.59 9.89 -24.76
CA VAL A 355 -29.84 8.45 -24.52
C VAL A 355 -30.12 8.13 -23.04
N ARG A 356 -29.27 8.62 -22.20
CA ARG A 356 -29.41 8.54 -20.74
C ARG A 356 -30.76 9.04 -20.23
N ILE A 357 -31.34 10.06 -20.88
CA ILE A 357 -32.59 10.63 -20.40
C ILE A 357 -33.68 9.72 -20.83
N LEU A 358 -33.60 9.23 -22.04
CA LEU A 358 -34.72 8.47 -22.57
C LEU A 358 -34.77 7.03 -21.99
N THR A 359 -33.62 6.51 -21.56
CA THR A 359 -33.53 5.13 -21.04
C THR A 359 -34.56 4.98 -19.90
N GLY A 360 -34.62 5.95 -19.00
CA GLY A 360 -35.56 5.89 -17.86
C GLY A 360 -37.00 5.93 -18.35
N TYR A 361 -37.29 6.76 -19.35
CA TYR A 361 -38.63 6.82 -19.93
C TYR A 361 -39.11 5.52 -20.41
N TYR A 362 -38.22 4.82 -21.14
CA TYR A 362 -38.57 3.56 -21.70
C TYR A 362 -38.51 2.46 -20.60
N TYR A 363 -37.60 2.55 -19.63
CA TYR A 363 -37.51 1.48 -18.66
C TYR A 363 -38.75 1.40 -17.76
N LEU A 364 -39.22 2.56 -17.35
CA LEU A 364 -40.44 2.66 -16.52
C LEU A 364 -41.73 2.51 -17.34
N GLY A 365 -41.65 2.34 -18.65
CA GLY A 365 -42.84 2.16 -19.46
C GLY A 365 -43.72 3.39 -19.47
N GLN A 366 -43.10 4.56 -19.51
CA GLN A 366 -43.88 5.85 -19.52
C GLN A 366 -44.46 6.19 -20.91
N ASP A 367 -44.07 5.42 -21.91
CA ASP A 367 -44.68 5.57 -23.27
C ASP A 367 -45.93 4.69 -23.43
N THR A 368 -45.88 3.47 -22.89
CA THR A 368 -47.04 2.58 -22.93
C THR A 368 -48.04 2.84 -21.81
N ASN A 369 -47.57 3.38 -20.71
CA ASN A 369 -48.45 3.76 -19.63
C ASN A 369 -48.06 5.18 -19.14
N PRO A 370 -48.44 6.24 -19.90
CA PRO A 370 -47.98 7.60 -19.55
C PRO A 370 -48.62 8.12 -18.26
N PRO A 371 -47.89 8.96 -17.50
CA PRO A 371 -48.58 9.51 -16.32
C PRO A 371 -49.76 10.37 -16.75
N PRO A 372 -50.76 10.53 -15.90
CA PRO A 372 -51.77 11.51 -16.20
C PRO A 372 -51.20 12.93 -16.23
N PRO A 373 -51.96 13.88 -16.74
CA PRO A 373 -51.41 15.25 -16.75
C PRO A 373 -51.13 15.86 -15.32
N PHE A 374 -50.05 16.60 -15.19
CA PHE A 374 -49.75 17.39 -13.99
C PHE A 374 -50.57 18.68 -13.97
N VAL A 375 -51.30 18.95 -12.87
CA VAL A 375 -52.36 19.94 -12.94
C VAL A 375 -52.18 21.16 -12.01
N TYR A 376 -51.14 21.19 -11.21
CA TYR A 376 -50.93 22.22 -10.25
C TYR A 376 -49.81 23.16 -10.67
N ASN A 377 -50.06 24.46 -10.50
CA ASN A 377 -48.97 25.43 -10.50
C ASN A 377 -48.11 25.37 -9.28
N THR A 378 -46.93 24.74 -9.39
CA THR A 378 -46.05 24.61 -8.23
C THR A 378 -44.92 25.57 -8.19
N ILE A 379 -44.86 26.48 -9.17
CA ILE A 379 -43.83 27.50 -9.26
C ILE A 379 -44.33 28.79 -8.58
N GLY A 380 -45.50 29.28 -8.97
CA GLY A 380 -46.28 30.33 -8.27
C GLY A 380 -46.23 31.67 -9.01
N ALA A 381 -47.32 32.42 -8.95
CA ALA A 381 -47.34 33.78 -9.50
C ALA A 381 -46.56 34.73 -8.61
N PRO A 382 -45.88 35.76 -9.14
CA PRO A 382 -45.93 36.14 -10.58
C PRO A 382 -44.95 35.38 -11.51
N THR A 383 -44.21 34.40 -11.00
CA THR A 383 -43.14 33.79 -11.78
C THR A 383 -43.73 32.99 -12.92
N LEU A 384 -44.84 32.32 -12.61
CA LEU A 384 -45.70 31.61 -13.55
C LEU A 384 -47.16 31.90 -13.18
N ASN A 385 -47.85 32.52 -14.11
CA ASN A 385 -49.25 32.85 -14.01
C ASN A 385 -49.90 31.79 -14.82
N ALA A 386 -50.49 30.87 -14.14
CA ALA A 386 -51.17 29.73 -14.75
C ALA A 386 -51.99 29.22 -13.62
N THR A 387 -53.22 28.87 -13.92
CA THR A 387 -54.15 28.46 -12.94
C THR A 387 -53.86 26.98 -12.62
N SER A 388 -54.36 26.52 -11.49
CA SER A 388 -54.20 25.12 -11.07
C SER A 388 -55.53 24.42 -11.17
N GLY A 389 -55.53 23.12 -11.46
CA GLY A 389 -56.75 22.28 -11.32
C GLY A 389 -56.72 21.57 -9.97
N TYR A 390 -57.38 20.44 -9.91
CA TYR A 390 -57.45 19.67 -8.68
C TYR A 390 -57.48 18.16 -8.90
N ARG A 391 -56.63 17.46 -8.18
CA ARG A 391 -56.74 16.01 -8.14
C ARG A 391 -56.44 15.48 -6.77
N ASN A 392 -57.27 14.60 -6.28
CA ASN A 392 -57.01 13.91 -4.99
C ASN A 392 -56.37 12.57 -5.23
N VAL A 393 -55.16 12.36 -4.75
CA VAL A 393 -54.47 11.07 -4.96
C VAL A 393 -54.25 10.26 -3.69
N ARG A 394 -54.87 10.68 -2.61
CA ARG A 394 -54.67 10.02 -1.28
C ARG A 394 -55.42 8.71 -1.25
N LYS A 395 -54.69 7.61 -1.01
CA LYS A 395 -55.29 6.29 -1.14
C LYS A 395 -55.51 5.73 0.27
N PRO A 396 -56.49 4.82 0.43
CA PRO A 396 -56.66 4.10 1.71
C PRO A 396 -55.37 3.39 2.09
N GLY A 397 -54.97 3.62 3.32
CA GLY A 397 -53.81 3.02 3.92
C GLY A 397 -52.67 3.97 4.09
N THR A 398 -52.63 5.09 3.38
CA THR A 398 -51.46 5.99 3.48
C THR A 398 -51.42 6.68 4.83
N ALA A 399 -52.57 7.20 5.30
CA ALA A 399 -52.61 7.83 6.62
C ALA A 399 -52.12 6.85 7.73
N GLU A 400 -52.51 5.60 7.60
CA GLU A 400 -52.12 4.53 8.53
C GLU A 400 -50.62 4.23 8.50
N LEU A 401 -50.04 4.23 7.33
CA LEU A 401 -48.58 4.14 7.13
C LEU A 401 -47.80 5.32 7.72
N ILE A 402 -48.29 6.55 7.54
CA ILE A 402 -47.67 7.71 8.04
C ILE A 402 -47.68 7.68 9.58
N LYS A 403 -48.80 7.27 10.15
CA LYS A 403 -48.93 7.08 11.59
C LYS A 403 -47.94 6.03 12.14
N GLU A 404 -47.89 4.92 11.46
CA GLU A 404 -46.97 3.82 11.83
C GLU A 404 -45.52 4.26 11.78
N ILE A 405 -45.12 5.12 10.81
CA ILE A 405 -43.72 5.58 10.83
C ILE A 405 -43.47 6.45 12.03
N GLY A 406 -44.41 7.31 12.43
CA GLY A 406 -44.24 8.17 13.59
C GLY A 406 -44.09 7.33 14.87
N SER A 407 -44.98 6.36 15.04
CA SER A 407 -45.02 5.47 16.20
C SER A 407 -43.77 4.67 16.31
N ALA A 408 -43.22 4.28 15.17
CA ALA A 408 -41.97 3.47 15.13
C ALA A 408 -40.66 4.29 15.23
N SER A 409 -40.73 5.62 15.09
CA SER A 409 -39.58 6.49 15.07
C SER A 409 -39.38 7.26 16.37
N VAL A 410 -40.45 7.63 17.05
CA VAL A 410 -40.28 8.47 18.23
C VAL A 410 -39.35 7.84 19.24
N THR A 411 -38.39 8.60 19.73
CA THR A 411 -37.24 8.03 20.37
C THR A 411 -37.20 8.59 21.76
N LEU A 412 -37.20 7.70 22.71
CA LEU A 412 -37.20 8.03 24.12
C LEU A 412 -35.76 8.18 24.64
N LEU A 413 -35.42 9.35 25.07
CA LEU A 413 -34.08 9.68 25.44
C LEU A 413 -33.87 9.58 26.91
N LYS A 414 -34.91 9.83 27.68
CA LYS A 414 -34.87 9.83 29.13
C LYS A 414 -36.24 9.43 29.70
N ASN A 415 -36.24 8.58 30.74
CA ASN A 415 -37.45 8.26 31.41
C ASN A 415 -37.16 7.78 32.83
N THR A 416 -37.47 8.63 33.78
CA THR A 416 -37.23 8.28 35.18
C THR A 416 -38.40 7.57 35.87
N GLY A 417 -39.44 7.25 35.11
CA GLY A 417 -40.54 6.44 35.59
C GLY A 417 -41.90 7.05 35.28
N SER A 418 -41.95 8.25 34.71
CA SER A 418 -43.23 8.82 34.37
C SER A 418 -43.98 8.18 33.17
N LEU A 419 -43.29 7.49 32.27
CA LEU A 419 -43.86 6.84 31.11
C LEU A 419 -43.77 5.32 31.22
N PRO A 420 -44.73 4.56 30.73
CA PRO A 420 -45.93 5.06 30.10
C PRO A 420 -46.89 5.69 31.06
N LEU A 421 -47.70 6.65 30.61
CA LEU A 421 -48.81 7.16 31.42
C LEU A 421 -49.80 6.03 31.72
N LYS A 422 -50.40 6.09 32.90
CA LYS A 422 -51.52 5.23 33.20
C LYS A 422 -52.82 5.92 32.79
N HIS A 423 -53.47 6.67 33.71
CA HIS A 423 -54.74 7.38 33.43
C HIS A 423 -54.77 8.71 34.15
N PRO A 424 -53.80 9.64 33.87
CA PRO A 424 -53.74 10.89 34.60
C PRO A 424 -55.01 11.71 34.45
N GLN A 425 -55.40 12.42 35.53
CA GLN A 425 -56.70 13.10 35.62
C GLN A 425 -56.62 14.62 35.29
N ARG A 426 -55.45 15.22 35.48
CA ARG A 426 -55.27 16.64 35.27
C ARG A 426 -54.00 16.79 34.42
N ILE A 427 -54.16 17.16 33.13
CA ILE A 427 -53.06 17.26 32.17
C ILE A 427 -52.87 18.70 31.70
N ALA A 428 -51.61 19.15 31.72
CA ALA A 428 -51.23 20.46 31.22
C ALA A 428 -50.34 20.24 30.00
N VAL A 429 -50.47 21.13 29.03
CA VAL A 429 -49.76 21.07 27.80
C VAL A 429 -49.27 22.50 27.50
N LEU A 430 -47.97 22.63 27.19
CA LEU A 430 -47.36 23.85 26.85
C LEU A 430 -46.69 23.83 25.46
N GLY A 431 -46.89 24.91 24.75
CA GLY A 431 -46.09 25.20 23.61
C GLY A 431 -46.93 25.30 22.39
N ASN A 432 -46.60 26.27 21.53
CA ASN A 432 -47.31 26.35 20.23
C ASN A 432 -47.12 25.11 19.31
N ASP A 433 -46.01 24.41 19.49
CA ASP A 433 -45.79 23.14 18.80
C ASP A 433 -46.95 22.10 19.01
N ALA A 434 -47.75 22.29 20.07
CA ALA A 434 -48.86 21.39 20.37
C ALA A 434 -50.07 21.58 19.49
N THR A 435 -50.18 22.67 18.75
CA THR A 435 -51.41 22.90 17.97
C THR A 435 -51.07 23.36 16.55
N TYR A 436 -52.06 23.92 15.90
CA TYR A 436 -51.91 24.39 14.53
C TYR A 436 -51.12 25.68 14.37
N ASN A 437 -50.52 25.81 13.21
CA ASN A 437 -50.12 27.12 12.69
C ASN A 437 -51.30 28.03 12.70
N VAL A 438 -51.16 29.16 13.37
CA VAL A 438 -52.28 30.09 13.55
C VAL A 438 -52.76 30.66 12.22
N LEU A 439 -51.94 30.55 11.16
CA LEU A 439 -52.35 30.99 9.81
C LEU A 439 -52.74 29.86 8.92
N GLY A 440 -52.71 28.61 9.41
CA GLY A 440 -53.15 27.45 8.62
C GLY A 440 -51.97 26.56 8.28
N PRO A 441 -52.20 25.23 8.18
CA PRO A 441 -51.11 24.29 7.95
C PRO A 441 -50.20 24.65 6.77
N ASN A 442 -50.73 25.32 5.76
CA ASN A 442 -49.96 25.53 4.53
C ASN A 442 -49.65 27.02 4.34
N ALA A 443 -49.90 27.83 5.38
CA ALA A 443 -49.67 29.32 5.27
C ALA A 443 -48.28 29.67 4.84
N CYS A 444 -47.32 28.82 5.12
CA CYS A 444 -45.92 29.17 4.87
C CYS A 444 -45.55 29.03 3.39
N GLY A 445 -46.48 28.53 2.55
CA GLY A 445 -46.37 28.56 1.10
C GLY A 445 -45.84 27.27 0.49
N LEU A 446 -45.52 27.39 -0.79
CA LEU A 446 -45.07 26.22 -1.62
C LEU A 446 -43.81 25.52 -1.11
N ALA A 447 -42.98 26.18 -0.32
CA ALA A 447 -41.73 25.61 0.28
C ALA A 447 -41.64 25.66 1.79
N ASN A 448 -42.78 25.87 2.41
CA ASN A 448 -42.86 25.96 3.85
C ASN A 448 -41.84 26.89 4.46
N SER A 449 -41.67 28.10 3.89
CA SER A 449 -40.59 28.93 4.33
C SER A 449 -40.86 30.46 4.22
N ALA A 450 -42.13 30.84 4.02
CA ALA A 450 -42.47 32.21 3.76
C ALA A 450 -43.21 32.86 4.92
N CYS A 451 -43.42 32.20 6.05
CA CYS A 451 -44.09 32.85 7.17
C CYS A 451 -43.10 33.74 7.79
N ASP A 452 -43.63 34.69 8.55
CA ASP A 452 -42.86 35.67 9.27
C ASP A 452 -41.99 35.00 10.34
N ILE A 453 -40.76 35.50 10.53
CA ILE A 453 -39.81 34.99 11.55
C ILE A 453 -40.40 34.69 12.93
N ASP A 454 -41.38 35.47 13.36
CA ASP A 454 -42.02 35.26 14.66
C ASP A 454 -43.32 34.47 14.62
N ASN A 455 -43.75 33.96 13.45
CA ASN A 455 -45.04 33.30 13.36
C ASN A 455 -45.06 32.04 14.25
N LEU A 456 -46.19 31.81 14.91
CA LEU A 456 -46.43 30.53 15.66
C LEU A 456 -46.88 29.57 14.60
N ASN A 457 -45.92 28.77 14.12
CA ASN A 457 -46.12 27.88 13.00
C ASN A 457 -46.73 26.56 13.42
N GLY A 458 -46.99 26.39 14.71
CA GLY A 458 -47.53 25.19 15.21
C GLY A 458 -46.61 23.99 15.06
N THR A 459 -47.19 22.80 15.01
CA THR A 459 -46.41 21.56 15.11
C THR A 459 -45.44 21.47 13.96
N LEU A 460 -44.16 21.34 14.23
CA LEU A 460 -43.16 21.13 13.17
C LEU A 460 -43.25 19.73 12.55
N THR A 461 -44.02 19.60 11.46
CA THR A 461 -44.24 18.29 10.81
C THR A 461 -43.26 18.02 9.60
N THR A 462 -42.67 19.09 9.07
CA THR A 462 -41.67 18.99 8.02
C THR A 462 -40.84 20.26 8.08
N GLY A 463 -39.64 20.25 7.50
CA GLY A 463 -38.76 21.40 7.51
C GLY A 463 -39.05 22.34 6.33
N GLY A 464 -38.17 23.33 6.18
CA GLY A 464 -38.39 24.33 5.09
C GLY A 464 -37.59 23.98 3.83
N GLY A 465 -38.12 24.33 2.68
CA GLY A 465 -37.33 24.29 1.47
C GLY A 465 -38.01 23.48 0.42
N SER A 466 -37.23 23.15 -0.60
CA SER A 466 -37.68 22.30 -1.71
C SER A 466 -38.12 20.82 -1.32
N GLY A 467 -37.72 20.36 -0.16
CA GLY A 467 -38.10 19.01 0.32
C GLY A 467 -39.28 18.96 1.33
N SER A 468 -40.04 20.02 1.45
CA SER A 468 -41.23 20.08 2.24
C SER A 468 -42.40 19.67 1.30
N ALA A 469 -43.63 19.78 1.78
CA ALA A 469 -44.78 19.39 0.99
C ALA A 469 -45.98 19.94 1.71
N LEU A 470 -47.06 20.12 0.98
CA LEU A 470 -48.29 20.60 1.64
C LEU A 470 -49.01 19.49 2.46
N SER A 471 -49.90 19.88 3.39
CA SER A 471 -50.61 18.90 4.29
C SER A 471 -52.11 19.05 4.08
N PRO A 472 -52.88 17.95 3.98
CA PRO A 472 -54.35 18.09 3.96
C PRO A 472 -54.94 18.44 5.32
N TYR A 473 -54.19 18.21 6.38
CA TYR A 473 -54.63 18.57 7.74
C TYR A 473 -53.43 18.30 8.64
N THR A 474 -53.54 18.74 9.89
CA THR A 474 -52.54 18.29 10.89
C THR A 474 -53.25 17.69 12.09
N ILE A 475 -52.86 16.47 12.46
CA ILE A 475 -53.37 15.88 13.68
C ILE A 475 -52.39 16.39 14.72
N THR A 476 -52.87 17.34 15.48
CA THR A 476 -52.01 18.05 16.44
C THR A 476 -51.84 17.17 17.67
N PRO A 477 -50.73 17.32 18.42
CA PRO A 477 -50.54 16.64 19.70
C PRO A 477 -51.63 16.99 20.67
N LEU A 478 -52.05 18.27 20.69
CA LEU A 478 -53.11 18.64 21.63
C LEU A 478 -54.44 17.88 21.34
N GLU A 479 -54.86 17.78 20.09
CA GLU A 479 -56.07 17.06 19.74
C GLU A 479 -55.98 15.57 20.17
N ALA A 480 -54.85 14.93 19.93
CA ALA A 480 -54.72 13.54 20.28
C ALA A 480 -54.63 13.33 21.81
N LEU A 481 -54.01 14.24 22.54
CA LEU A 481 -53.97 14.18 24.00
C LEU A 481 -55.37 14.38 24.56
N GLN A 482 -56.13 15.30 23.97
CA GLN A 482 -57.49 15.54 24.44
C GLN A 482 -58.44 14.33 24.25
N LYS A 483 -58.31 13.66 23.13
CA LYS A 483 -59.11 12.53 22.84
C LYS A 483 -58.92 11.44 23.92
N ARG A 484 -57.66 11.19 24.28
CA ARG A 484 -57.32 10.28 25.35
C ARG A 484 -57.73 10.72 26.76
N ALA A 485 -57.56 11.98 27.05
CA ALA A 485 -58.04 12.57 28.30
C ALA A 485 -59.55 12.34 28.44
N ILE A 486 -60.30 12.54 27.38
CA ILE A 486 -61.74 12.45 27.44
C ILE A 486 -62.13 10.94 27.72
N GLU A 487 -61.44 9.98 27.13
CA GLU A 487 -61.63 8.55 27.49
C GLU A 487 -61.45 8.27 28.96
N ASP A 488 -60.59 9.00 29.67
CA ASP A 488 -60.28 8.71 31.06
C ASP A 488 -61.06 9.58 31.98
N ASN A 489 -62.04 10.29 31.44
CA ASN A 489 -62.78 11.29 32.15
C ASN A 489 -61.91 12.41 32.75
N ALA A 490 -60.82 12.77 32.10
CA ALA A 490 -59.85 13.74 32.67
C ALA A 490 -60.09 15.17 32.17
N GLU A 491 -59.33 16.11 32.71
CA GLU A 491 -59.30 17.50 32.22
C GLU A 491 -57.92 17.77 31.61
N ILE A 492 -57.85 18.68 30.64
CA ILE A 492 -56.66 18.96 29.91
C ILE A 492 -56.77 20.42 29.43
N ALA A 493 -55.69 21.15 29.61
CA ALA A 493 -55.61 22.54 29.24
C ALA A 493 -54.24 22.78 28.65
N ALA A 494 -54.21 23.66 27.65
CA ALA A 494 -53.04 23.87 26.85
C ALA A 494 -52.76 25.37 26.82
N VAL A 495 -51.51 25.77 27.10
CA VAL A 495 -51.04 27.13 26.87
C VAL A 495 -50.13 27.14 25.63
N VAL A 496 -50.70 27.57 24.53
CA VAL A 496 -50.05 27.50 23.22
C VAL A 496 -49.61 28.84 22.66
N ALA A 497 -49.76 29.90 23.44
CA ALA A 497 -49.31 31.20 22.94
C ALA A 497 -47.77 31.34 23.11
N ASN A 498 -47.23 32.45 22.64
CA ASN A 498 -45.82 32.75 22.89
C ASN A 498 -45.70 33.25 24.33
N SER A 499 -45.07 32.46 25.17
CA SER A 499 -44.99 32.69 26.59
C SER A 499 -44.18 33.96 26.98
N ASN A 500 -43.29 34.44 26.11
CA ASN A 500 -42.52 35.66 26.38
C ASN A 500 -43.27 36.89 25.88
N THR A 501 -44.04 36.78 24.79
CA THR A 501 -44.64 37.94 24.14
C THR A 501 -46.14 38.17 24.34
N THR A 502 -46.90 37.23 24.86
CA THR A 502 -48.35 37.49 24.89
C THR A 502 -48.74 37.80 26.32
N THR A 503 -49.44 38.93 26.50
CA THR A 503 -49.96 39.34 27.79
C THR A 503 -50.66 38.19 28.53
N GLY A 504 -50.19 37.94 29.77
CA GLY A 504 -50.77 36.93 30.65
C GLY A 504 -50.30 35.48 30.49
N ALA A 505 -49.53 35.15 29.46
CA ALA A 505 -49.15 33.74 29.28
C ALA A 505 -48.33 33.21 30.44
N GLU A 506 -47.40 34.02 30.95
CA GLU A 506 -46.60 33.53 32.05
C GLU A 506 -47.44 33.24 33.28
N ASP A 507 -48.38 34.12 33.58
CA ASP A 507 -49.23 33.96 34.77
C ASP A 507 -50.19 32.77 34.61
N ALA A 508 -50.65 32.57 33.38
CA ALA A 508 -51.47 31.40 33.05
C ALA A 508 -50.76 30.07 33.31
N ILE A 509 -49.51 29.99 32.88
CA ILE A 509 -48.71 28.84 33.04
C ILE A 509 -48.49 28.58 34.54
N ALA A 510 -48.14 29.63 35.25
CA ALA A 510 -47.94 29.56 36.71
C ALA A 510 -49.19 29.07 37.47
N ALA A 511 -50.37 29.42 37.00
CA ALA A 511 -51.60 29.00 37.65
C ALA A 511 -52.01 27.61 37.22
N LEU A 512 -51.60 27.16 36.03
CA LEU A 512 -52.06 25.88 35.52
C LEU A 512 -51.25 24.70 36.00
N LEU A 513 -49.91 24.89 36.04
CA LEU A 513 -49.05 23.74 36.15
C LEU A 513 -48.96 23.07 37.55
N PRO A 514 -49.05 23.86 38.64
CA PRO A 514 -48.84 23.21 39.96
C PRO A 514 -49.79 22.08 40.27
N ASP A 515 -51.02 22.12 39.75
CA ASP A 515 -51.99 21.07 40.04
C ASP A 515 -52.09 20.01 39.00
N ALA A 516 -51.37 20.13 37.88
CA ALA A 516 -51.35 19.09 36.86
C ALA A 516 -50.67 17.84 37.40
N ASP A 517 -51.20 16.68 37.04
CA ASP A 517 -50.54 15.39 37.25
C ASP A 517 -49.33 15.24 36.27
N VAL A 518 -49.44 15.78 35.07
CA VAL A 518 -48.34 15.69 34.12
C VAL A 518 -48.43 16.92 33.26
N THR A 519 -47.25 17.47 32.95
CA THR A 519 -47.11 18.58 32.06
C THR A 519 -46.35 18.10 30.85
N PHE A 520 -46.95 18.29 29.68
CA PHE A 520 -46.28 18.03 28.45
C PHE A 520 -45.76 19.33 27.92
N VAL A 521 -44.51 19.34 27.58
CA VAL A 521 -43.94 20.51 26.90
C VAL A 521 -43.52 20.16 25.48
N PHE A 522 -44.05 20.90 24.51
CA PHE A 522 -43.80 20.64 23.11
C PHE A 522 -42.90 21.71 22.57
N LEU A 523 -41.73 21.29 22.06
CA LEU A 523 -40.64 22.10 21.62
C LEU A 523 -40.38 21.87 20.13
N ASN A 524 -39.98 22.93 19.42
CA ASN A 524 -39.50 22.71 18.13
C ASN A 524 -38.26 23.50 17.70
N ARG A 525 -37.71 23.07 16.56
CA ARG A 525 -36.63 23.78 15.97
C ARG A 525 -36.68 23.65 14.45
N TYR A 526 -37.14 24.73 13.84
CA TYR A 526 -37.34 24.79 12.38
C TYR A 526 -35.98 25.08 11.76
N SER A 527 -35.71 24.40 10.65
CA SER A 527 -34.60 24.83 9.77
C SER A 527 -34.99 24.66 8.32
N GLU A 528 -34.15 25.16 7.42
CA GLU A 528 -34.52 25.21 6.04
C GLU A 528 -33.30 25.18 5.18
N GLU A 529 -33.56 24.76 3.95
CA GLU A 529 -32.63 24.83 2.82
C GLU A 529 -32.13 26.29 2.74
N GLY A 530 -30.85 26.47 2.39
CA GLY A 530 -30.27 27.77 2.12
C GLY A 530 -29.64 28.43 3.30
N ALA A 531 -29.78 27.82 4.48
CA ALA A 531 -29.14 28.35 5.66
C ALA A 531 -28.81 27.21 6.58
N ASP A 532 -27.71 27.36 7.28
CA ASP A 532 -27.40 26.44 8.34
C ASP A 532 -27.93 27.04 9.64
N ALA A 533 -28.12 26.21 10.66
CA ALA A 533 -28.53 26.74 11.94
C ALA A 533 -27.30 27.45 12.52
N PRO A 534 -27.50 28.60 13.17
CA PRO A 534 -26.32 29.24 13.80
C PRO A 534 -25.77 28.48 15.04
N ASP A 535 -26.61 27.65 15.67
CA ASP A 535 -26.26 26.94 16.92
C ASP A 535 -27.36 25.92 17.21
N PHE A 536 -27.27 25.25 18.37
CA PHE A 536 -28.30 24.27 18.77
C PHE A 536 -29.55 24.78 19.52
N SER A 537 -29.69 26.07 19.64
CA SER A 537 -30.74 26.59 20.46
C SER A 537 -32.18 26.28 19.90
N LEU A 538 -33.07 26.04 20.83
CA LEU A 538 -34.47 25.76 20.48
C LEU A 538 -35.14 26.91 19.73
N GLY A 539 -36.08 26.57 18.86
CA GLY A 539 -36.84 27.54 18.19
C GLY A 539 -37.80 28.27 19.08
N GLY A 540 -38.15 29.45 18.61
CA GLY A 540 -39.20 30.29 19.22
C GLY A 540 -38.96 30.55 20.69
N ASP A 541 -40.02 30.39 21.50
CA ASP A 541 -39.97 30.57 22.95
C ASP A 541 -39.56 29.33 23.75
N GLY A 542 -38.95 28.34 23.10
CA GLY A 542 -38.70 27.06 23.80
C GLY A 542 -37.87 27.08 25.09
N ASP A 543 -36.83 27.90 25.11
CA ASP A 543 -35.98 27.98 26.31
C ASP A 543 -36.81 28.52 27.47
N ASN A 544 -37.51 29.61 27.23
CA ASN A 544 -38.32 30.21 28.28
C ASN A 544 -39.49 29.24 28.69
N LEU A 545 -40.09 28.55 27.74
CA LEU A 545 -41.07 27.51 28.10
C LEU A 545 -40.50 26.53 29.12
N MET A 546 -39.28 26.06 28.89
CA MET A 546 -38.67 25.05 29.75
C MET A 546 -38.31 25.60 31.11
N ASP A 547 -37.77 26.80 31.14
CA ASP A 547 -37.50 27.47 32.43
C ASP A 547 -38.82 27.50 33.25
N LEU A 548 -39.95 27.90 32.63
CA LEU A 548 -41.24 27.95 33.32
C LEU A 548 -41.71 26.57 33.78
N ALA A 549 -41.57 25.57 32.90
CA ALA A 549 -42.17 24.29 33.22
C ALA A 549 -41.57 23.64 34.42
N VAL A 550 -40.24 23.70 34.53
CA VAL A 550 -39.57 23.05 35.62
C VAL A 550 -39.68 23.87 36.94
N THR A 551 -39.95 25.17 36.83
CA THR A 551 -40.31 25.96 38.01
C THR A 551 -41.63 25.58 38.64
N TYR A 552 -42.65 25.26 37.82
CA TYR A 552 -43.99 25.02 38.38
C TYR A 552 -44.47 23.58 38.36
N SER A 553 -43.68 22.65 37.83
CA SER A 553 -44.10 21.25 37.81
C SER A 553 -42.94 20.32 38.06
N SER A 554 -43.19 19.24 38.79
CA SER A 554 -42.19 18.21 38.97
C SER A 554 -42.49 16.94 38.15
N ASN A 555 -43.35 17.04 37.12
CA ASN A 555 -43.53 15.92 36.18
C ASN A 555 -43.68 16.47 34.78
N VAL A 556 -42.55 16.86 34.22
CA VAL A 556 -42.51 17.47 32.91
C VAL A 556 -42.02 16.45 31.91
N VAL A 557 -42.83 16.19 30.89
CA VAL A 557 -42.50 15.27 29.80
C VAL A 557 -42.33 16.11 28.56
N VAL A 558 -41.14 16.06 27.94
CA VAL A 558 -40.71 17.02 26.87
C VAL A 558 -40.80 16.27 25.55
N VAL A 559 -41.45 16.84 24.56
CA VAL A 559 -41.50 16.21 23.27
C VAL A 559 -40.97 17.17 22.27
N ILE A 560 -39.95 16.72 21.56
CA ILE A 560 -39.26 17.58 20.60
C ILE A 560 -39.53 17.23 19.15
N HIS A 561 -39.98 18.22 18.35
CA HIS A 561 -40.16 18.05 16.90
C HIS A 561 -39.06 18.92 16.27
N THR A 562 -38.20 18.33 15.44
CA THR A 562 -36.99 19.05 15.13
C THR A 562 -36.38 18.51 13.86
N THR A 563 -35.64 19.38 13.16
CA THR A 563 -34.80 18.99 12.04
C THR A 563 -33.45 18.42 12.40
N GLY A 564 -33.09 18.41 13.68
CA GLY A 564 -31.75 18.04 14.06
C GLY A 564 -31.51 18.23 15.53
N VAL A 565 -30.26 18.02 15.91
CA VAL A 565 -29.86 18.10 17.31
C VAL A 565 -30.16 19.50 17.85
N VAL A 566 -30.64 19.54 19.11
CA VAL A 566 -30.85 20.82 19.81
C VAL A 566 -30.25 20.82 21.22
N ASP A 567 -30.19 22.03 21.77
CA ASP A 567 -29.50 22.21 23.04
C ASP A 567 -30.53 22.12 24.15
N ILE A 568 -30.42 21.08 24.95
CA ILE A 568 -31.29 20.91 26.11
C ILE A 568 -30.48 20.77 27.36
N GLU A 569 -29.24 21.28 27.35
CA GLU A 569 -28.35 21.12 28.48
C GLU A 569 -28.88 21.72 29.77
N LYS A 570 -29.49 22.87 29.69
CA LYS A 570 -30.03 23.54 30.87
C LYS A 570 -31.09 22.72 31.67
N TRP A 571 -31.76 21.74 31.02
CA TRP A 571 -32.86 20.99 31.62
C TRP A 571 -32.73 19.48 31.55
N ALA A 572 -31.90 18.91 30.67
CA ALA A 572 -31.88 17.46 30.55
C ALA A 572 -31.63 16.68 31.86
N ASP A 573 -30.85 17.25 32.79
CA ASP A 573 -30.54 16.62 34.09
C ASP A 573 -31.34 17.13 35.32
N ASN A 574 -32.27 18.05 35.09
CA ASN A 574 -33.25 18.47 36.07
C ASN A 574 -34.21 17.31 36.40
N PRO A 575 -34.37 17.01 37.69
CA PRO A 575 -35.26 15.88 38.00
C PRO A 575 -36.72 16.20 37.76
N ASN A 576 -37.09 17.46 37.60
CA ASN A 576 -38.44 17.84 37.22
C ASN A 576 -38.80 17.44 35.81
N VAL A 577 -37.81 17.24 34.95
CA VAL A 577 -38.02 16.70 33.67
C VAL A 577 -37.90 15.18 33.79
N THR A 578 -39.03 14.51 33.81
CA THR A 578 -39.09 13.08 34.03
C THR A 578 -38.98 12.25 32.72
N ALA A 579 -39.24 12.85 31.56
CA ALA A 579 -39.06 12.14 30.31
C ALA A 579 -38.78 13.10 29.20
N ILE A 580 -38.00 12.65 28.25
CA ILE A 580 -37.69 13.42 27.01
C ILE A 580 -37.81 12.48 25.85
N LEU A 581 -38.53 12.91 24.80
CA LEU A 581 -38.69 12.17 23.55
C LEU A 581 -38.38 13.11 22.39
N VAL A 582 -37.85 12.55 21.32
CA VAL A 582 -37.64 13.24 20.09
C VAL A 582 -38.49 12.56 19.02
N ALA A 583 -39.35 13.36 18.37
CA ALA A 583 -40.29 12.86 17.35
C ALA A 583 -39.99 13.32 15.94
N TYR A 584 -38.89 14.04 15.77
CA TYR A 584 -38.35 14.36 14.45
C TYR A 584 -39.42 15.14 13.65
N LEU A 585 -39.71 14.72 12.41
CA LEU A 585 -40.67 15.44 11.54
C LEU A 585 -41.73 14.43 11.09
N PRO A 586 -42.86 14.40 11.80
CA PRO A 586 -43.71 13.21 11.61
C PRO A 586 -44.72 13.37 10.54
N GLY A 587 -44.71 14.45 9.76
CA GLY A 587 -45.74 14.54 8.77
C GLY A 587 -47.12 14.79 9.38
N GLN A 588 -48.12 14.49 8.61
CA GLN A 588 -49.50 14.90 8.96
C GLN A 588 -50.06 14.23 10.20
N GLU A 589 -49.53 13.07 10.55
CA GLU A 589 -50.09 12.35 11.66
C GLU A 589 -49.26 12.50 12.92
N ALA A 590 -49.01 13.71 13.32
CA ALA A 590 -48.08 13.96 14.42
C ALA A 590 -48.64 13.53 15.76
N GLY A 591 -49.85 13.95 16.06
CA GLY A 591 -50.43 13.67 17.37
C GLY A 591 -50.82 12.21 17.57
N ASN A 592 -51.45 11.58 16.56
CA ASN A 592 -51.95 10.26 16.73
C ASN A 592 -50.83 9.21 16.72
N SER A 593 -49.67 9.52 16.11
CA SER A 593 -48.51 8.59 16.17
C SER A 593 -47.83 8.61 17.55
N LEU A 594 -47.84 9.80 18.17
CA LEU A 594 -47.19 10.00 19.45
C LEU A 594 -47.95 9.52 20.69
N VAL A 595 -49.21 9.86 20.76
CA VAL A 595 -50.00 9.53 21.97
C VAL A 595 -50.12 8.04 22.38
N PRO A 596 -50.27 7.10 21.43
CA PRO A 596 -50.27 5.69 21.79
C PRO A 596 -48.97 5.25 22.44
N VAL A 597 -47.84 5.82 22.00
CA VAL A 597 -46.53 5.53 22.64
C VAL A 597 -46.48 6.10 24.06
N LEU A 598 -46.93 7.32 24.22
CA LEU A 598 -46.87 8.01 25.55
C LEU A 598 -47.73 7.24 26.59
N TYR A 599 -48.89 6.75 26.16
CA TYR A 599 -49.81 6.00 27.02
C TYR A 599 -49.52 4.51 27.11
N GLY A 600 -48.46 4.04 26.40
CA GLY A 600 -48.05 2.65 26.48
C GLY A 600 -48.82 1.62 25.69
N ASP A 601 -49.67 2.07 24.74
CA ASP A 601 -50.28 1.15 23.78
C ASP A 601 -49.23 0.39 22.94
N VAL A 602 -48.14 1.06 22.62
CA VAL A 602 -46.95 0.40 22.05
C VAL A 602 -45.71 1.06 22.68
N ALA A 603 -44.66 0.29 22.94
CA ALA A 603 -43.46 0.87 23.48
C ALA A 603 -42.68 1.61 22.40
N PRO A 604 -41.96 2.69 22.79
CA PRO A 604 -41.05 3.38 21.88
C PRO A 604 -39.98 2.43 21.45
N SER A 605 -39.66 2.51 20.17
CA SER A 605 -38.66 1.65 19.54
C SER A 605 -37.70 2.39 18.65
N GLY A 606 -37.88 3.70 18.50
CA GLY A 606 -36.97 4.51 17.66
C GLY A 606 -35.66 4.64 18.30
N LYS A 607 -34.61 4.78 17.49
CA LYS A 607 -33.31 5.15 18.02
C LYS A 607 -32.65 6.24 17.20
N LEU A 608 -31.75 7.01 17.80
CA LEU A 608 -31.16 8.18 17.09
C LEU A 608 -30.37 7.77 15.86
N PRO A 609 -30.66 8.43 14.73
CA PRO A 609 -29.87 8.33 13.49
C PRO A 609 -28.63 9.21 13.43
N TRP A 610 -28.34 9.97 14.48
CA TRP A 610 -27.14 10.69 14.52
C TRP A 610 -26.73 10.87 15.97
N THR A 611 -25.57 11.46 16.22
CA THR A 611 -25.03 11.71 17.58
C THR A 611 -25.56 13.03 18.12
N TRP A 612 -26.00 12.99 19.39
CA TRP A 612 -26.41 14.16 20.23
C TRP A 612 -25.36 14.57 21.29
N GLY A 613 -24.39 15.33 20.83
CA GLY A 613 -23.31 15.81 21.68
C GLY A 613 -23.80 16.89 22.60
N LYS A 614 -23.11 17.03 23.73
CA LYS A 614 -23.43 18.09 24.71
C LYS A 614 -23.19 19.49 24.27
N SER A 615 -22.31 19.70 23.31
CA SER A 615 -22.06 21.01 22.78
C SER A 615 -21.68 20.93 21.34
N ILE A 616 -21.94 22.02 20.64
CA ILE A 616 -21.50 22.15 19.27
C ILE A 616 -19.98 22.01 19.13
N ASP A 617 -19.23 22.50 20.12
CA ASP A 617 -17.74 22.34 20.12
C ASP A 617 -17.26 20.87 20.05
N ASP A 618 -18.12 19.92 20.42
CA ASP A 618 -17.73 18.48 20.42
C ASP A 618 -17.73 17.80 19.05
N TYR A 619 -18.27 18.45 18.01
CA TYR A 619 -18.30 17.86 16.68
C TYR A 619 -17.03 18.20 15.85
N VAL A 620 -16.98 17.61 14.67
CA VAL A 620 -15.98 17.87 13.61
C VAL A 620 -15.77 19.36 13.51
N PRO A 621 -14.54 19.83 13.67
CA PRO A 621 -14.32 21.28 13.54
C PRO A 621 -14.51 21.81 12.12
N ASN A 622 -14.85 23.09 12.06
CA ASN A 622 -15.09 23.78 10.79
C ASN A 622 -16.21 23.17 9.99
N GLY A 623 -17.26 22.77 10.69
CA GLY A 623 -18.39 22.11 10.05
C GLY A 623 -19.10 23.06 9.12
N VAL A 624 -19.14 24.32 9.51
CA VAL A 624 -19.73 25.32 8.61
C VAL A 624 -18.71 26.42 8.46
N VAL A 625 -18.16 26.58 7.26
CA VAL A 625 -17.20 27.67 7.04
C VAL A 625 -17.99 28.96 6.65
N TYR A 626 -17.66 30.03 7.34
CA TYR A 626 -18.21 31.35 7.11
C TYR A 626 -17.07 32.21 6.68
N THR A 627 -17.06 32.65 5.41
CA THR A 627 -16.17 33.74 4.93
C THR A 627 -16.81 34.53 3.83
N ASP A 628 -16.29 35.72 3.63
CA ASP A 628 -16.61 36.53 2.45
C ASP A 628 -15.54 36.39 1.36
N ALA A 629 -14.52 35.55 1.55
CA ALA A 629 -13.52 35.27 0.48
C ALA A 629 -14.18 34.90 -0.84
N TYR A 630 -13.66 35.39 -1.97
CA TYR A 630 -14.30 35.08 -3.26
C TYR A 630 -14.40 33.54 -3.60
N SER A 631 -13.38 32.78 -3.18
CA SER A 631 -13.27 31.36 -3.39
C SER A 631 -13.23 30.68 -1.98
N PRO A 632 -14.39 30.47 -1.38
CA PRO A 632 -14.41 29.96 0.00
C PRO A 632 -14.06 28.42 0.01
N GLN A 633 -13.36 27.98 1.02
CA GLN A 633 -12.73 26.64 1.06
C GLN A 633 -13.23 25.88 2.27
N SER A 634 -13.55 24.60 2.09
CA SER A 634 -13.80 23.71 3.24
C SER A 634 -12.95 22.45 3.05
N ASN A 635 -11.87 22.40 3.81
CA ASN A 635 -10.90 21.28 3.79
C ASN A 635 -11.47 20.16 4.69
N PHE A 636 -11.85 19.04 4.09
CA PHE A 636 -12.38 17.82 4.82
C PHE A 636 -11.26 17.00 5.51
N THR A 637 -10.48 17.69 6.36
CA THR A 637 -9.27 17.16 7.00
C THR A 637 -9.63 15.99 7.96
N GLU A 638 -10.81 16.03 8.57
CA GLU A 638 -11.32 14.92 9.40
C GLU A 638 -11.38 13.56 8.67
N GLY A 639 -11.40 13.57 7.35
CA GLY A 639 -11.41 12.35 6.60
C GLY A 639 -12.72 11.62 6.87
N VAL A 640 -12.66 10.32 7.19
CA VAL A 640 -13.90 9.53 7.33
C VAL A 640 -14.58 9.81 8.68
N PHE A 641 -13.87 10.51 9.57
CA PHE A 641 -14.30 10.68 10.92
C PHE A 641 -15.35 11.80 11.10
N ILE A 642 -16.59 11.51 10.70
CA ILE A 642 -17.75 12.33 10.97
C ILE A 642 -18.75 11.63 11.93
N ASP A 643 -19.64 12.46 12.50
CA ASP A 643 -20.60 12.02 13.50
C ASP A 643 -19.95 11.09 14.53
N TYR A 644 -20.47 9.88 14.75
CA TYR A 644 -19.99 9.10 15.91
C TYR A 644 -18.54 8.70 15.73
N ARG A 645 -18.01 8.70 14.49
CA ARG A 645 -16.63 8.28 14.29
C ARG A 645 -15.68 9.31 14.89
N TRP A 646 -16.06 10.60 14.80
CA TRP A 646 -15.32 11.70 15.41
C TRP A 646 -15.35 11.55 16.92
N PHE A 647 -16.55 11.42 17.48
CA PHE A 647 -16.72 11.29 18.93
C PHE A 647 -15.90 10.09 19.48
N ASP A 648 -15.94 8.96 18.77
CA ASP A 648 -15.29 7.73 19.25
C ASP A 648 -13.78 7.89 19.16
N LYS A 649 -13.28 8.54 18.10
CA LYS A 649 -11.83 8.71 17.93
C LYS A 649 -11.25 9.76 18.89
N MET A 650 -11.99 10.81 19.21
CA MET A 650 -11.51 11.83 20.15
C MET A 650 -11.82 11.61 21.63
N GLY A 651 -12.52 10.51 21.95
CA GLY A 651 -12.84 10.23 23.34
C GLY A 651 -13.83 11.19 23.92
N ILE A 652 -14.82 11.59 23.12
CA ILE A 652 -15.86 12.52 23.55
C ILE A 652 -17.11 11.76 23.86
N THR A 653 -17.70 12.04 25.01
CA THR A 653 -18.91 11.35 25.39
C THR A 653 -20.06 12.20 24.95
N PRO A 654 -20.93 11.69 24.07
CA PRO A 654 -22.12 12.49 23.75
C PRO A 654 -23.11 12.38 24.87
N ARG A 655 -24.08 13.25 24.93
CA ARG A 655 -25.22 13.07 25.83
C ARG A 655 -26.00 11.83 25.39
N TYR A 656 -26.31 11.73 24.09
CA TYR A 656 -26.98 10.54 23.55
C TYR A 656 -26.25 10.10 22.31
N GLU A 657 -25.83 8.83 22.32
CA GLU A 657 -25.02 8.34 21.26
C GLU A 657 -25.81 7.95 20.04
N PHE A 658 -25.10 7.80 18.94
CA PHE A 658 -25.67 7.27 17.72
C PHE A 658 -26.23 5.87 18.01
N GLY A 659 -27.50 5.65 17.63
CA GLY A 659 -28.17 4.41 17.80
C GLY A 659 -28.73 4.19 19.20
N PHE A 660 -28.80 5.25 19.97
CA PHE A 660 -29.45 5.21 21.28
C PHE A 660 -30.96 5.43 21.24
N GLY A 661 -31.64 4.64 22.05
CA GLY A 661 -33.05 4.92 22.29
C GLY A 661 -33.55 3.99 23.38
N LEU A 662 -34.32 4.50 24.32
CA LEU A 662 -34.85 3.65 25.37
C LEU A 662 -36.16 2.96 24.91
N SER A 663 -36.58 1.91 25.66
CA SER A 663 -37.86 1.19 25.46
C SER A 663 -38.64 1.27 26.80
N TYR A 664 -39.82 0.68 26.90
CA TYR A 664 -40.44 0.53 28.21
C TYR A 664 -39.98 -0.80 28.85
N THR A 665 -39.07 -1.49 28.19
CA THR A 665 -38.50 -2.75 28.70
C THR A 665 -37.02 -2.78 28.43
N THR A 666 -36.35 -3.88 28.77
CA THR A 666 -34.93 -4.03 28.55
C THR A 666 -34.67 -5.30 27.84
N PHE A 667 -33.53 -5.33 27.13
CA PHE A 667 -33.13 -6.46 26.32
C PHE A 667 -31.75 -6.96 26.71
N THR A 668 -31.62 -8.27 26.72
CA THR A 668 -30.33 -8.92 26.95
C THR A 668 -29.87 -9.62 25.74
N TYR A 669 -28.60 -9.35 25.40
CA TYR A 669 -27.96 -9.89 24.23
C TYR A 669 -27.11 -11.11 24.62
N SER A 670 -27.11 -12.15 23.81
CA SER A 670 -26.26 -13.35 24.05
C SER A 670 -25.96 -14.13 22.78
N ASN A 671 -25.11 -15.15 22.92
CA ASN A 671 -24.81 -16.15 21.87
C ASN A 671 -24.45 -15.54 20.49
N LEU A 672 -23.40 -14.73 20.48
CA LEU A 672 -22.83 -14.21 19.21
C LEU A 672 -22.25 -15.33 18.31
N ILE A 673 -22.78 -15.58 17.11
CA ILE A 673 -22.24 -16.57 16.16
C ILE A 673 -21.77 -15.92 14.85
N VAL A 674 -20.53 -16.18 14.45
CA VAL A 674 -20.04 -15.80 13.12
C VAL A 674 -20.05 -17.04 12.22
N ASP A 675 -21.00 -17.06 11.30
CA ASP A 675 -21.20 -18.21 10.44
C ASP A 675 -20.45 -17.95 9.16
N HIS A 676 -19.24 -18.49 9.05
CA HIS A 676 -18.46 -18.35 7.83
C HIS A 676 -18.93 -19.16 6.68
N GLY A 677 -19.74 -20.15 6.95
CA GLY A 677 -20.33 -20.91 5.89
C GLY A 677 -21.51 -20.29 5.23
N ARG A 678 -22.13 -19.26 5.81
CA ARG A 678 -23.34 -18.68 5.24
C ARG A 678 -22.98 -17.49 4.30
N TRP A 679 -22.69 -17.81 3.05
CA TRP A 679 -22.24 -16.86 2.06
C TRP A 679 -23.13 -17.03 0.89
N ALA A 680 -23.09 -16.07 -0.05
CA ALA A 680 -23.96 -16.13 -1.18
C ALA A 680 -23.55 -15.09 -2.26
N LYS A 681 -23.89 -15.40 -3.49
CA LYS A 681 -23.60 -14.52 -4.59
C LYS A 681 -24.61 -13.39 -4.61
N ASP A 682 -24.11 -12.20 -4.91
CA ASP A 682 -24.93 -11.00 -5.17
C ASP A 682 -25.73 -11.28 -6.44
N TYR A 683 -27.04 -11.45 -6.36
CA TYR A 683 -27.88 -11.74 -7.58
C TYR A 683 -28.94 -10.70 -7.87
N SER A 684 -29.41 -10.04 -6.83
CA SER A 684 -30.67 -9.34 -6.87
C SER A 684 -30.55 -7.80 -7.15
N SER A 685 -29.35 -7.19 -7.18
CA SER A 685 -29.28 -5.73 -7.54
C SER A 685 -29.96 -5.47 -8.92
N VAL A 686 -30.44 -4.26 -9.13
CA VAL A 686 -31.06 -3.88 -10.39
C VAL A 686 -29.96 -3.48 -11.38
N MET A 687 -28.94 -2.78 -10.90
CA MET A 687 -27.81 -2.42 -11.69
C MET A 687 -26.55 -2.72 -10.99
N GLU A 688 -25.48 -2.83 -11.76
CA GLU A 688 -24.17 -3.10 -11.21
C GLU A 688 -23.19 -1.97 -11.35
N THR A 689 -22.33 -1.86 -10.35
CA THR A 689 -21.21 -0.99 -10.42
C THR A 689 -20.00 -1.66 -11.13
N ALA A 690 -18.93 -0.91 -11.30
CA ALA A 690 -17.69 -1.45 -11.80
C ALA A 690 -16.54 -1.07 -10.86
N GLU A 691 -16.84 -1.10 -9.57
CA GLU A 691 -15.90 -0.77 -8.54
C GLU A 691 -14.77 -1.82 -8.50
N PRO A 692 -13.50 -1.41 -8.72
CA PRO A 692 -12.44 -2.45 -8.76
C PRO A 692 -12.10 -3.01 -7.36
N PHE A 693 -11.90 -4.34 -7.23
CA PHE A 693 -11.55 -4.88 -5.95
C PHE A 693 -10.60 -6.02 -6.15
N ALA A 694 -9.72 -6.16 -5.18
CA ALA A 694 -8.54 -7.04 -5.36
C ALA A 694 -8.87 -8.52 -5.62
N GLU A 695 -10.03 -8.96 -5.19
CA GLU A 695 -10.38 -10.37 -5.20
C GLU A 695 -11.29 -10.68 -6.40
N TRP A 696 -11.36 -9.75 -7.37
CA TRP A 696 -12.23 -9.97 -8.51
C TRP A 696 -11.65 -11.13 -9.33
N ASP A 697 -12.49 -12.06 -9.72
CA ASP A 697 -12.12 -13.12 -10.68
C ASP A 697 -13.05 -12.91 -11.86
N GLY A 698 -13.60 -13.97 -12.44
CA GLY A 698 -14.58 -13.76 -13.49
C GLY A 698 -15.98 -13.41 -13.00
N THR A 699 -16.42 -14.07 -11.93
CA THR A 699 -17.84 -14.25 -11.64
C THR A 699 -18.14 -13.93 -10.17
N ASN A 700 -17.68 -12.78 -9.78
CA ASN A 700 -17.55 -12.41 -8.41
C ASN A 700 -18.16 -11.03 -8.18
N SER A 701 -18.34 -10.61 -6.92
CA SER A 701 -18.83 -9.22 -6.66
C SER A 701 -18.35 -8.64 -5.35
N LEU A 702 -18.21 -7.32 -5.32
CA LEU A 702 -17.90 -6.59 -4.10
C LEU A 702 -19.11 -6.65 -3.15
N TYR A 703 -20.27 -6.99 -3.68
CA TYR A 703 -21.50 -7.07 -2.87
C TYR A 703 -21.91 -8.52 -2.54
N ASP A 704 -21.04 -9.48 -2.82
CA ASP A 704 -21.32 -10.87 -2.41
C ASP A 704 -21.36 -10.91 -0.88
N VAL A 705 -22.23 -11.76 -0.31
CA VAL A 705 -22.27 -11.96 1.12
C VAL A 705 -21.20 -13.04 1.39
N ILE A 706 -20.25 -12.71 2.24
CA ILE A 706 -19.09 -13.58 2.49
C ILE A 706 -19.26 -14.37 3.81
N PHE A 707 -20.01 -13.81 4.77
CA PHE A 707 -20.40 -14.49 5.98
C PHE A 707 -21.58 -13.81 6.64
N THR A 708 -22.16 -14.43 7.66
CA THR A 708 -23.30 -13.86 8.35
C THR A 708 -22.99 -13.90 9.82
N VAL A 709 -23.49 -12.93 10.52
CA VAL A 709 -23.48 -13.00 11.95
C VAL A 709 -24.89 -13.04 12.59
N PHE A 710 -24.97 -13.74 13.70
CA PHE A 710 -26.19 -14.03 14.43
C PHE A 710 -25.98 -13.70 15.85
N ALA A 711 -27.03 -13.27 16.49
CA ALA A 711 -27.04 -13.08 17.89
C ALA A 711 -28.43 -13.24 18.41
N THR A 712 -28.55 -13.33 19.73
CA THR A 712 -29.80 -13.60 20.38
C THR A 712 -30.14 -12.44 21.28
N ILE A 713 -31.41 -12.03 21.27
CA ILE A 713 -31.92 -11.06 22.22
C ILE A 713 -33.06 -11.63 23.04
N THR A 714 -33.10 -11.22 24.30
CA THR A 714 -34.08 -11.73 25.24
C THR A 714 -34.75 -10.55 25.86
N ASN A 715 -36.07 -10.53 25.85
CA ASN A 715 -36.77 -9.48 26.58
C ASN A 715 -36.76 -9.80 28.06
N THR A 716 -36.07 -8.95 28.78
CA THR A 716 -35.64 -9.22 30.10
C THR A 716 -36.34 -8.25 31.07
N GLY A 717 -37.33 -7.48 30.61
CA GLY A 717 -38.15 -6.62 31.48
C GLY A 717 -39.55 -7.15 31.75
N ASN A 718 -40.49 -6.22 31.91
CA ASN A 718 -41.86 -6.49 32.32
C ASN A 718 -42.91 -6.17 31.26
N LEU A 719 -42.49 -5.77 30.06
CA LEU A 719 -43.40 -5.40 29.00
C LEU A 719 -42.84 -5.80 27.67
N THR A 720 -43.75 -6.07 26.74
CA THR A 720 -43.44 -6.35 25.34
C THR A 720 -42.80 -5.13 24.69
N GLY A 721 -41.88 -5.35 23.78
CA GLY A 721 -41.18 -4.23 23.13
C GLY A 721 -40.46 -4.67 21.88
N SER A 722 -40.21 -3.73 20.98
CA SER A 722 -39.38 -3.99 19.82
C SER A 722 -37.94 -3.54 20.13
N GLU A 723 -36.94 -4.17 19.53
CA GLU A 723 -35.56 -3.77 19.70
C GLU A 723 -34.81 -3.63 18.38
N VAL A 724 -34.06 -2.56 18.23
CA VAL A 724 -33.15 -2.45 17.06
C VAL A 724 -31.82 -2.94 17.54
N ALA A 725 -31.42 -4.09 17.04
CA ALA A 725 -30.03 -4.55 17.22
C ALA A 725 -29.12 -3.95 16.14
N GLN A 726 -27.93 -3.61 16.55
CA GLN A 726 -26.89 -3.06 15.71
C GLN A 726 -25.58 -3.88 15.78
N LEU A 727 -24.89 -3.90 14.64
CA LEU A 727 -23.57 -4.56 14.46
C LEU A 727 -22.58 -3.51 14.01
N TYR A 728 -21.44 -3.46 14.71
CA TYR A 728 -20.30 -2.67 14.40
C TYR A 728 -19.10 -3.57 14.09
N ILE A 729 -18.25 -3.09 13.20
CA ILE A 729 -16.99 -3.81 12.82
C ILE A 729 -15.84 -2.82 12.93
N SER A 730 -14.75 -3.26 13.56
CA SER A 730 -13.50 -2.50 13.63
C SER A 730 -12.60 -3.15 12.57
N ILE A 731 -12.44 -2.45 11.43
CA ILE A 731 -11.61 -2.87 10.28
C ILE A 731 -10.19 -2.48 10.66
N PRO A 732 -9.23 -3.40 10.46
CA PRO A 732 -7.89 -3.06 10.92
C PRO A 732 -7.20 -2.14 9.92
N GLY A 733 -6.27 -1.32 10.43
CA GLY A 733 -5.32 -0.60 9.58
C GLY A 733 -4.95 0.76 10.13
N ASP A 734 -4.47 1.61 9.24
CA ASP A 734 -3.95 2.93 9.58
C ASP A 734 -5.11 3.90 9.71
N ASN A 735 -5.17 4.59 10.82
CA ASN A 735 -6.12 5.68 11.01
C ASN A 735 -7.59 5.24 10.64
N GLN A 736 -8.03 4.14 11.25
CA GLN A 736 -9.34 3.54 10.97
C GLN A 736 -10.26 3.97 12.06
N PRO A 737 -11.57 4.07 11.76
CA PRO A 737 -12.45 4.32 12.90
C PRO A 737 -12.40 3.18 13.92
N VAL A 738 -12.58 3.51 15.18
CA VAL A 738 -12.77 2.49 16.24
C VAL A 738 -13.80 1.47 15.79
N ARG A 739 -14.95 1.95 15.29
CA ARG A 739 -16.09 1.09 14.90
C ARG A 739 -16.90 1.67 13.78
N GLN A 740 -17.49 0.81 12.95
CA GLN A 740 -18.31 1.25 11.82
C GLN A 740 -19.56 0.42 11.73
N LEU A 741 -20.72 1.06 11.68
CA LEU A 741 -21.95 0.30 11.56
C LEU A 741 -21.88 -0.53 10.35
N ARG A 742 -22.19 -1.81 10.48
CA ARG A 742 -22.33 -2.71 9.35
C ARG A 742 -23.50 -3.64 9.40
N GLY A 743 -24.39 -3.42 10.35
CA GLY A 743 -25.71 -3.90 10.20
C GLY A 743 -26.69 -3.45 11.24
N PHE A 744 -27.96 -3.73 11.00
CA PHE A 744 -29.06 -3.54 11.99
C PHE A 744 -30.26 -4.44 11.67
N ASP A 745 -31.03 -4.82 12.68
CA ASP A 745 -32.16 -5.70 12.48
C ASP A 745 -33.08 -5.35 13.61
N LYS A 746 -34.33 -5.10 13.29
CA LYS A 746 -35.31 -4.72 14.28
C LYS A 746 -36.27 -5.93 14.47
N ILE A 747 -36.31 -6.44 15.71
CA ILE A 747 -37.25 -7.46 16.17
C ILE A 747 -38.50 -6.79 16.70
N LYS A 748 -39.64 -7.19 16.15
CA LYS A 748 -40.92 -6.55 16.45
C LYS A 748 -41.63 -7.24 17.62
N ASP A 749 -41.98 -6.46 18.67
CA ASP A 749 -42.97 -6.82 19.68
C ASP A 749 -42.59 -8.18 20.29
N LEU A 750 -41.41 -8.23 20.87
CA LEU A 750 -40.92 -9.44 21.56
C LEU A 750 -41.57 -9.55 22.94
N PRO A 751 -42.31 -10.65 23.19
CA PRO A 751 -42.97 -10.75 24.51
C PRO A 751 -42.04 -11.03 25.69
N VAL A 752 -42.51 -10.71 26.90
CA VAL A 752 -41.68 -10.75 28.10
C VAL A 752 -41.14 -12.14 28.22
N GLY A 753 -39.85 -12.29 28.41
CA GLY A 753 -39.25 -13.57 28.58
C GLY A 753 -38.92 -14.31 27.30
N ASP A 754 -39.36 -13.77 26.15
CA ASP A 754 -39.09 -14.43 24.88
C ASP A 754 -37.71 -14.00 24.29
N SER A 755 -37.19 -14.87 23.41
CA SER A 755 -35.95 -14.67 22.72
C SER A 755 -36.19 -14.69 21.22
N ALA A 756 -35.34 -13.95 20.53
CA ALA A 756 -35.30 -13.95 19.06
C ALA A 756 -33.87 -13.83 18.56
N VAL A 757 -33.62 -14.44 17.41
CA VAL A 757 -32.33 -14.39 16.75
C VAL A 757 -32.33 -13.22 15.76
N VAL A 758 -31.27 -12.42 15.84
CA VAL A 758 -31.00 -11.31 14.92
C VAL A 758 -29.89 -11.71 13.95
N THR A 759 -30.03 -11.35 12.67
CA THR A 759 -29.18 -11.83 11.57
C THR A 759 -28.58 -10.68 10.76
N PHE A 760 -27.24 -10.69 10.61
CA PHE A 760 -26.48 -9.62 9.96
C PHE A 760 -25.65 -10.21 8.85
N PRO A 761 -26.13 -10.18 7.62
CA PRO A 761 -25.26 -10.55 6.48
C PRO A 761 -24.13 -9.55 6.23
N ILE A 762 -22.93 -10.05 6.00
CA ILE A 762 -21.76 -9.19 5.89
C ILE A 762 -21.19 -9.29 4.46
N ARG A 763 -21.19 -8.17 3.74
CA ARG A 763 -20.73 -8.21 2.32
C ARG A 763 -19.25 -7.98 2.26
N ARG A 764 -18.69 -8.33 1.13
CA ARG A 764 -17.26 -8.09 0.97
C ARG A 764 -16.89 -6.59 1.15
N LYS A 765 -17.73 -5.72 0.60
CA LYS A 765 -17.46 -4.28 0.71
C LYS A 765 -17.48 -3.88 2.15
N ASP A 766 -18.30 -4.59 2.95
CA ASP A 766 -18.44 -4.26 4.38
C ASP A 766 -17.26 -4.47 5.29
N VAL A 767 -16.26 -5.23 4.83
CA VAL A 767 -15.02 -5.40 5.55
C VAL A 767 -13.82 -4.87 4.74
N SER A 768 -14.11 -4.03 3.75
CA SER A 768 -13.02 -3.56 2.86
C SER A 768 -12.55 -2.18 3.16
N SER A 769 -11.34 -1.87 2.67
CA SER A 769 -10.71 -0.57 2.73
C SER A 769 -10.42 -0.11 1.26
N TRP A 770 -10.36 1.20 1.01
CA TRP A 770 -10.01 1.66 -0.34
C TRP A 770 -8.51 1.93 -0.30
N SER A 771 -7.82 1.31 -1.24
CA SER A 771 -6.41 1.59 -1.42
C SER A 771 -6.23 2.77 -2.38
N VAL A 772 -5.73 3.88 -1.87
CA VAL A 772 -5.42 5.02 -2.72
C VAL A 772 -4.29 4.62 -3.70
N VAL A 773 -3.33 3.80 -3.26
CA VAL A 773 -2.15 3.48 -4.11
C VAL A 773 -2.61 2.61 -5.26
N ASP A 774 -3.39 1.56 -4.98
CA ASP A 774 -3.83 0.66 -6.05
C ASP A 774 -5.10 1.01 -6.74
N GLN A 775 -5.89 1.91 -6.15
CA GLN A 775 -7.19 2.31 -6.73
C GLN A 775 -8.13 1.14 -6.84
N LEU A 776 -8.24 0.41 -5.72
CA LEU A 776 -9.26 -0.62 -5.58
C LEU A 776 -9.60 -0.88 -4.13
N TRP A 777 -10.70 -1.59 -3.93
CA TRP A 777 -11.19 -1.99 -2.61
C TRP A 777 -10.44 -3.29 -2.24
N TYR A 778 -10.02 -3.46 -1.00
CA TYR A 778 -9.34 -4.72 -0.60
C TYR A 778 -9.72 -4.99 0.81
N VAL A 779 -9.71 -6.26 1.15
CA VAL A 779 -10.01 -6.64 2.51
C VAL A 779 -8.71 -6.69 3.23
N PRO A 780 -8.45 -5.79 4.16
CA PRO A 780 -7.10 -5.83 4.77
C PRO A 780 -6.86 -7.07 5.68
N ASN A 781 -5.59 -7.34 5.90
CA ASN A 781 -5.15 -8.39 6.78
C ASN A 781 -5.15 -7.83 8.18
N GLY A 782 -5.40 -8.71 9.12
CA GLY A 782 -5.38 -8.38 10.52
C GLY A 782 -6.64 -8.89 11.18
N ASP A 783 -6.86 -8.40 12.40
CA ASP A 783 -7.99 -8.78 13.25
C ASP A 783 -9.11 -7.77 13.10
N PHE A 784 -10.32 -8.26 12.91
CA PHE A 784 -11.51 -7.39 12.79
C PHE A 784 -12.30 -7.66 14.03
N LEU A 785 -12.64 -6.65 14.80
CA LEU A 785 -13.52 -6.86 15.92
C LEU A 785 -14.97 -6.71 15.45
N ILE A 786 -15.79 -7.65 15.82
CA ILE A 786 -17.19 -7.60 15.51
C ILE A 786 -17.97 -7.46 16.79
N SER A 787 -18.75 -6.38 16.87
CA SER A 787 -19.53 -6.10 18.06
C SER A 787 -21.04 -5.95 17.80
N VAL A 788 -21.87 -6.47 18.71
CA VAL A 788 -23.33 -6.47 18.54
C VAL A 788 -23.92 -5.95 19.82
N GLY A 789 -24.94 -5.08 19.67
CA GLY A 789 -25.54 -4.40 20.80
C GLY A 789 -26.69 -3.48 20.46
N GLY A 790 -27.11 -2.73 21.47
CA GLY A 790 -28.32 -1.90 21.41
C GLY A 790 -28.02 -0.46 20.98
N SER A 791 -26.74 -0.08 20.94
CA SER A 791 -26.32 1.26 20.50
C SER A 791 -24.84 1.23 20.17
N SER A 792 -24.32 2.35 19.67
CA SER A 792 -22.92 2.44 19.30
C SER A 792 -22.01 2.42 20.53
N ARG A 793 -22.55 2.62 21.74
CA ARG A 793 -21.75 2.53 23.01
C ARG A 793 -22.29 1.55 24.01
N ASP A 794 -23.14 0.62 23.55
CA ASP A 794 -23.70 -0.43 24.42
C ASP A 794 -23.63 -1.70 23.62
N LEU A 795 -22.44 -2.31 23.59
CA LEU A 795 -22.12 -3.43 22.73
C LEU A 795 -21.64 -4.59 23.64
N PRO A 796 -22.59 -5.40 24.15
CA PRO A 796 -22.10 -6.44 25.12
C PRO A 796 -21.55 -7.72 24.49
N LEU A 797 -21.77 -7.92 23.20
CA LEU A 797 -21.18 -9.05 22.51
C LEU A 797 -20.07 -8.61 21.57
N ASN A 798 -18.98 -9.34 21.59
CA ASN A 798 -17.93 -9.12 20.60
C ASN A 798 -17.13 -10.39 20.32
N THR A 799 -16.62 -10.50 19.11
CA THR A 799 -15.74 -11.57 18.72
C THR A 799 -14.81 -11.06 17.64
N THR A 800 -13.82 -11.91 17.29
CA THR A 800 -12.78 -11.57 16.31
C THR A 800 -12.92 -12.41 15.07
N TRP A 801 -12.72 -11.77 13.94
CA TRP A 801 -12.62 -12.42 12.69
C TRP A 801 -11.29 -11.98 12.12
N THR A 802 -10.46 -12.95 11.77
CA THR A 802 -9.30 -12.77 10.93
C THR A 802 -9.65 -13.43 9.58
N PRO A 803 -9.20 -12.86 8.45
CA PRO A 803 -9.33 -13.60 7.19
C PRO A 803 -8.14 -14.49 6.89
N THR B 47 18.77 4.73 22.26
CA THR B 47 18.47 5.22 20.87
C THR B 47 16.94 5.12 20.51
N GLN B 48 16.58 5.73 19.38
CA GLN B 48 15.40 5.30 18.65
C GLN B 48 15.37 3.75 18.37
N TRP B 49 16.41 3.00 18.77
CA TRP B 49 16.82 1.73 18.11
C TRP B 49 17.60 0.82 19.06
N PRO B 50 16.90 0.21 20.04
CA PRO B 50 17.55 -0.60 21.04
C PRO B 50 18.00 -2.00 20.55
N ALA B 51 18.85 -2.63 21.34
CA ALA B 51 19.48 -3.89 20.97
C ALA B 51 18.58 -5.05 21.45
N PRO B 52 18.07 -5.90 20.53
CA PRO B 52 17.36 -7.09 20.98
C PRO B 52 18.30 -8.20 21.48
N LEU B 53 17.86 -8.94 22.48
CA LEU B 53 18.70 -10.03 23.03
C LEU B 53 18.63 -11.18 22.06
N ALA B 54 19.75 -11.84 21.81
CA ALA B 54 19.74 -13.08 21.03
C ALA B 54 18.89 -14.11 21.75
N ASN B 55 18.27 -15.00 20.99
CA ASN B 55 17.55 -16.17 21.49
C ASN B 55 17.89 -17.49 20.74
N GLY B 56 18.84 -17.45 19.79
CA GLY B 56 19.28 -18.59 19.04
C GLY B 56 18.42 -18.92 17.83
N GLY B 57 17.27 -18.27 17.71
CA GLY B 57 16.30 -18.47 16.65
C GLY B 57 16.02 -19.93 16.32
N LYS B 58 16.09 -20.22 15.04
CA LYS B 58 15.60 -21.49 14.54
C LYS B 58 16.57 -22.65 14.78
N SER B 59 17.71 -22.71 14.11
CA SER B 59 18.64 -23.86 14.21
C SER B 59 19.62 -23.89 15.42
N TRP B 60 19.75 -22.79 16.09
CA TRP B 60 20.81 -22.66 17.12
C TRP B 60 20.29 -22.70 18.57
N ALA B 61 19.07 -23.20 18.79
CA ALA B 61 18.43 -23.12 20.10
C ALA B 61 19.21 -23.87 21.23
N SER B 62 19.65 -25.10 20.97
CA SER B 62 20.44 -25.83 21.94
C SER B 62 21.78 -25.13 22.18
N ALA B 63 22.40 -24.66 21.12
CA ALA B 63 23.70 -24.00 21.19
C ALA B 63 23.60 -22.66 22.00
N PHE B 64 22.61 -21.84 21.71
CA PHE B 64 22.28 -20.68 22.50
C PHE B 64 22.11 -21.01 23.99
N LYS B 65 21.35 -22.08 24.28
CA LYS B 65 21.16 -22.47 25.67
C LYS B 65 22.51 -22.70 26.34
N LYS B 66 23.39 -23.47 25.68
CA LYS B 66 24.74 -23.69 26.19
C LYS B 66 25.55 -22.38 26.26
N ALA B 67 25.50 -21.48 25.24
CA ALA B 67 26.25 -20.23 25.34
C ALA B 67 25.74 -19.44 26.54
N LYS B 68 24.42 -19.37 26.73
CA LYS B 68 23.88 -18.64 27.89
C LYS B 68 24.32 -19.17 29.25
N ALA B 69 24.30 -20.48 29.46
CA ALA B 69 24.80 -21.05 30.72
C ALA B 69 26.26 -20.58 30.96
N THR B 70 27.08 -20.67 29.91
CA THR B 70 28.46 -20.33 29.99
C THR B 70 28.65 -18.87 30.30
N VAL B 71 27.95 -18.01 29.60
CA VAL B 71 28.10 -16.62 29.76
C VAL B 71 27.61 -16.19 31.14
N THR B 72 26.62 -16.87 31.67
CA THR B 72 26.14 -16.58 33.03
C THR B 72 27.24 -16.76 34.10
N GLU B 73 28.14 -17.71 33.90
CA GLU B 73 29.28 -17.95 34.81
C GLU B 73 30.44 -16.96 34.63
N MET B 74 30.44 -16.14 33.61
CA MET B 74 31.63 -15.31 33.32
C MET B 74 31.72 -14.07 34.20
N THR B 75 32.92 -13.78 34.66
CA THR B 75 33.17 -12.52 35.34
C THR B 75 33.26 -11.43 34.30
N VAL B 76 33.25 -10.20 34.78
CA VAL B 76 33.37 -9.03 33.90
C VAL B 76 34.68 -9.03 33.09
N GLU B 77 35.81 -9.41 33.72
CA GLU B 77 37.09 -9.40 32.98
C GLU B 77 37.07 -10.49 31.89
N GLU B 78 36.41 -11.62 32.18
CA GLU B 78 36.28 -12.68 31.19
C GLU B 78 35.43 -12.25 30.03
N LEU B 79 34.34 -11.54 30.29
CA LEU B 79 33.54 -10.95 29.23
C LEU B 79 34.34 -10.11 28.29
N ALA B 80 35.23 -9.28 28.83
CA ALA B 80 35.95 -8.37 27.99
C ALA B 80 37.09 -9.08 27.24
N ASN B 81 37.47 -10.25 27.73
CA ASN B 81 38.48 -11.03 27.13
C ASN B 81 37.99 -11.62 25.77
N ILE B 82 36.77 -12.08 25.77
CA ILE B 82 36.29 -12.84 24.61
C ILE B 82 35.82 -11.91 23.50
N THR B 83 35.44 -10.72 23.92
CA THR B 83 34.78 -9.76 23.14
C THR B 83 35.80 -8.84 22.43
N SER B 84 37.12 -9.09 22.62
CA SER B 84 38.18 -8.28 21.99
C SER B 84 39.44 -9.07 21.54
N GLY B 85 40.14 -8.60 20.51
CA GLY B 85 41.26 -9.40 20.00
C GLY B 85 42.51 -9.51 20.87
N VAL B 86 43.24 -10.61 20.78
CA VAL B 86 44.51 -10.80 21.48
C VAL B 86 45.59 -11.15 20.48
N ILE B 87 46.84 -11.22 20.91
CA ILE B 87 47.90 -11.55 19.98
C ILE B 87 47.86 -13.02 19.57
N GLY B 88 48.02 -13.30 18.27
CA GLY B 88 48.33 -14.69 17.91
C GLY B 88 48.60 -14.85 16.44
N LEU B 89 48.56 -16.08 15.99
CA LEU B 89 49.09 -16.42 14.67
C LEU B 89 48.13 -16.10 13.54
N CYS B 90 46.82 -16.06 13.86
CA CYS B 90 45.74 -15.82 12.89
C CYS B 90 45.42 -14.35 12.76
N SER B 91 44.63 -14.02 11.75
CA SER B 91 44.31 -12.65 11.42
C SER B 91 43.74 -11.96 12.67
N GLY B 92 42.95 -12.70 13.43
CA GLY B 92 42.45 -12.26 14.75
C GLY B 92 42.24 -13.44 15.63
N VAL B 93 42.15 -13.21 16.95
CA VAL B 93 42.11 -14.27 17.90
C VAL B 93 41.38 -13.68 19.07
N THR B 94 40.35 -14.35 19.52
CA THR B 94 39.59 -13.86 20.68
C THR B 94 40.28 -14.38 21.91
N GLY B 95 40.12 -13.65 23.01
CA GLY B 95 40.77 -14.06 24.24
C GLY B 95 40.07 -15.27 24.79
N ALA B 96 40.83 -16.19 25.37
CA ALA B 96 40.25 -17.33 26.04
C ALA B 96 39.41 -16.97 27.29
N VAL B 97 38.63 -17.94 27.78
CA VAL B 97 38.07 -17.85 29.12
C VAL B 97 38.64 -19.07 29.82
N THR B 98 39.84 -18.91 30.36
CA THR B 98 40.61 -20.07 30.67
C THR B 98 39.99 -20.89 31.81
N ARG B 99 39.37 -20.21 32.80
CA ARG B 99 38.71 -20.81 33.96
C ARG B 99 37.56 -21.72 33.53
N LEU B 100 36.83 -21.30 32.51
CA LEU B 100 35.70 -22.10 31.93
C LEU B 100 36.05 -22.97 30.72
N GLY B 101 37.34 -23.19 30.45
CA GLY B 101 37.76 -24.08 29.38
C GLY B 101 37.40 -23.66 27.95
N ILE B 102 37.21 -22.37 27.71
CA ILE B 102 36.87 -21.86 26.40
C ILE B 102 38.16 -21.33 25.76
N PRO B 103 38.55 -21.90 24.63
CA PRO B 103 39.85 -21.54 24.12
C PRO B 103 39.76 -20.26 23.30
N GLU B 104 40.93 -19.72 22.97
CA GLU B 104 41.14 -18.75 21.94
C GLU B 104 40.46 -19.26 20.64
N PHE B 105 39.75 -18.39 19.97
CA PHE B 105 39.23 -18.69 18.62
C PHE B 105 40.09 -18.02 17.57
N CYS B 106 40.37 -18.74 16.49
CA CYS B 106 41.17 -18.26 15.38
C CYS B 106 40.18 -17.78 14.34
N LEU B 107 40.25 -16.51 14.01
CA LEU B 107 39.54 -15.83 12.94
C LEU B 107 40.58 -15.63 11.82
N GLN B 108 40.29 -16.15 10.63
CA GLN B 108 41.27 -16.19 9.55
C GLN B 108 40.65 -15.80 8.22
N ASP B 109 41.34 -14.90 7.55
CA ASP B 109 41.03 -14.58 6.16
C ASP B 109 41.27 -15.85 5.31
N GLY B 110 40.53 -16.11 4.24
CA GLY B 110 39.68 -15.08 3.60
C GLY B 110 38.76 -15.79 2.63
N PRO B 111 38.15 -15.05 1.73
CA PRO B 111 37.07 -15.55 0.88
C PRO B 111 37.52 -16.41 -0.26
N ILE B 112 38.83 -16.65 -0.46
CA ILE B 112 39.21 -17.83 -1.31
C ILE B 112 39.80 -19.01 -0.57
N GLY B 113 39.86 -18.96 0.75
CA GLY B 113 40.36 -20.11 1.56
C GLY B 113 41.40 -19.48 2.45
N PRO B 114 41.95 -20.24 3.40
CA PRO B 114 42.80 -19.64 4.46
C PRO B 114 43.99 -18.95 3.87
N ARG B 115 44.25 -17.71 4.31
CA ARG B 115 45.24 -16.84 3.72
C ARG B 115 46.53 -16.98 4.57
N GLY B 116 47.66 -16.95 3.88
CA GLY B 116 49.01 -16.95 4.52
C GLY B 116 49.46 -18.27 5.08
N VAL B 117 48.85 -19.36 4.62
CA VAL B 117 49.19 -20.72 5.04
C VAL B 117 49.82 -21.52 3.90
N HIS B 118 50.75 -22.37 4.21
CA HIS B 118 51.19 -23.42 3.27
C HIS B 118 50.36 -24.70 3.40
N GLY B 119 50.56 -25.62 2.46
CA GLY B 119 49.87 -26.90 2.52
C GLY B 119 48.39 -26.86 2.18
N SER B 120 47.97 -25.76 1.54
CA SER B 120 46.57 -25.51 1.09
C SER B 120 46.51 -25.27 -0.41
N SER B 121 45.28 -25.05 -0.94
CA SER B 121 45.04 -24.82 -2.38
C SER B 121 44.60 -23.46 -2.64
N GLN B 122 44.93 -22.93 -3.82
CA GLN B 122 44.50 -21.60 -4.21
C GLN B 122 43.20 -21.67 -5.06
N PHE B 123 42.06 -21.44 -4.41
CA PHE B 123 40.74 -21.58 -5.05
C PHE B 123 40.52 -20.37 -5.93
N PRO B 124 39.67 -20.50 -6.97
CA PRO B 124 39.25 -19.35 -7.78
C PRO B 124 38.41 -18.35 -6.94
N ALA B 125 38.46 -17.10 -7.37
CA ALA B 125 37.82 -16.00 -6.67
C ALA B 125 36.31 -16.18 -6.77
N GLY B 126 35.59 -15.51 -5.85
CA GLY B 126 34.14 -15.40 -5.94
C GLY B 126 33.67 -14.98 -7.33
N LEU B 127 34.38 -14.02 -7.93
CA LEU B 127 34.06 -13.49 -9.26
C LEU B 127 34.04 -14.62 -10.29
N THR B 128 35.09 -15.41 -10.29
CA THR B 128 35.14 -16.68 -11.11
C THR B 128 34.04 -17.66 -10.92
N VAL B 129 33.77 -18.02 -9.69
CA VAL B 129 32.65 -18.97 -9.41
C VAL B 129 31.26 -18.40 -9.83
N ALA B 130 31.08 -17.09 -9.72
CA ALA B 130 29.86 -16.44 -10.15
C ALA B 130 29.70 -16.63 -11.66
N ALA B 131 30.79 -16.44 -12.41
CA ALA B 131 30.71 -16.57 -13.89
C ALA B 131 30.32 -17.96 -14.36
N THR B 132 30.38 -18.95 -13.48
CA THR B 132 29.86 -20.31 -13.77
C THR B 132 28.38 -20.35 -13.91
N TRP B 133 27.72 -19.46 -13.16
CA TRP B 133 26.29 -19.53 -12.94
C TRP B 133 25.83 -20.97 -12.47
N ASP B 134 26.68 -21.68 -11.75
CA ASP B 134 26.42 -23.11 -11.40
C ASP B 134 26.36 -23.30 -9.89
N ARG B 135 25.17 -23.49 -9.39
CA ARG B 135 24.97 -23.54 -7.95
C ARG B 135 25.71 -24.70 -7.28
N THR B 136 25.81 -25.80 -8.01
CA THR B 136 26.56 -26.96 -7.57
C THR B 136 28.04 -26.59 -7.37
N LEU B 137 28.62 -25.80 -8.25
CA LEU B 137 30.02 -25.43 -8.03
C LEU B 137 30.18 -24.40 -6.90
N MET B 138 29.26 -23.46 -6.75
CA MET B 138 29.30 -22.47 -5.65
C MET B 138 29.36 -23.19 -4.34
N TYR B 139 28.52 -24.20 -4.19
CA TYR B 139 28.50 -24.98 -2.99
C TYR B 139 29.79 -25.75 -2.83
N ALA B 140 30.26 -26.39 -3.90
CA ALA B 140 31.39 -27.27 -3.79
C ALA B 140 32.66 -26.52 -3.47
N ARG B 141 32.82 -25.34 -4.04
CA ARG B 141 33.89 -24.43 -3.78
C ARG B 141 34.00 -24.08 -2.28
N ALA B 142 32.89 -23.70 -1.70
CA ALA B 142 32.77 -23.31 -0.31
C ALA B 142 33.00 -24.46 0.64
N ARG B 143 32.41 -25.60 0.34
CA ARG B 143 32.70 -26.80 1.08
C ARG B 143 34.18 -27.18 1.05
N GLY B 144 34.84 -27.02 -0.09
CA GLY B 144 36.21 -27.44 -0.21
C GLY B 144 37.10 -26.44 0.62
N MET B 145 36.82 -25.16 0.45
CA MET B 145 37.46 -24.07 1.26
C MET B 145 37.33 -24.39 2.75
N GLY B 146 36.11 -24.66 3.14
CA GLY B 146 35.73 -25.03 4.45
C GLY B 146 36.48 -26.20 4.99
N GLN B 147 36.69 -27.20 4.18
CA GLN B 147 37.53 -28.33 4.64
C GLN B 147 38.98 -27.86 4.98
N GLU B 148 39.54 -27.02 4.12
CA GLU B 148 40.92 -26.49 4.35
C GLU B 148 41.02 -25.56 5.57
N PHE B 149 40.02 -24.70 5.78
CA PHE B 149 39.95 -23.78 6.97
C PHE B 149 39.93 -24.64 8.21
N HIS B 150 39.09 -25.67 8.21
CA HIS B 150 38.96 -26.50 9.41
C HIS B 150 40.21 -27.25 9.73
N ASP B 151 40.76 -27.83 8.69
CA ASP B 151 41.96 -28.68 8.85
C ASP B 151 43.19 -27.84 9.20
N GLN B 152 43.17 -26.57 8.87
CA GLN B 152 44.29 -25.68 9.26
C GLN B 152 44.08 -25.17 10.68
N GLY B 153 42.90 -25.38 11.25
CA GLY B 153 42.62 -25.04 12.67
C GLY B 153 41.84 -23.74 12.90
N VAL B 154 41.12 -23.31 11.89
CA VAL B 154 40.40 -22.10 11.95
C VAL B 154 39.01 -22.28 12.54
N HIS B 155 38.61 -21.40 13.48
CA HIS B 155 37.31 -21.48 14.10
C HIS B 155 36.27 -20.70 13.32
N LEU B 156 36.67 -19.51 12.83
CA LEU B 156 35.84 -18.52 12.16
C LEU B 156 36.54 -18.09 10.89
N ALA B 157 35.92 -18.37 9.74
CA ALA B 157 36.47 -17.96 8.50
C ALA B 157 36.01 -16.53 8.21
N LEU B 158 36.87 -15.64 7.76
CA LEU B 158 36.49 -14.31 7.42
C LEU B 158 36.02 -14.26 5.95
N ALA B 159 34.84 -14.85 5.77
CA ALA B 159 34.27 -15.15 4.45
C ALA B 159 32.85 -15.63 4.67
N PRO B 160 32.02 -15.59 3.62
CA PRO B 160 32.27 -15.07 2.30
C PRO B 160 31.95 -13.60 2.23
N VAL B 161 32.22 -13.00 1.09
CA VAL B 161 31.76 -11.67 0.77
C VAL B 161 30.38 -11.80 0.22
N THR B 162 29.42 -11.27 0.94
CA THR B 162 27.97 -11.47 0.62
C THR B 162 27.25 -10.20 0.41
N GLY B 163 27.76 -9.37 -0.49
CA GLY B 163 27.04 -8.16 -0.89
C GLY B 163 27.64 -6.84 -0.40
N GLY B 164 28.87 -6.87 0.08
CA GLY B 164 29.59 -5.62 0.37
C GLY B 164 31.08 -5.78 0.12
N PRO B 165 31.63 -5.32 -1.01
CA PRO B 165 30.96 -4.64 -2.05
C PRO B 165 30.11 -5.52 -2.95
N LEU B 166 28.95 -5.03 -3.32
CA LEU B 166 28.08 -5.64 -4.30
C LEU B 166 28.43 -5.28 -5.73
N GLY B 167 28.81 -4.02 -5.97
CA GLY B 167 29.17 -3.56 -7.33
C GLY B 167 28.65 -2.23 -7.90
N ARG B 168 28.51 -1.20 -7.08
CA ARG B 168 28.06 0.11 -7.60
C ARG B 168 29.06 0.81 -8.55
N THR B 169 30.36 0.55 -8.39
CA THR B 169 31.38 0.99 -9.33
C THR B 169 32.03 -0.25 -9.90
N PRO B 170 32.34 -0.24 -11.21
CA PRO B 170 33.18 -1.29 -11.80
C PRO B 170 34.67 -1.15 -11.55
N LEU B 171 35.07 -0.09 -10.88
CA LEU B 171 36.47 0.18 -10.54
C LEU B 171 36.89 -0.27 -9.15
N ASN B 172 35.99 -0.93 -8.40
CA ASN B 172 36.25 -1.22 -7.02
C ASN B 172 37.40 -2.22 -6.96
N GLY B 173 38.46 -1.93 -6.19
CA GLY B 173 39.68 -2.74 -6.32
C GLY B 173 39.48 -4.11 -5.66
N ARG B 174 38.49 -4.25 -4.81
CA ARG B 174 38.12 -5.52 -4.28
C ARG B 174 36.81 -6.15 -4.79
N GLY B 175 36.24 -5.64 -5.88
CA GLY B 175 34.91 -6.24 -6.36
C GLY B 175 35.00 -7.74 -6.60
N TRP B 176 36.17 -8.17 -7.03
CA TRP B 176 36.45 -9.60 -7.33
C TRP B 176 36.23 -10.63 -6.22
N GLU B 177 36.19 -10.18 -4.96
CA GLU B 177 36.02 -11.10 -3.87
C GLU B 177 34.58 -11.50 -3.78
N GLY B 178 33.72 -10.65 -4.33
CA GLY B 178 32.30 -10.88 -4.29
C GLY B 178 31.97 -11.80 -5.44
N THR B 179 30.77 -11.65 -5.90
CA THR B 179 30.29 -12.58 -6.91
C THR B 179 29.71 -11.74 -8.06
N PHE B 180 28.40 -11.50 -8.00
CA PHE B 180 27.64 -10.92 -9.09
C PHE B 180 27.31 -9.49 -8.73
N ALA B 181 27.25 -8.61 -9.73
CA ALA B 181 26.77 -7.23 -9.55
C ALA B 181 25.24 -7.15 -9.61
N ASP B 182 24.60 -7.97 -8.82
CA ASP B 182 23.14 -8.15 -8.87
C ASP B 182 22.66 -8.73 -7.59
N PRO B 183 21.70 -8.06 -6.88
CA PRO B 183 21.25 -8.60 -5.59
C PRO B 183 20.77 -10.03 -5.62
N TYR B 184 19.94 -10.41 -6.59
CA TYR B 184 19.39 -11.74 -6.58
C TYR B 184 20.48 -12.82 -6.68
N ALA B 185 21.32 -12.70 -7.69
CA ALA B 185 22.38 -13.71 -7.92
C ALA B 185 23.46 -13.73 -6.83
N CYS B 186 23.86 -12.54 -6.40
CA CYS B 186 24.76 -12.43 -5.22
C CYS B 186 24.11 -13.17 -4.07
N GLY B 187 22.81 -12.94 -3.85
CA GLY B 187 22.09 -13.59 -2.78
C GLY B 187 22.16 -15.09 -2.78
N GLU B 188 21.89 -15.65 -3.97
CA GLU B 188 21.95 -17.08 -4.17
C GLU B 188 23.37 -17.61 -3.90
N ALA B 189 24.38 -16.94 -4.43
CA ALA B 189 25.75 -17.38 -4.25
C ALA B 189 26.15 -17.27 -2.78
N SER B 190 25.62 -16.27 -2.12
CA SER B 190 25.94 -16.05 -0.70
C SER B 190 25.38 -17.14 0.16
N TYR B 191 24.13 -17.53 -0.13
CA TYR B 191 23.52 -18.57 0.56
C TYR B 191 24.37 -19.83 0.49
N LEU B 192 24.77 -20.21 -0.72
CA LEU B 192 25.48 -21.45 -0.91
C LEU B 192 26.91 -21.40 -0.33
N SER B 193 27.54 -20.25 -0.41
CA SER B 193 28.91 -20.02 0.14
C SER B 193 28.89 -20.13 1.65
N VAL B 194 27.89 -19.54 2.29
CA VAL B 194 27.72 -19.72 3.69
C VAL B 194 27.43 -21.13 4.06
N LYS B 195 26.51 -21.80 3.34
CA LYS B 195 26.24 -23.18 3.68
C LYS B 195 27.36 -24.22 3.48
N GLY B 196 28.13 -24.07 2.43
CA GLY B 196 29.28 -24.92 2.22
C GLY B 196 30.33 -24.79 3.32
N LEU B 197 30.60 -23.57 3.74
CA LEU B 197 31.54 -23.33 4.86
C LEU B 197 31.08 -23.87 6.14
N THR B 198 29.85 -23.56 6.52
CA THR B 198 29.33 -24.08 7.80
C THR B 198 29.18 -25.59 7.81
N ASP B 199 28.82 -26.19 6.65
CA ASP B 199 28.74 -27.66 6.51
C ASP B 199 30.09 -28.33 6.74
N ALA B 200 31.19 -27.64 6.47
CA ALA B 200 32.51 -28.10 6.95
C ALA B 200 32.67 -27.72 8.41
N GLY B 201 33.75 -27.96 9.09
CA GLY B 201 33.64 -27.41 10.50
C GLY B 201 33.48 -25.90 10.87
N VAL B 202 33.28 -24.96 9.95
CA VAL B 202 33.81 -23.56 10.18
C VAL B 202 32.76 -22.50 10.30
N ALA B 203 32.84 -21.69 11.37
CA ALA B 203 31.93 -20.56 11.46
C ALA B 203 32.24 -19.55 10.42
N THR B 204 31.24 -18.86 9.93
CA THR B 204 31.42 -17.81 8.91
C THR B 204 31.23 -16.44 9.48
N VAL B 205 31.90 -15.46 8.84
CA VAL B 205 31.80 -14.08 9.09
C VAL B 205 31.54 -13.39 7.76
N SER B 206 30.25 -13.23 7.41
CA SER B 206 29.87 -12.72 6.15
C SER B 206 30.12 -11.25 6.14
N LYS B 207 30.65 -10.77 5.03
CA LYS B 207 31.08 -9.36 5.01
C LYS B 207 30.76 -8.68 3.73
N HIS B 208 30.75 -7.36 3.65
CA HIS B 208 31.03 -6.38 4.72
C HIS B 208 29.73 -5.62 4.84
N TRP B 209 29.12 -5.61 6.01
CA TRP B 209 27.89 -4.85 6.26
C TRP B 209 28.20 -3.35 6.59
N ILE B 210 27.80 -2.38 5.77
CA ILE B 210 26.96 -2.53 4.53
C ILE B 210 27.17 -1.26 3.69
N ALA B 211 26.87 -1.34 2.39
CA ALA B 211 27.06 -0.21 1.42
C ALA B 211 28.53 0.18 1.38
N TYR B 212 29.36 -0.89 1.45
CA TYR B 212 30.81 -0.70 1.38
C TYR B 212 31.18 -0.75 -0.13
N GLU B 213 31.09 0.38 -0.85
CA GLU B 213 31.12 0.34 -2.32
C GLU B 213 32.27 1.04 -2.94
N GLN B 214 33.25 1.55 -2.16
CA GLN B 214 34.53 2.06 -2.71
C GLN B 214 35.65 1.97 -1.66
N GLU B 215 36.85 1.70 -2.17
CA GLU B 215 38.05 1.55 -1.37
C GLU B 215 38.69 2.87 -1.02
N THR B 216 38.57 3.83 -1.95
CA THR B 216 39.10 5.17 -1.81
C THR B 216 38.45 5.84 -0.63
N SER B 217 39.28 6.35 0.28
CA SER B 217 38.76 6.91 1.51
C SER B 217 38.00 5.98 2.41
N ARG B 218 38.20 4.66 2.29
CA ARG B 218 37.56 3.77 3.28
C ARG B 218 38.13 4.15 4.71
N ASN B 219 39.37 4.57 4.74
CA ASN B 219 39.97 5.21 5.91
C ASN B 219 39.76 4.47 7.20
N LEU B 220 40.31 3.25 7.28
CA LEU B 220 40.22 2.54 8.51
C LEU B 220 40.96 3.33 9.61
N TYR B 221 40.49 3.16 10.83
CA TYR B 221 41.16 3.72 12.02
C TYR B 221 42.52 3.07 12.23
N ILE B 222 43.57 3.88 12.27
CA ILE B 222 44.95 3.42 12.55
C ILE B 222 45.60 4.62 13.24
N ASP B 223 46.50 4.33 14.14
CA ASP B 223 47.32 5.40 14.83
C ASP B 223 48.68 4.75 15.00
N ILE B 224 49.54 5.13 14.07
CA ILE B 224 50.86 4.53 13.96
C ILE B 224 51.93 5.61 13.73
N ASP B 225 53.02 5.51 14.49
CA ASP B 225 54.15 6.49 14.36
C ASP B 225 53.71 7.97 14.49
N GLY B 226 52.71 8.20 15.34
CA GLY B 226 52.20 9.53 15.64
C GLY B 226 51.22 10.08 14.64
N VAL B 227 50.87 9.32 13.58
CA VAL B 227 49.86 9.86 12.60
C VAL B 227 48.59 9.01 12.70
N SER B 228 47.45 9.68 12.87
CA SER B 228 46.16 9.04 13.09
C SER B 228 45.23 9.43 11.93
N GLN B 229 44.51 8.43 11.40
CA GLN B 229 43.50 8.66 10.36
C GLN B 229 42.47 9.68 10.79
N ALA B 230 42.09 9.60 12.06
CA ALA B 230 41.16 10.58 12.71
C ALA B 230 41.54 12.02 12.47
N ASP B 231 42.84 12.28 12.39
CA ASP B 231 43.34 13.64 12.17
C ASP B 231 43.42 14.01 10.71
N ILE B 232 43.14 13.09 9.78
CA ILE B 232 43.30 13.36 8.35
C ILE B 232 41.97 13.40 7.61
N GLN B 233 41.22 12.31 7.72
CA GLN B 233 39.93 12.20 7.01
C GLN B 233 39.03 11.11 7.59
N LEU B 234 37.76 11.41 7.77
CA LEU B 234 36.84 10.40 8.23
C LEU B 234 36.54 9.48 7.03
N PRO B 235 36.03 8.29 7.30
CA PRO B 235 35.66 7.34 6.19
C PRO B 235 34.55 7.87 5.33
N ILE B 236 34.65 7.63 4.03
CA ILE B 236 33.49 7.73 3.13
C ILE B 236 32.12 7.38 3.78
N SER B 237 31.17 8.31 3.67
CA SER B 237 29.83 8.10 4.18
C SER B 237 28.96 7.68 3.00
N SER B 238 28.40 6.48 3.06
CA SER B 238 27.45 6.09 2.01
C SER B 238 26.11 6.63 2.47
N ASN B 239 25.54 7.56 1.74
CA ASN B 239 24.22 8.08 2.08
C ASN B 239 23.16 7.42 1.18
N VAL B 240 22.41 6.54 1.82
CA VAL B 240 21.57 5.56 1.18
C VAL B 240 20.13 5.72 1.64
N ASP B 241 19.21 5.85 0.69
CA ASP B 241 17.80 5.84 1.06
C ASP B 241 17.27 4.47 1.55
N ASP B 242 16.08 4.46 2.15
CA ASP B 242 15.54 3.30 2.79
C ASP B 242 15.16 2.20 1.77
N LEU B 243 14.69 2.64 0.61
CA LEU B 243 14.30 1.75 -0.44
C LEU B 243 15.58 1.09 -1.03
N THR B 244 16.63 1.86 -1.21
CA THR B 244 17.84 1.32 -1.77
C THR B 244 18.45 0.31 -0.83
N MET B 245 18.51 0.67 0.46
CA MET B 245 19.02 -0.26 1.49
C MET B 245 18.27 -1.61 1.52
N HIS B 246 16.94 -1.64 1.46
CA HIS B 246 16.20 -2.92 1.51
C HIS B 246 16.23 -3.71 0.19
N GLU B 247 16.08 -3.01 -0.90
CA GLU B 247 15.92 -3.70 -2.18
C GLU B 247 17.26 -4.11 -2.76
N LEU B 248 18.32 -3.37 -2.44
CA LEU B 248 19.57 -3.59 -3.12
C LEU B 248 20.58 -4.19 -2.18
N TYR B 249 21.03 -3.40 -1.23
CA TYR B 249 22.16 -3.79 -0.39
C TYR B 249 21.84 -4.81 0.65
N MET B 250 20.68 -4.78 1.32
CA MET B 250 20.40 -5.83 2.34
C MET B 250 20.03 -7.25 1.77
N TRP B 251 19.67 -7.28 0.50
CA TRP B 251 19.15 -8.52 -0.14
C TRP B 251 20.09 -9.70 0.13
N SER B 252 21.37 -9.53 -0.15
CA SER B 252 22.28 -10.70 -0.02
C SER B 252 22.57 -11.09 1.40
N PHE B 253 22.65 -10.07 2.26
CA PHE B 253 22.78 -10.33 3.68
C PHE B 253 21.63 -11.12 4.25
N ALA B 254 20.42 -10.78 3.84
CA ALA B 254 19.26 -11.54 4.22
C ALA B 254 19.42 -13.05 3.92
N GLU B 255 19.92 -13.37 2.73
CA GLU B 255 20.23 -14.75 2.35
C GLU B 255 21.34 -15.38 3.20
N ALA B 256 22.40 -14.61 3.46
CA ALA B 256 23.48 -15.03 4.31
C ALA B 256 23.01 -15.32 5.73
N VAL B 257 22.09 -14.50 6.26
CA VAL B 257 21.44 -14.83 7.56
C VAL B 257 20.62 -16.12 7.50
N ARG B 258 19.79 -16.20 6.48
CA ARG B 258 18.94 -17.39 6.28
C ARG B 258 19.79 -18.65 6.15
N ALA B 259 20.97 -18.55 5.50
CA ALA B 259 21.90 -19.72 5.52
C ALA B 259 22.55 -20.33 6.78
N GLY B 260 22.49 -19.93 8.03
CA GLY B 260 22.84 -18.79 8.63
C GLY B 260 24.30 -18.70 9.03
N THR B 261 24.86 -17.67 8.45
CA THR B 261 26.12 -17.11 8.94
C THR B 261 26.14 -16.96 10.43
N ASN B 262 27.28 -17.23 11.03
CA ASN B 262 27.35 -17.25 12.49
C ASN B 262 27.61 -15.86 12.96
N HIS B 263 28.24 -15.07 12.10
CA HIS B 263 28.67 -13.72 12.36
C HIS B 263 28.58 -12.86 11.10
N ILE B 264 28.61 -11.56 11.29
CA ILE B 264 28.67 -10.57 10.23
C ILE B 264 29.75 -9.49 10.57
N MET B 265 30.60 -9.22 9.63
CA MET B 265 31.62 -8.19 9.76
C MET B 265 31.01 -6.86 9.33
N CYS B 266 30.99 -5.88 10.24
CA CYS B 266 30.71 -4.48 9.82
C CYS B 266 31.83 -3.74 9.03
N SER B 267 31.45 -2.86 8.15
CA SER B 267 32.38 -2.25 7.22
C SER B 267 33.12 -1.00 7.68
N TYR B 268 34.13 -0.62 6.91
CA TYR B 268 34.89 0.65 7.13
C TYR B 268 34.13 1.98 6.88
N ASN B 269 33.25 2.01 5.88
CA ASN B 269 32.47 3.21 5.55
C ASN B 269 31.53 3.58 6.66
N ARG B 270 31.13 4.84 6.66
CA ARG B 270 29.98 5.22 7.48
C ARG B 270 28.76 5.15 6.58
N ILE B 271 27.59 5.24 7.18
CA ILE B 271 26.33 5.26 6.48
C ILE B 271 25.62 6.47 7.09
N ASN B 272 25.22 7.46 6.28
CA ASN B 272 24.50 8.61 6.78
C ASN B 272 25.36 9.27 7.88
N ASN B 273 26.63 9.43 7.57
CA ASN B 273 27.63 9.95 8.51
C ASN B 273 27.82 9.32 9.88
N THR B 274 27.41 8.07 10.02
CA THR B 274 27.69 7.28 11.21
C THR B 274 28.46 5.99 10.88
N HIS B 275 29.60 5.79 11.53
CA HIS B 275 30.41 4.57 11.35
C HIS B 275 29.58 3.28 11.32
N SER B 276 29.81 2.44 10.32
CA SER B 276 28.94 1.26 10.19
C SER B 276 28.99 0.49 11.46
N CYS B 277 30.19 0.37 12.05
CA CYS B 277 30.40 -0.40 13.24
C CYS B 277 29.76 0.15 14.55
N SER B 278 29.20 1.34 14.47
CA SER B 278 28.44 1.91 15.61
C SER B 278 27.14 2.60 15.17
N ASN B 279 26.54 2.09 14.09
CA ASN B 279 25.33 2.65 13.46
C ASN B 279 24.17 1.79 14.03
N ALA B 280 23.34 2.41 14.86
CA ALA B 280 22.39 1.64 15.64
C ALA B 280 21.23 1.17 14.73
N LYS B 281 20.92 2.02 13.78
CA LYS B 281 19.87 1.75 12.83
C LYS B 281 20.29 0.52 11.97
N GLY B 282 21.53 0.56 11.46
CA GLY B 282 22.13 -0.52 10.70
C GLY B 282 22.19 -1.79 11.49
N LEU B 283 22.90 -1.78 12.64
CA LEU B 283 23.15 -2.99 13.41
C LEU B 283 22.06 -3.45 14.32
N ASN B 284 21.49 -2.50 15.10
CA ASN B 284 20.49 -2.90 16.08
C ASN B 284 19.15 -3.13 15.47
N GLN B 285 18.77 -2.31 14.51
CA GLN B 285 17.43 -2.39 13.95
C GLN B 285 17.41 -3.26 12.61
N LEU B 286 17.99 -2.77 11.52
CA LEU B 286 18.03 -3.51 10.23
C LEU B 286 18.59 -4.92 10.37
N LEU B 287 19.71 -5.10 11.07
CA LEU B 287 20.31 -6.41 11.20
C LEU B 287 19.80 -7.30 12.33
N LYS B 288 19.81 -6.79 13.57
CA LYS B 288 19.46 -7.65 14.66
C LYS B 288 17.95 -7.75 14.86
N THR B 289 17.19 -6.80 14.33
CA THR B 289 15.72 -6.79 14.43
C THR B 289 15.05 -7.25 13.13
N GLU B 290 15.17 -6.50 12.04
CA GLU B 290 14.43 -6.89 10.80
C GLU B 290 14.95 -8.21 10.16
N LEU B 291 16.26 -8.35 9.99
CA LEU B 291 16.80 -9.65 9.62
C LEU B 291 16.88 -10.66 10.77
N ASN B 292 16.53 -10.28 12.02
CA ASN B 292 16.54 -11.22 13.13
C ASN B 292 17.87 -12.00 13.40
N PHE B 293 18.98 -11.30 13.11
CA PHE B 293 20.31 -11.93 13.18
C PHE B 293 20.65 -12.30 14.63
N GLN B 294 20.97 -13.58 14.86
CA GLN B 294 21.16 -14.10 16.16
C GLN B 294 22.64 -14.26 16.49
N GLY B 295 23.51 -13.88 15.57
CA GLY B 295 24.93 -14.19 15.70
C GLY B 295 25.63 -12.89 16.08
N GLY B 296 26.94 -12.83 15.84
CA GLY B 296 27.79 -11.75 16.30
C GLY B 296 28.17 -10.80 15.22
N VAL B 297 28.20 -9.51 15.56
CA VAL B 297 28.84 -8.51 14.69
C VAL B 297 30.31 -8.31 15.04
N VAL B 298 31.17 -8.54 14.05
CA VAL B 298 32.63 -8.46 14.25
C VAL B 298 33.07 -7.20 13.57
N SER B 299 33.94 -6.41 14.18
CA SER B 299 34.43 -5.25 13.43
C SER B 299 35.35 -5.70 12.32
N ASP B 300 35.34 -4.97 11.23
CA ASP B 300 36.47 -4.95 10.36
C ASP B 300 37.70 -4.33 11.08
N TRP B 301 38.87 -4.64 10.54
CA TRP B 301 40.12 -4.42 11.27
C TRP B 301 40.46 -2.94 11.16
N GLY B 302 40.17 -2.20 12.22
CA GLY B 302 40.12 -0.73 12.14
C GLY B 302 38.77 -0.14 11.83
N GLY B 303 37.70 -0.95 11.93
CA GLY B 303 36.37 -0.44 11.65
C GLY B 303 35.76 0.28 12.87
N GLN B 304 36.30 0.00 14.04
CA GLN B 304 35.80 0.50 15.31
C GLN B 304 36.56 1.78 15.61
N TRP B 305 35.79 2.87 15.74
CA TRP B 305 36.30 4.22 15.97
C TRP B 305 36.11 4.80 17.39
N ASP B 306 35.39 4.11 18.26
CA ASP B 306 35.04 4.61 19.62
C ASP B 306 34.61 3.39 20.46
N SER B 307 34.62 3.53 21.80
CA SER B 307 34.28 2.46 22.76
C SER B 307 32.79 2.35 23.09
N VAL B 308 32.19 3.46 23.53
CA VAL B 308 30.84 3.44 24.02
C VAL B 308 29.77 3.36 22.87
N PRO B 309 29.83 4.26 21.87
CA PRO B 309 28.83 4.11 20.80
C PRO B 309 28.82 2.66 20.22
N ALA B 310 29.98 2.12 19.90
CA ALA B 310 30.06 0.75 19.36
C ALA B 310 29.42 -0.23 20.32
N ALA B 311 29.68 -0.12 21.63
CA ALA B 311 29.10 -1.07 22.56
C ALA B 311 27.57 -0.97 22.71
N GLU B 312 26.99 0.21 22.63
CA GLU B 312 25.54 0.37 22.74
C GLU B 312 24.83 0.10 21.41
N ASN B 313 25.54 0.28 20.30
CA ASN B 313 24.87 0.39 18.98
C ASN B 313 24.97 -0.88 18.11
N GLY B 314 25.48 -1.98 18.67
CA GLY B 314 25.44 -3.26 17.97
C GLY B 314 26.71 -4.05 17.77
N LEU B 315 27.88 -3.55 18.18
CA LEU B 315 29.10 -4.29 17.87
C LEU B 315 29.24 -5.35 18.89
N ASP B 316 29.67 -6.54 18.49
CA ASP B 316 29.93 -7.61 19.46
C ASP B 316 31.43 -7.94 19.71
N VAL B 317 32.29 -7.79 18.71
CA VAL B 317 33.66 -8.23 18.82
C VAL B 317 34.55 -7.17 18.23
N ALA B 318 35.55 -6.72 19.00
CA ALA B 318 36.48 -5.73 18.56
C ALA B 318 37.75 -6.42 18.06
N MET B 319 38.09 -6.19 16.81
CA MET B 319 39.20 -6.87 16.15
C MET B 319 40.02 -5.84 15.45
N PRO B 320 41.34 -5.98 15.40
CA PRO B 320 42.05 -7.09 15.98
C PRO B 320 42.53 -6.85 17.46
N GLY B 321 42.14 -5.78 18.11
CA GLY B 321 42.41 -5.67 19.55
C GLY B 321 43.89 -5.51 19.78
N LYS B 322 44.52 -6.42 20.55
CA LYS B 322 46.00 -6.31 20.79
C LYS B 322 46.88 -6.74 19.60
N GLY B 323 46.28 -7.38 18.60
CA GLY B 323 47.08 -7.77 17.42
C GLY B 323 47.39 -6.59 16.57
N PHE B 324 48.40 -6.74 15.69
CA PHE B 324 48.83 -5.74 14.79
C PHE B 324 49.33 -4.51 15.58
N LEU B 325 49.99 -4.82 16.71
CA LEU B 325 50.58 -3.81 17.60
C LEU B 325 49.56 -2.85 18.24
N GLY B 326 48.25 -3.15 18.23
CA GLY B 326 47.25 -2.17 18.64
C GLY B 326 47.16 -0.89 17.79
N ALA B 327 47.68 -0.92 16.57
CA ALA B 327 47.76 0.24 15.75
C ALA B 327 46.39 0.57 15.11
N LEU B 328 45.50 -0.43 15.04
CA LEU B 328 44.15 -0.23 14.48
C LEU B 328 43.08 0.16 15.52
N GLY B 329 43.54 0.54 16.71
CA GLY B 329 42.62 0.92 17.73
C GLY B 329 42.41 -0.27 18.61
N ASP B 330 42.16 0.03 19.87
CA ASP B 330 42.07 -0.98 20.83
C ASP B 330 41.13 -0.36 21.84
N PHE B 331 39.84 -0.34 21.49
CA PHE B 331 38.83 0.44 22.20
C PHE B 331 38.13 -0.27 23.33
N TRP B 332 38.31 -1.58 23.43
CA TRP B 332 37.64 -2.35 24.44
C TRP B 332 38.67 -2.97 25.32
N GLY B 333 38.58 -4.28 25.60
CA GLY B 333 39.44 -4.90 26.55
C GLY B 333 39.37 -4.22 27.93
N ALA B 334 40.53 -3.80 28.42
CA ALA B 334 40.58 -3.23 29.76
C ALA B 334 39.75 -1.99 29.84
N THR B 335 39.66 -1.25 28.74
CA THR B 335 38.79 -0.08 28.66
C THR B 335 37.37 -0.48 28.93
N LEU B 336 36.96 -1.63 28.37
CA LEU B 336 35.58 -2.09 28.49
C LEU B 336 35.25 -2.60 29.90
N VAL B 337 36.19 -3.29 30.52
CA VAL B 337 36.08 -3.59 31.94
C VAL B 337 35.79 -2.29 32.75
N GLU B 338 36.58 -1.24 32.47
CA GLU B 338 36.48 -0.01 33.28
C GLU B 338 35.16 0.69 33.01
N LEU B 339 34.70 0.72 31.75
CA LEU B 339 33.36 1.23 31.39
C LEU B 339 32.19 0.47 32.00
N ILE B 340 32.31 -0.85 32.17
CA ILE B 340 31.23 -1.65 32.77
C ILE B 340 31.19 -1.34 34.28
N ASN B 341 32.36 -1.35 34.91
CA ASN B 341 32.43 -1.29 36.36
C ASN B 341 32.11 0.09 36.86
N ASN B 342 32.47 1.12 36.11
CA ASN B 342 32.07 2.49 36.47
C ASN B 342 30.67 2.85 35.94
N GLY B 343 29.92 1.84 35.49
CA GLY B 343 28.50 1.99 35.24
C GLY B 343 28.04 2.67 33.96
N THR B 344 28.94 2.97 33.01
CA THR B 344 28.56 3.74 31.78
C THR B 344 28.23 2.86 30.55
N VAL B 345 28.56 1.57 30.63
CA VAL B 345 28.10 0.53 29.67
C VAL B 345 27.47 -0.59 30.48
N SER B 346 26.26 -0.99 30.10
CA SER B 346 25.53 -2.05 30.73
C SER B 346 26.24 -3.37 30.62
N GLU B 347 26.40 -4.06 31.74
CA GLU B 347 26.97 -5.38 31.77
C GLU B 347 26.10 -6.39 30.99
N ASP B 348 24.79 -6.29 31.15
CA ASP B 348 23.84 -7.20 30.48
C ASP B 348 23.91 -7.07 28.94
N LEU B 349 24.05 -5.84 28.47
CA LEU B 349 24.34 -5.56 27.05
C LEU B 349 25.61 -6.33 26.57
N VAL B 350 26.64 -6.41 27.42
CA VAL B 350 27.88 -7.09 27.11
C VAL B 350 27.77 -8.60 27.27
N ARG B 351 26.92 -9.08 28.17
CA ARG B 351 26.69 -10.51 28.22
C ARG B 351 26.06 -10.97 26.89
N ASP B 352 25.25 -10.13 26.27
CA ASP B 352 24.58 -10.53 25.02
C ASP B 352 25.58 -10.73 23.89
N LYS B 353 26.55 -9.81 23.84
CA LYS B 353 27.70 -9.89 22.94
C LYS B 353 28.45 -11.21 23.06
N ALA B 354 28.71 -11.61 24.29
CA ALA B 354 29.31 -12.92 24.52
C ALA B 354 28.42 -14.10 24.16
N VAL B 355 27.12 -14.03 24.43
CA VAL B 355 26.21 -15.12 24.01
C VAL B 355 26.28 -15.35 22.48
N ARG B 356 26.26 -14.26 21.73
CA ARG B 356 26.38 -14.28 20.28
C ARG B 356 27.70 -14.83 19.75
N ILE B 357 28.79 -14.69 20.48
CA ILE B 357 30.08 -15.22 20.04
C ILE B 357 30.11 -16.71 20.31
N LEU B 358 29.64 -17.10 21.49
CA LEU B 358 29.66 -18.52 21.90
C LEU B 358 28.65 -19.43 21.21
N THR B 359 27.59 -18.86 20.66
CA THR B 359 26.52 -19.62 20.04
C THR B 359 27.14 -20.41 18.86
N GLY B 360 27.95 -19.72 18.07
CA GLY B 360 28.71 -20.33 16.98
C GLY B 360 29.62 -21.51 17.42
N TYR B 361 30.41 -21.28 18.45
CA TYR B 361 31.22 -22.29 19.04
C TYR B 361 30.45 -23.59 19.35
N TYR B 362 29.30 -23.45 20.04
CA TYR B 362 28.53 -24.61 20.41
C TYR B 362 27.77 -25.22 19.21
N TYR B 363 27.32 -24.37 18.31
CA TYR B 363 26.52 -24.88 17.21
C TYR B 363 27.36 -25.85 16.30
N LEU B 364 28.57 -25.40 16.02
CA LEU B 364 29.50 -26.10 15.15
C LEU B 364 30.27 -27.15 15.91
N GLY B 365 30.06 -27.29 17.22
CA GLY B 365 30.58 -28.44 17.94
C GLY B 365 32.09 -28.32 18.05
N GLN B 366 32.58 -27.09 18.15
CA GLN B 366 34.02 -26.83 18.33
C GLN B 366 34.49 -27.21 19.71
N ASP B 367 33.57 -27.36 20.67
CA ASP B 367 33.91 -27.89 22.01
C ASP B 367 34.13 -29.41 22.04
N THR B 368 33.24 -30.18 21.36
CA THR B 368 33.27 -31.64 21.35
C THR B 368 34.12 -32.25 20.19
N ASN B 369 34.38 -31.42 19.19
CA ASN B 369 35.33 -31.71 18.13
C ASN B 369 36.21 -30.47 17.84
N PRO B 370 37.21 -30.20 18.68
CA PRO B 370 37.97 -28.96 18.51
C PRO B 370 38.72 -28.92 17.19
N PRO B 371 38.81 -27.77 16.56
CA PRO B 371 39.80 -27.74 15.43
C PRO B 371 41.28 -28.05 15.87
N PRO B 372 42.11 -28.57 14.97
CA PRO B 372 43.50 -28.76 15.37
C PRO B 372 44.22 -27.41 15.56
N PRO B 373 45.39 -27.41 16.21
CA PRO B 373 46.21 -26.21 16.36
C PRO B 373 46.46 -25.50 15.00
N PHE B 374 46.32 -24.16 14.98
CA PHE B 374 46.69 -23.36 13.81
C PHE B 374 48.20 -23.14 13.89
N VAL B 375 48.96 -23.51 12.84
CA VAL B 375 50.46 -23.57 13.00
C VAL B 375 51.29 -22.50 12.23
N TYR B 376 50.64 -21.68 11.41
CA TYR B 376 51.34 -20.70 10.58
C TYR B 376 51.28 -19.29 11.13
N ASN B 377 52.39 -18.58 11.06
CA ASN B 377 52.44 -17.16 11.36
C ASN B 377 51.90 -16.35 10.19
N THR B 378 50.67 -15.87 10.26
CA THR B 378 50.08 -15.21 9.11
C THR B 378 50.09 -13.72 9.13
N ILE B 379 50.69 -13.17 10.17
CA ILE B 379 50.81 -11.74 10.41
C ILE B 379 52.16 -11.26 9.87
N GLY B 380 53.23 -11.97 10.19
CA GLY B 380 54.48 -11.85 9.50
C GLY B 380 55.38 -11.01 10.40
N ALA B 381 56.67 -11.29 10.33
CA ALA B 381 57.69 -10.54 11.09
C ALA B 381 58.00 -9.22 10.39
N PRO B 382 58.32 -8.12 11.09
CA PRO B 382 58.54 -7.99 12.52
C PRO B 382 57.30 -7.64 13.34
N THR B 383 56.12 -7.53 12.75
CA THR B 383 54.85 -7.40 13.54
C THR B 383 54.62 -8.52 14.56
N LEU B 384 54.83 -9.76 14.14
CA LEU B 384 54.81 -10.93 15.02
C LEU B 384 56.01 -11.84 14.70
N ASN B 385 56.86 -12.05 15.70
CA ASN B 385 58.05 -12.88 15.57
C ASN B 385 57.61 -14.17 16.20
N ALA B 386 57.33 -15.14 15.37
CA ALA B 386 56.88 -16.46 15.82
C ALA B 386 57.16 -17.38 14.67
N THR B 387 57.63 -18.56 14.97
CA THR B 387 57.97 -19.54 13.94
C THR B 387 56.67 -20.18 13.41
N SER B 388 56.72 -20.69 12.20
CA SER B 388 55.59 -21.47 11.64
C SER B 388 55.93 -22.95 11.65
N GLY B 389 54.93 -23.78 11.88
CA GLY B 389 55.06 -25.21 11.60
C GLY B 389 54.68 -25.48 10.13
N TYR B 390 54.20 -26.66 9.87
CA TYR B 390 53.84 -27.06 8.52
C TYR B 390 52.74 -28.13 8.60
N ARG B 391 51.68 -27.96 7.84
CA ARG B 391 50.68 -29.02 7.66
C ARG B 391 50.10 -28.98 6.26
N ASN B 392 49.93 -30.15 5.67
CA ASN B 392 49.35 -30.26 4.37
C ASN B 392 47.94 -30.72 4.44
N VAL B 393 47.02 -29.90 3.91
CA VAL B 393 45.59 -30.18 4.04
C VAL B 393 44.93 -30.40 2.68
N ARG B 394 45.74 -30.39 1.63
CA ARG B 394 45.25 -30.58 0.26
C ARG B 394 44.73 -32.02 0.12
N LYS B 395 43.47 -32.17 -0.23
CA LYS B 395 42.85 -33.48 -0.37
C LYS B 395 42.66 -33.87 -1.81
N PRO B 396 42.54 -35.17 -2.04
CA PRO B 396 42.26 -35.60 -3.42
C PRO B 396 40.85 -35.08 -3.79
N GLY B 397 40.77 -34.58 -5.00
CA GLY B 397 39.57 -34.01 -5.48
C GLY B 397 39.65 -32.51 -5.60
N THR B 398 40.46 -31.86 -4.76
CA THR B 398 40.40 -30.42 -4.74
C THR B 398 40.92 -29.80 -6.03
N ALA B 399 42.09 -30.27 -6.48
CA ALA B 399 42.66 -29.79 -7.70
C ALA B 399 41.66 -29.92 -8.90
N GLU B 400 40.95 -31.03 -8.92
CA GLU B 400 40.02 -31.33 -9.99
C GLU B 400 38.78 -30.41 -9.93
N LEU B 401 38.26 -30.22 -8.73
CA LEU B 401 37.30 -29.11 -8.48
C LEU B 401 37.69 -27.69 -8.92
N ILE B 402 38.92 -27.25 -8.62
CA ILE B 402 39.41 -25.94 -9.01
C ILE B 402 39.50 -25.83 -10.53
N LYS B 403 40.03 -26.86 -11.14
CA LYS B 403 40.03 -26.95 -12.59
C LYS B 403 38.58 -26.89 -13.22
N GLU B 404 37.66 -27.61 -12.64
CA GLU B 404 36.27 -27.64 -13.10
C GLU B 404 35.61 -26.26 -13.02
N ILE B 405 35.85 -25.53 -11.92
CA ILE B 405 35.33 -24.20 -11.80
C ILE B 405 35.88 -23.34 -12.91
N GLY B 406 37.19 -23.50 -13.22
CA GLY B 406 37.85 -22.76 -14.24
C GLY B 406 37.23 -22.97 -15.59
N SER B 407 37.04 -24.23 -15.89
CA SER B 407 36.48 -24.65 -17.18
C SER B 407 35.06 -24.22 -17.32
N ALA B 408 34.37 -24.13 -16.20
CA ALA B 408 32.92 -23.74 -16.19
C ALA B 408 32.66 -22.26 -16.22
N SER B 409 33.71 -21.46 -15.95
CA SER B 409 33.54 -20.02 -15.92
C SER B 409 34.08 -19.31 -17.12
N VAL B 410 35.12 -19.82 -17.74
CA VAL B 410 35.74 -19.04 -18.81
C VAL B 410 34.65 -18.59 -19.77
N THR B 411 34.69 -17.31 -20.09
CA THR B 411 33.60 -16.71 -20.82
C THR B 411 34.06 -16.23 -22.16
N LEU B 412 33.35 -16.70 -23.20
CA LEU B 412 33.71 -16.43 -24.56
C LEU B 412 32.91 -15.23 -25.01
N LEU B 413 33.59 -14.16 -25.38
CA LEU B 413 32.96 -12.86 -25.72
C LEU B 413 32.92 -12.52 -27.18
N LYS B 414 33.91 -12.97 -27.93
CA LYS B 414 33.93 -12.80 -29.38
C LYS B 414 34.49 -14.09 -29.98
N ASN B 415 33.89 -14.57 -31.06
CA ASN B 415 34.49 -15.64 -31.82
C ASN B 415 34.02 -15.58 -33.24
N THR B 416 34.96 -15.34 -34.12
CA THR B 416 34.74 -15.04 -35.52
C THR B 416 34.89 -16.33 -36.35
N GLY B 417 35.20 -17.44 -35.68
CA GLY B 417 35.38 -18.72 -36.29
C GLY B 417 36.69 -19.42 -35.95
N SER B 418 37.56 -18.83 -35.14
CA SER B 418 38.88 -19.40 -34.92
C SER B 418 38.82 -20.44 -33.83
N LEU B 419 37.84 -20.39 -32.95
CA LEU B 419 37.66 -21.43 -31.91
C LEU B 419 36.47 -22.29 -32.13
N PRO B 420 36.49 -23.56 -31.68
CA PRO B 420 37.62 -24.24 -31.07
C PRO B 420 38.77 -24.49 -32.01
N LEU B 421 39.97 -24.55 -31.47
CA LEU B 421 41.15 -24.88 -32.27
C LEU B 421 40.99 -26.32 -32.75
N LYS B 422 41.56 -26.59 -33.90
CA LYS B 422 41.64 -27.96 -34.39
C LYS B 422 43.01 -28.55 -33.93
N HIS B 423 44.05 -28.46 -34.75
CA HIS B 423 45.36 -28.99 -34.43
C HIS B 423 46.42 -28.04 -35.01
N PRO B 424 46.46 -26.79 -34.58
CA PRO B 424 47.37 -25.85 -35.28
C PRO B 424 48.85 -26.27 -35.07
N GLN B 425 49.66 -26.11 -36.10
CA GLN B 425 51.04 -26.65 -36.07
C GLN B 425 52.08 -25.66 -35.59
N ARG B 426 51.77 -24.36 -35.67
CA ARG B 426 52.72 -23.33 -35.28
C ARG B 426 52.03 -22.29 -34.39
N ILE B 427 52.42 -22.23 -33.11
CA ILE B 427 51.61 -21.48 -32.15
C ILE B 427 52.48 -20.44 -31.52
N ALA B 428 51.99 -19.21 -31.46
CA ALA B 428 52.70 -18.16 -30.72
C ALA B 428 51.94 -17.77 -29.49
N VAL B 429 52.68 -17.35 -28.46
CA VAL B 429 52.06 -17.00 -27.21
C VAL B 429 52.69 -15.71 -26.74
N LEU B 430 51.89 -14.76 -26.32
CA LEU B 430 52.41 -13.47 -25.89
C LEU B 430 51.91 -13.15 -24.49
N GLY B 431 52.80 -12.60 -23.67
CA GLY B 431 52.42 -11.89 -22.48
C GLY B 431 52.95 -12.56 -21.27
N ASN B 432 53.41 -11.77 -20.30
CA ASN B 432 53.95 -12.40 -19.10
C ASN B 432 52.83 -13.11 -18.30
N ASP B 433 51.56 -12.73 -18.55
CA ASP B 433 50.45 -13.48 -18.04
C ASP B 433 50.35 -14.98 -18.42
N ALA B 434 51.10 -15.43 -19.43
CA ALA B 434 51.13 -16.82 -19.85
C ALA B 434 52.01 -17.69 -18.97
N THR B 435 52.89 -17.08 -18.17
CA THR B 435 53.88 -17.80 -17.43
C THR B 435 53.95 -17.40 -15.93
N TYR B 436 54.96 -17.88 -15.24
CA TYR B 436 55.15 -17.64 -13.82
C TYR B 436 55.50 -16.21 -13.46
N ASN B 437 55.09 -15.80 -12.26
CA ASN B 437 55.78 -14.75 -11.56
C ASN B 437 57.28 -15.03 -11.60
N VAL B 438 58.07 -14.10 -12.12
CA VAL B 438 59.53 -14.24 -12.20
C VAL B 438 60.20 -14.44 -10.82
N LEU B 439 59.53 -14.13 -9.73
CA LEU B 439 60.05 -14.32 -8.36
C LEU B 439 59.45 -15.45 -7.56
N GLY B 440 58.57 -16.21 -8.19
CA GLY B 440 57.86 -17.26 -7.49
C GLY B 440 56.39 -16.92 -7.30
N PRO B 441 55.54 -17.94 -7.30
CA PRO B 441 54.11 -17.69 -7.28
C PRO B 441 53.68 -16.89 -6.06
N ASN B 442 54.39 -17.07 -4.94
CA ASN B 442 54.07 -16.43 -3.65
C ASN B 442 55.00 -15.33 -3.33
N ALA B 443 55.78 -14.86 -4.29
CA ALA B 443 56.71 -13.76 -4.10
C ALA B 443 56.06 -12.48 -3.60
N CYS B 444 54.77 -12.27 -3.88
CA CYS B 444 54.16 -11.01 -3.47
C CYS B 444 53.73 -11.00 -1.99
N GLY B 445 53.99 -12.09 -1.30
CA GLY B 445 53.86 -12.19 0.15
C GLY B 445 52.47 -12.52 0.59
N LEU B 446 52.27 -12.28 1.86
CA LEU B 446 51.13 -12.78 2.56
C LEU B 446 49.79 -12.27 2.08
N ALA B 447 49.73 -11.09 1.43
CA ALA B 447 48.49 -10.59 0.87
C ALA B 447 48.55 -10.34 -0.65
N ASN B 448 49.53 -10.99 -1.31
CA ASN B 448 49.71 -10.84 -2.73
C ASN B 448 49.75 -9.40 -3.22
N SER B 449 50.47 -8.53 -2.50
CA SER B 449 50.45 -7.12 -2.83
C SER B 449 51.80 -6.41 -2.64
N ALA B 450 52.84 -7.20 -2.33
CA ALA B 450 54.12 -6.59 -1.99
C ALA B 450 55.14 -6.63 -3.12
N CYS B 451 54.85 -7.13 -4.33
CA CYS B 451 55.86 -7.12 -5.40
C CYS B 451 55.96 -5.68 -5.92
N ASP B 452 57.09 -5.35 -6.52
CA ASP B 452 57.31 -4.00 -7.11
C ASP B 452 56.25 -3.63 -8.18
N ILE B 453 55.92 -2.33 -8.29
CA ILE B 453 54.94 -1.84 -9.29
C ILE B 453 55.19 -2.35 -10.73
N ASP B 454 56.44 -2.54 -11.14
CA ASP B 454 56.72 -3.09 -12.49
C ASP B 454 57.04 -4.60 -12.58
N ASN B 455 56.99 -5.34 -11.47
CA ASN B 455 57.31 -6.78 -11.52
C ASN B 455 56.42 -7.55 -12.46
N LEU B 456 57.00 -8.57 -13.09
CA LEU B 456 56.28 -9.46 -13.99
C LEU B 456 55.67 -10.57 -13.14
N ASN B 457 54.40 -10.34 -12.78
CA ASN B 457 53.74 -11.14 -11.82
C ASN B 457 53.21 -12.47 -12.35
N GLY B 458 53.31 -12.68 -13.65
CA GLY B 458 52.81 -13.90 -14.21
C GLY B 458 51.29 -13.95 -14.21
N THR B 459 50.77 -15.17 -14.39
CA THR B 459 49.35 -15.43 -14.51
C THR B 459 48.59 -14.84 -13.34
N LEU B 460 47.57 -14.02 -13.62
CA LEU B 460 46.82 -13.40 -12.53
C LEU B 460 45.82 -14.39 -12.03
N THR B 461 46.16 -15.14 -10.98
CA THR B 461 45.25 -16.20 -10.50
C THR B 461 44.33 -15.76 -9.31
N THR B 462 44.69 -14.66 -8.65
CA THR B 462 43.89 -14.10 -7.60
C THR B 462 44.26 -12.56 -7.51
N GLY B 463 43.49 -11.76 -6.79
CA GLY B 463 43.73 -10.31 -6.75
C GLY B 463 44.57 -10.00 -5.51
N GLY B 464 44.84 -8.72 -5.27
CA GLY B 464 45.58 -8.35 -4.04
C GLY B 464 44.76 -8.11 -2.78
N GLY B 465 45.32 -8.44 -1.63
CA GLY B 465 44.67 -8.13 -0.38
C GLY B 465 44.35 -9.28 0.53
N SER B 466 43.56 -8.98 1.55
CA SER B 466 43.22 -9.92 2.60
C SER B 466 42.38 -11.11 2.02
N GLY B 467 41.82 -10.95 0.83
CA GLY B 467 41.10 -12.05 0.08
C GLY B 467 41.89 -13.01 -0.83
N SER B 468 43.21 -12.90 -0.81
CA SER B 468 44.12 -13.75 -1.58
C SER B 468 44.48 -14.96 -0.74
N ALA B 469 45.25 -15.87 -1.33
CA ALA B 469 45.79 -17.04 -0.65
C ALA B 469 47.04 -17.44 -1.40
N LEU B 470 47.85 -18.26 -0.75
CA LEU B 470 49.09 -18.71 -1.37
C LEU B 470 48.76 -19.85 -2.30
N SER B 471 49.72 -20.11 -3.16
CA SER B 471 49.61 -21.17 -4.14
C SER B 471 50.73 -22.19 -3.91
N PRO B 472 50.41 -23.50 -3.96
CA PRO B 472 51.42 -24.52 -3.99
C PRO B 472 52.17 -24.58 -5.29
N TYR B 473 51.52 -24.16 -6.36
CA TYR B 473 52.11 -24.13 -7.70
C TYR B 473 51.22 -23.27 -8.59
N THR B 474 51.70 -22.83 -9.76
CA THR B 474 50.76 -22.38 -10.78
C THR B 474 50.85 -23.16 -12.07
N ILE B 475 49.71 -23.69 -12.54
CA ILE B 475 49.64 -24.36 -13.83
C ILE B 475 49.38 -23.25 -14.86
N THR B 476 50.42 -22.93 -15.59
CA THR B 476 50.49 -21.71 -16.38
C THR B 476 49.84 -22.05 -17.71
N PRO B 477 49.27 -21.01 -18.36
CA PRO B 477 48.71 -21.22 -19.73
C PRO B 477 49.73 -21.72 -20.71
N LEU B 478 50.97 -21.25 -20.61
CA LEU B 478 51.97 -21.71 -21.57
C LEU B 478 52.25 -23.22 -21.41
N GLU B 479 52.39 -23.68 -20.18
CA GLU B 479 52.63 -25.12 -19.89
C GLU B 479 51.52 -25.98 -20.51
N ALA B 480 50.29 -25.57 -20.33
CA ALA B 480 49.14 -26.36 -20.74
C ALA B 480 48.99 -26.31 -22.27
N LEU B 481 49.26 -25.14 -22.88
CA LEU B 481 49.27 -25.05 -24.33
C LEU B 481 50.39 -25.92 -24.89
N GLN B 482 51.55 -25.90 -24.29
CA GLN B 482 52.67 -26.65 -24.84
C GLN B 482 52.38 -28.15 -24.76
N LYS B 483 51.74 -28.59 -23.68
CA LYS B 483 51.38 -30.01 -23.56
C LYS B 483 50.50 -30.47 -24.73
N ARG B 484 49.61 -29.57 -25.10
CA ARG B 484 48.73 -29.81 -26.21
C ARG B 484 49.49 -29.71 -27.50
N ALA B 485 50.36 -28.74 -27.64
CA ALA B 485 51.17 -28.60 -28.87
C ALA B 485 51.98 -29.85 -29.12
N ILE B 486 52.57 -30.38 -28.06
CA ILE B 486 53.37 -31.61 -28.14
C ILE B 486 52.55 -32.82 -28.61
N GLU B 487 51.35 -33.01 -28.11
CA GLU B 487 50.49 -34.13 -28.58
C GLU B 487 50.18 -34.01 -30.07
N ASP B 488 50.13 -32.78 -30.61
CA ASP B 488 49.86 -32.54 -32.05
C ASP B 488 51.10 -32.41 -32.93
N ASN B 489 52.29 -32.67 -32.36
CA ASN B 489 53.58 -32.63 -33.04
C ASN B 489 53.83 -31.25 -33.58
N ALA B 490 53.38 -30.25 -32.82
CA ALA B 490 53.34 -28.86 -33.21
C ALA B 490 54.54 -28.19 -32.55
N GLU B 491 54.82 -26.97 -32.97
CA GLU B 491 55.83 -26.12 -32.32
C GLU B 491 55.12 -24.94 -31.64
N ILE B 492 55.70 -24.47 -30.53
CA ILE B 492 55.14 -23.40 -29.74
C ILE B 492 56.25 -22.58 -29.15
N ALA B 493 56.04 -21.27 -29.19
CA ALA B 493 57.02 -20.29 -28.66
C ALA B 493 56.29 -19.12 -28.00
N ALA B 494 56.85 -18.62 -26.90
CA ALA B 494 56.25 -17.55 -26.13
C ALA B 494 57.21 -16.42 -25.90
N VAL B 495 56.71 -15.18 -26.09
CA VAL B 495 57.40 -14.01 -25.64
C VAL B 495 56.71 -13.52 -24.33
N VAL B 496 57.41 -13.58 -23.22
CA VAL B 496 56.81 -13.32 -21.93
C VAL B 496 57.48 -12.19 -21.22
N ALA B 497 58.39 -11.53 -21.92
CA ALA B 497 59.04 -10.34 -21.36
C ALA B 497 58.07 -9.13 -21.46
N ASN B 498 58.47 -8.07 -20.79
CA ASN B 498 57.82 -6.78 -20.95
C ASN B 498 58.17 -6.21 -22.35
N SER B 499 57.20 -6.16 -23.23
CA SER B 499 57.43 -5.81 -24.62
C SER B 499 57.90 -4.36 -24.84
N ASN B 500 57.68 -3.48 -23.83
CA ASN B 500 58.13 -2.09 -23.88
C ASN B 500 59.59 -1.93 -23.45
N THR B 501 60.00 -2.65 -22.42
CA THR B 501 61.27 -2.40 -21.74
C THR B 501 62.34 -3.48 -21.90
N THR B 502 62.09 -4.61 -22.58
CA THR B 502 63.18 -5.59 -22.64
C THR B 502 63.81 -5.50 -23.99
N THR B 503 65.12 -5.33 -24.02
CA THR B 503 65.81 -5.17 -25.29
C THR B 503 65.52 -6.38 -26.18
N GLY B 504 65.08 -6.13 -27.41
CA GLY B 504 64.81 -7.22 -28.38
C GLY B 504 63.40 -7.77 -28.41
N ALA B 505 62.54 -7.38 -27.48
CA ALA B 505 61.26 -8.06 -27.34
C ALA B 505 60.34 -7.77 -28.50
N GLU B 506 60.29 -6.49 -28.85
CA GLU B 506 59.49 -6.06 -29.97
C GLU B 506 59.92 -6.76 -31.27
N ASP B 507 61.24 -6.83 -31.52
CA ASP B 507 61.74 -7.52 -32.73
C ASP B 507 61.45 -9.06 -32.64
N ALA B 508 61.50 -9.63 -31.43
CA ALA B 508 61.25 -11.06 -31.29
C ALA B 508 59.80 -11.36 -31.67
N ILE B 509 58.90 -10.43 -31.31
CA ILE B 509 57.49 -10.57 -31.59
C ILE B 509 57.21 -10.47 -33.08
N ALA B 510 57.79 -9.46 -33.70
CA ALA B 510 57.68 -9.20 -35.13
C ALA B 510 58.24 -10.37 -35.93
N ALA B 511 59.33 -11.00 -35.47
CA ALA B 511 59.89 -12.16 -36.22
C ALA B 511 59.10 -13.47 -36.00
N LEU B 512 58.36 -13.58 -34.90
CA LEU B 512 57.65 -14.84 -34.49
C LEU B 512 56.26 -14.95 -35.06
N LEU B 513 55.51 -13.87 -34.95
CA LEU B 513 54.09 -13.88 -35.25
C LEU B 513 53.60 -14.16 -36.72
N PRO B 514 54.27 -13.64 -37.76
CA PRO B 514 53.80 -13.80 -39.12
C PRO B 514 53.56 -15.22 -39.54
N ASP B 515 54.39 -16.15 -39.11
CA ASP B 515 54.21 -17.54 -39.54
C ASP B 515 53.41 -18.41 -38.55
N ALA B 516 52.98 -17.85 -37.41
CA ALA B 516 52.16 -18.62 -36.51
C ALA B 516 50.75 -18.85 -37.09
N ASP B 517 50.22 -20.05 -36.92
CA ASP B 517 48.82 -20.38 -37.32
C ASP B 517 47.79 -19.66 -36.42
N VAL B 518 48.12 -19.55 -35.15
CA VAL B 518 47.34 -18.84 -34.17
C VAL B 518 48.30 -18.07 -33.19
N THR B 519 47.88 -16.94 -32.69
CA THR B 519 48.67 -16.21 -31.71
C THR B 519 47.78 -15.97 -30.49
N PHE B 520 48.12 -16.55 -29.34
CA PHE B 520 47.42 -16.28 -28.07
C PHE B 520 48.07 -15.10 -27.43
N VAL B 521 47.26 -14.09 -27.03
CA VAL B 521 47.73 -13.04 -26.18
C VAL B 521 47.06 -13.12 -24.81
N PHE B 522 47.86 -13.28 -23.77
CA PHE B 522 47.44 -13.25 -22.39
C PHE B 522 47.62 -11.86 -21.77
N LEU B 523 46.55 -11.29 -21.24
CA LEU B 523 46.57 -9.96 -20.67
C LEU B 523 46.08 -10.07 -19.28
N ASN B 524 46.45 -9.11 -18.45
CA ASN B 524 45.85 -9.07 -17.15
C ASN B 524 45.64 -7.70 -16.54
N ARG B 525 44.94 -7.67 -15.42
CA ARG B 525 44.70 -6.40 -14.74
C ARG B 525 44.56 -6.65 -13.24
N TYR B 526 45.68 -6.56 -12.55
CA TYR B 526 45.70 -6.69 -11.12
C TYR B 526 44.96 -5.51 -10.45
N SER B 527 44.28 -5.80 -9.38
CA SER B 527 43.76 -4.74 -8.48
C SER B 527 43.80 -5.34 -7.10
N GLU B 528 43.62 -4.49 -6.08
CA GLU B 528 43.86 -4.88 -4.72
C GLU B 528 42.98 -4.09 -3.77
N GLU B 529 42.71 -4.67 -2.60
CA GLU B 529 42.06 -3.93 -1.53
C GLU B 529 42.88 -2.65 -1.16
N GLY B 530 42.16 -1.58 -0.84
CA GLY B 530 42.78 -0.32 -0.41
C GLY B 530 42.92 0.73 -1.48
N ALA B 531 42.69 0.39 -2.73
CA ALA B 531 42.69 1.40 -3.77
C ALA B 531 41.66 0.93 -4.76
N ASP B 532 40.99 1.87 -5.43
CA ASP B 532 40.20 1.56 -6.65
C ASP B 532 41.05 1.69 -7.90
N ALA B 533 40.67 1.01 -9.01
CA ALA B 533 41.41 1.14 -10.24
C ALA B 533 41.10 2.56 -10.70
N PRO B 534 42.10 3.28 -11.26
CA PRO B 534 41.87 4.66 -11.71
C PRO B 534 41.05 4.73 -13.00
N ASP B 535 41.14 3.69 -13.84
CA ASP B 535 40.35 3.58 -15.08
C ASP B 535 40.32 2.11 -15.52
N PHE B 536 39.86 1.83 -16.74
CA PHE B 536 39.77 0.47 -17.25
C PHE B 536 41.01 -0.02 -17.97
N SER B 537 42.17 0.64 -17.80
CA SER B 537 43.34 0.28 -18.57
C SER B 537 43.95 -1.08 -18.18
N LEU B 538 44.34 -1.85 -19.21
CA LEU B 538 45.09 -3.10 -18.98
C LEU B 538 46.31 -2.92 -18.12
N GLY B 539 46.66 -3.95 -17.37
CA GLY B 539 47.87 -3.87 -16.59
C GLY B 539 49.09 -4.08 -17.45
N GLY B 540 50.21 -3.61 -16.91
CA GLY B 540 51.53 -3.77 -17.51
C GLY B 540 51.61 -3.21 -18.91
N ASP B 541 52.28 -3.95 -19.78
CA ASP B 541 52.40 -3.59 -21.17
C ASP B 541 51.25 -4.13 -22.04
N GLY B 542 50.10 -4.51 -21.48
CA GLY B 542 49.06 -5.17 -22.32
C GLY B 542 48.55 -4.40 -23.57
N ASP B 543 48.40 -3.08 -23.45
CA ASP B 543 48.07 -2.20 -24.58
C ASP B 543 49.10 -2.34 -25.71
N ASN B 544 50.35 -2.26 -25.34
CA ASN B 544 51.47 -2.47 -26.29
C ASN B 544 51.39 -3.85 -26.93
N LEU B 545 51.24 -4.89 -26.11
CA LEU B 545 51.19 -6.27 -26.61
C LEU B 545 50.08 -6.44 -27.63
N MET B 546 48.95 -5.79 -27.42
CA MET B 546 47.82 -5.87 -28.35
C MET B 546 48.04 -5.18 -29.65
N ASP B 547 48.63 -4.00 -29.59
CA ASP B 547 49.05 -3.23 -30.77
C ASP B 547 50.06 -4.02 -31.63
N LEU B 548 51.07 -4.64 -31.02
CA LEU B 548 52.03 -5.50 -31.75
C LEU B 548 51.35 -6.74 -32.28
N ALA B 549 50.41 -7.32 -31.53
CA ALA B 549 49.84 -8.54 -31.98
C ALA B 549 49.01 -8.38 -33.26
N VAL B 550 48.14 -7.37 -33.28
CA VAL B 550 47.28 -7.15 -34.46
C VAL B 550 48.05 -6.61 -35.63
N THR B 551 49.25 -6.11 -35.42
CA THR B 551 50.09 -5.69 -36.52
C THR B 551 50.66 -6.83 -37.29
N TYR B 552 50.96 -7.94 -36.61
CA TYR B 552 51.75 -9.04 -37.19
C TYR B 552 51.01 -10.36 -37.34
N SER B 553 49.75 -10.45 -36.90
CA SER B 553 48.98 -11.70 -36.98
C SER B 553 47.52 -11.44 -37.28
N SER B 554 46.93 -12.25 -38.16
CA SER B 554 45.51 -12.21 -38.43
C SER B 554 44.65 -13.25 -37.72
N ASN B 555 45.21 -13.91 -36.70
CA ASN B 555 44.47 -14.87 -35.92
C ASN B 555 44.91 -14.79 -34.47
N VAL B 556 44.48 -13.69 -33.82
CA VAL B 556 44.83 -13.38 -32.47
C VAL B 556 43.64 -13.80 -31.61
N VAL B 557 43.93 -14.67 -30.67
CA VAL B 557 43.01 -15.08 -29.62
C VAL B 557 43.47 -14.41 -28.31
N VAL B 558 42.53 -13.73 -27.65
CA VAL B 558 42.86 -12.94 -26.51
C VAL B 558 42.23 -13.53 -25.28
N VAL B 559 43.04 -13.71 -24.24
CA VAL B 559 42.54 -14.25 -23.01
C VAL B 559 42.94 -13.27 -21.88
N ILE B 560 41.96 -12.88 -21.08
CA ILE B 560 42.11 -11.93 -20.05
C ILE B 560 41.86 -12.58 -18.69
N HIS B 561 42.82 -12.43 -17.82
CA HIS B 561 42.71 -12.74 -16.44
C HIS B 561 42.59 -11.38 -15.71
N THR B 562 41.51 -11.17 -14.98
CA THR B 562 41.26 -9.84 -14.54
C THR B 562 40.36 -9.92 -13.33
N THR B 563 40.54 -8.89 -12.46
CA THR B 563 39.66 -8.69 -11.35
C THR B 563 38.39 -7.94 -11.73
N GLY B 564 38.32 -7.38 -12.94
CA GLY B 564 37.15 -6.57 -13.34
C GLY B 564 37.21 -6.19 -14.78
N VAL B 565 36.26 -5.37 -15.21
CA VAL B 565 36.18 -4.92 -16.61
C VAL B 565 37.42 -4.16 -17.01
N VAL B 566 37.83 -4.37 -18.26
CA VAL B 566 38.98 -3.68 -18.82
C VAL B 566 38.63 -3.04 -20.12
N ASP B 567 39.48 -2.13 -20.55
CA ASP B 567 39.22 -1.40 -21.75
C ASP B 567 39.89 -2.18 -22.91
N ILE B 568 39.06 -2.71 -23.78
CA ILE B 568 39.55 -3.34 -25.01
C ILE B 568 39.03 -2.67 -26.29
N GLU B 569 38.57 -1.43 -26.17
CA GLU B 569 37.95 -0.72 -27.29
C GLU B 569 38.85 -0.52 -28.49
N LYS B 570 40.15 -0.39 -28.26
CA LYS B 570 41.06 -0.20 -29.36
C LYS B 570 41.16 -1.42 -30.34
N TRP B 571 40.88 -2.65 -29.85
CA TRP B 571 41.15 -3.92 -30.57
C TRP B 571 39.91 -4.81 -30.74
N ALA B 572 38.88 -4.59 -29.95
CA ALA B 572 37.80 -5.54 -29.86
C ALA B 572 37.05 -5.74 -31.19
N ASP B 573 36.98 -4.69 -32.02
CA ASP B 573 36.37 -4.75 -33.33
C ASP B 573 37.40 -4.97 -34.47
N ASN B 574 38.70 -5.01 -34.17
CA ASN B 574 39.75 -5.34 -35.13
C ASN B 574 39.56 -6.79 -35.67
N PRO B 575 39.52 -6.96 -37.01
CA PRO B 575 39.18 -8.33 -37.44
C PRO B 575 40.35 -9.31 -37.26
N ASN B 576 41.54 -8.76 -37.01
CA ASN B 576 42.68 -9.64 -36.63
C ASN B 576 42.48 -10.37 -35.29
N VAL B 577 41.59 -9.85 -34.45
CA VAL B 577 41.26 -10.49 -33.17
C VAL B 577 40.06 -11.37 -33.42
N THR B 578 40.29 -12.68 -33.51
CA THR B 578 39.28 -13.60 -33.93
C THR B 578 38.52 -14.14 -32.74
N ALA B 579 39.09 -14.03 -31.53
CA ALA B 579 38.38 -14.47 -30.34
C ALA B 579 38.89 -13.79 -29.13
N ILE B 580 37.98 -13.57 -28.23
CA ILE B 580 38.20 -12.97 -26.93
C ILE B 580 37.50 -13.77 -25.85
N LEU B 581 38.26 -14.14 -24.81
CA LEU B 581 37.73 -14.85 -23.66
C LEU B 581 38.20 -14.18 -22.36
N VAL B 582 37.33 -14.17 -21.37
CA VAL B 582 37.70 -13.61 -20.09
C VAL B 582 37.70 -14.84 -19.14
N ALA B 583 38.82 -15.01 -18.42
CA ALA B 583 39.00 -16.12 -17.50
C ALA B 583 38.99 -15.69 -16.04
N TYR B 584 38.86 -14.39 -15.77
CA TYR B 584 38.65 -13.93 -14.36
C TYR B 584 39.92 -14.33 -13.57
N LEU B 585 39.72 -14.96 -12.42
CA LEU B 585 40.79 -15.29 -11.44
C LEU B 585 40.68 -16.77 -11.15
N PRO B 586 41.33 -17.61 -11.94
CA PRO B 586 41.14 -19.10 -11.84
C PRO B 586 41.80 -19.87 -10.71
N GLY B 587 42.59 -19.23 -9.84
CA GLY B 587 43.32 -20.02 -8.88
C GLY B 587 44.47 -20.82 -9.51
N GLN B 588 44.92 -21.83 -8.80
CA GLN B 588 46.14 -22.59 -9.17
C GLN B 588 46.02 -23.39 -10.51
N GLU B 589 44.81 -23.75 -10.93
CA GLU B 589 44.61 -24.54 -12.15
C GLU B 589 44.32 -23.64 -13.38
N ALA B 590 45.12 -22.63 -13.57
CA ALA B 590 44.83 -21.60 -14.58
C ALA B 590 44.85 -22.19 -16.03
N GLY B 591 45.99 -22.80 -16.39
CA GLY B 591 46.15 -23.34 -17.75
C GLY B 591 45.37 -24.58 -18.07
N ASN B 592 45.33 -25.52 -17.15
CA ASN B 592 44.72 -26.76 -17.47
C ASN B 592 43.17 -26.62 -17.52
N SER B 593 42.62 -25.57 -16.88
CA SER B 593 41.20 -25.26 -16.99
C SER B 593 40.83 -24.53 -18.31
N LEU B 594 41.75 -23.74 -18.86
CA LEU B 594 41.54 -22.95 -20.08
C LEU B 594 41.71 -23.73 -21.41
N VAL B 595 42.75 -24.56 -21.51
CA VAL B 595 43.12 -25.19 -22.74
C VAL B 595 42.09 -26.21 -23.29
N PRO B 596 41.44 -27.03 -22.44
CA PRO B 596 40.40 -27.92 -22.90
C PRO B 596 39.28 -27.17 -23.57
N VAL B 597 38.96 -25.98 -23.06
CA VAL B 597 37.95 -25.08 -23.67
C VAL B 597 38.43 -24.58 -25.04
N LEU B 598 39.67 -24.12 -25.10
CA LEU B 598 40.22 -23.59 -26.34
C LEU B 598 40.20 -24.59 -27.51
N TYR B 599 40.47 -25.87 -27.18
CA TYR B 599 40.64 -26.97 -28.13
C TYR B 599 39.35 -27.74 -28.34
N GLY B 600 38.30 -27.38 -27.62
CA GLY B 600 37.02 -27.97 -27.85
C GLY B 600 36.64 -29.20 -27.11
N ASP B 601 37.48 -29.69 -26.20
CA ASP B 601 37.17 -30.80 -25.33
C ASP B 601 35.91 -30.46 -24.60
N VAL B 602 35.75 -29.20 -24.22
CA VAL B 602 34.45 -28.73 -23.72
C VAL B 602 34.13 -27.35 -24.21
N ALA B 603 32.86 -27.10 -24.42
CA ALA B 603 32.43 -25.87 -24.97
C ALA B 603 32.37 -24.84 -23.77
N PRO B 604 32.70 -23.57 -24.03
CA PRO B 604 32.63 -22.54 -22.94
C PRO B 604 31.21 -22.41 -22.54
N SER B 605 31.01 -22.13 -21.29
CA SER B 605 29.67 -21.97 -20.76
C SER B 605 29.52 -20.88 -19.71
N GLY B 606 30.60 -20.23 -19.35
CA GLY B 606 30.53 -19.10 -18.44
C GLY B 606 29.83 -17.88 -19.07
N LYS B 607 29.15 -17.05 -18.27
CA LYS B 607 28.60 -15.76 -18.72
C LYS B 607 28.94 -14.63 -17.74
N LEU B 608 28.95 -13.41 -18.24
CA LEU B 608 29.44 -12.25 -17.46
C LEU B 608 28.59 -12.01 -16.21
N PRO B 609 29.25 -11.76 -15.06
CA PRO B 609 28.50 -11.55 -13.83
C PRO B 609 28.31 -10.10 -13.50
N TRP B 610 28.69 -9.26 -14.45
CA TRP B 610 28.49 -7.83 -14.45
C TRP B 610 28.47 -7.35 -15.88
N THR B 611 28.16 -6.06 -16.04
CA THR B 611 28.11 -5.41 -17.34
C THR B 611 29.49 -4.86 -17.73
N TRP B 612 29.80 -5.01 -19.01
CA TRP B 612 31.00 -4.54 -19.67
C TRP B 612 30.64 -3.44 -20.67
N GLY B 613 30.68 -2.22 -20.18
CA GLY B 613 30.36 -1.03 -20.93
C GLY B 613 31.57 -0.71 -21.76
N LYS B 614 31.32 0.11 -22.77
CA LYS B 614 32.34 0.60 -23.63
C LYS B 614 33.21 1.65 -22.98
N SER B 615 32.65 2.41 -22.05
CA SER B 615 33.38 3.50 -21.38
C SER B 615 33.00 3.48 -19.93
N ILE B 616 33.97 3.74 -19.08
CA ILE B 616 33.70 4.10 -17.71
C ILE B 616 32.56 5.18 -17.54
N ASP B 617 32.42 6.08 -18.47
CA ASP B 617 31.37 7.16 -18.41
C ASP B 617 29.93 6.69 -18.50
N ASP B 618 29.75 5.46 -19.00
CA ASP B 618 28.44 4.82 -19.12
C ASP B 618 27.87 4.28 -17.82
N TYR B 619 28.68 4.21 -16.77
CA TYR B 619 28.23 3.59 -15.55
C TYR B 619 27.60 4.63 -14.63
N VAL B 620 27.03 4.18 -13.51
CA VAL B 620 26.55 5.02 -12.40
C VAL B 620 27.53 6.18 -12.17
N PRO B 621 27.06 7.44 -12.30
CA PRO B 621 27.98 8.57 -12.00
C PRO B 621 28.46 8.65 -10.54
N ASN B 622 29.63 9.22 -10.34
CA ASN B 622 30.27 9.36 -9.02
C ASN B 622 30.46 8.02 -8.31
N GLY B 623 30.89 7.02 -9.10
CA GLY B 623 31.10 5.68 -8.61
C GLY B 623 32.23 5.65 -7.61
N VAL B 624 33.22 6.49 -7.84
CA VAL B 624 34.31 6.69 -6.86
C VAL B 624 34.46 8.19 -6.54
N VAL B 625 34.15 8.58 -5.31
CA VAL B 625 34.36 9.99 -4.90
C VAL B 625 35.78 10.09 -4.34
N TYR B 626 36.50 11.03 -4.89
CA TYR B 626 37.82 11.45 -4.45
C TYR B 626 37.68 12.87 -3.93
N THR B 627 38.04 13.10 -2.67
CA THR B 627 38.07 14.46 -2.12
C THR B 627 39.07 14.50 -0.97
N ASP B 628 39.60 15.69 -0.71
CA ASP B 628 40.35 15.97 0.49
C ASP B 628 39.50 16.55 1.59
N ALA B 629 38.16 16.59 1.45
CA ALA B 629 37.25 16.99 2.57
C ALA B 629 37.36 16.08 3.79
N TYR B 630 37.36 16.67 5.00
CA TYR B 630 37.44 15.89 6.25
C TYR B 630 36.33 14.82 6.39
N SER B 631 35.14 15.12 5.88
CA SER B 631 33.96 14.27 6.01
C SER B 631 33.44 13.96 4.60
N PRO B 632 34.09 13.02 3.92
CA PRO B 632 33.76 12.79 2.51
C PRO B 632 32.41 12.11 2.35
N GLN B 633 31.73 12.44 1.25
CA GLN B 633 30.32 12.06 1.06
C GLN B 633 30.09 11.30 -0.28
N SER B 634 29.33 10.20 -0.21
CA SER B 634 28.89 9.49 -1.41
C SER B 634 27.38 9.31 -1.32
N ASN B 635 26.66 10.16 -2.06
CA ASN B 635 25.21 10.13 -2.13
C ASN B 635 24.75 9.11 -3.19
N PHE B 636 24.15 8.04 -2.74
CA PHE B 636 23.69 6.95 -3.63
C PHE B 636 22.40 7.38 -4.35
N THR B 637 22.48 8.44 -5.14
CA THR B 637 21.26 9.07 -5.66
C THR B 637 20.67 8.25 -6.80
N GLU B 638 21.49 7.39 -7.41
CA GLU B 638 21.01 6.40 -8.41
C GLU B 638 19.95 5.43 -7.87
N GLY B 639 19.80 5.37 -6.55
CA GLY B 639 18.99 4.35 -5.92
C GLY B 639 19.40 2.92 -6.29
N VAL B 640 18.42 2.12 -6.71
CA VAL B 640 18.64 0.72 -7.02
C VAL B 640 19.27 0.50 -8.38
N PHE B 641 19.38 1.56 -9.16
CA PHE B 641 19.89 1.49 -10.50
C PHE B 641 21.41 1.34 -10.59
N ILE B 642 21.94 0.13 -10.27
CA ILE B 642 23.39 -0.09 -10.47
C ILE B 642 23.63 -1.09 -11.56
N ASP B 643 24.87 -1.16 -12.03
CA ASP B 643 25.25 -2.12 -13.07
C ASP B 643 24.22 -2.14 -14.24
N TYR B 644 23.60 -3.28 -14.55
CA TYR B 644 22.78 -3.39 -15.74
C TYR B 644 21.48 -2.61 -15.58
N ARG B 645 20.98 -2.47 -14.36
CA ARG B 645 19.75 -1.72 -14.21
C ARG B 645 20.00 -0.27 -14.62
N TRP B 646 21.18 0.27 -14.30
CA TRP B 646 21.54 1.64 -14.79
C TRP B 646 21.53 1.67 -16.31
N PHE B 647 22.29 0.76 -16.91
CA PHE B 647 22.39 0.69 -18.40
C PHE B 647 21.00 0.55 -19.09
N ASP B 648 20.14 -0.30 -18.56
CA ASP B 648 18.78 -0.49 -19.16
C ASP B 648 17.93 0.79 -18.94
N LYS B 649 18.00 1.42 -17.76
CA LYS B 649 17.19 2.59 -17.47
C LYS B 649 17.57 3.75 -18.40
N MET B 650 18.87 4.02 -18.57
CA MET B 650 19.40 5.12 -19.39
C MET B 650 19.50 4.83 -20.89
N GLY B 651 19.08 3.62 -21.29
CA GLY B 651 19.15 3.15 -22.66
C GLY B 651 20.54 3.13 -23.23
N ILE B 652 21.52 2.74 -22.41
CA ILE B 652 22.90 2.67 -22.86
C ILE B 652 23.24 1.24 -23.28
N THR B 653 23.91 1.12 -24.41
CA THR B 653 24.22 -0.19 -24.94
C THR B 653 25.63 -0.57 -24.52
N PRO B 654 25.78 -1.65 -23.71
CA PRO B 654 27.12 -2.12 -23.29
C PRO B 654 27.75 -2.90 -24.41
N ARG B 655 29.08 -3.00 -24.39
CA ARG B 655 29.76 -3.85 -25.33
C ARG B 655 29.30 -5.30 -25.08
N TYR B 656 29.35 -5.74 -23.84
CA TYR B 656 28.79 -7.01 -23.45
C TYR B 656 27.94 -6.88 -22.22
N GLU B 657 26.71 -7.35 -22.31
CA GLU B 657 25.78 -7.22 -21.23
C GLU B 657 25.92 -8.23 -20.11
N PHE B 658 25.34 -7.85 -18.98
CA PHE B 658 25.11 -8.75 -17.86
C PHE B 658 24.47 -10.02 -18.35
N GLY B 659 25.13 -11.13 -17.99
CA GLY B 659 24.72 -12.43 -18.37
C GLY B 659 25.04 -12.84 -19.80
N PHE B 660 25.91 -12.13 -20.50
CA PHE B 660 26.36 -12.54 -21.85
C PHE B 660 27.51 -13.57 -21.83
N GLY B 661 27.40 -14.56 -22.67
CA GLY B 661 28.53 -15.47 -22.93
C GLY B 661 28.21 -16.43 -24.09
N LEU B 662 29.13 -16.58 -25.04
CA LEU B 662 28.90 -17.44 -26.19
C LEU B 662 29.30 -18.86 -25.89
N SER B 663 28.84 -19.75 -26.76
CA SER B 663 29.09 -21.18 -26.67
C SER B 663 29.70 -21.54 -28.01
N TYR B 664 29.96 -22.81 -28.28
CA TYR B 664 30.34 -23.22 -29.63
C TYR B 664 29.09 -23.75 -30.35
N THR B 665 27.94 -23.70 -29.70
CA THR B 665 26.67 -24.03 -30.34
C THR B 665 25.66 -22.92 -30.01
N THR B 666 24.44 -23.07 -30.47
CA THR B 666 23.39 -22.07 -30.23
C THR B 666 22.18 -22.79 -29.64
N PHE B 667 21.36 -22.03 -28.92
CA PHE B 667 20.23 -22.52 -28.14
C PHE B 667 18.97 -21.76 -28.56
N THR B 668 17.88 -22.48 -28.71
CA THR B 668 16.58 -21.87 -29.04
C THR B 668 15.67 -22.06 -27.88
N TYR B 669 15.07 -20.93 -27.46
CA TYR B 669 14.12 -20.92 -26.35
C TYR B 669 12.66 -21.12 -26.80
N SER B 670 11.89 -21.93 -26.09
CA SER B 670 10.49 -22.12 -26.43
C SER B 670 9.60 -22.43 -25.23
N ASN B 671 8.29 -22.28 -25.45
CA ASN B 671 7.26 -22.82 -24.57
C ASN B 671 7.33 -22.33 -23.08
N LEU B 672 7.26 -21.01 -22.93
CA LEU B 672 7.30 -20.34 -21.63
C LEU B 672 6.03 -20.69 -20.91
N ILE B 673 6.15 -21.30 -19.72
CA ILE B 673 4.99 -21.65 -18.92
C ILE B 673 5.10 -21.02 -17.52
N VAL B 674 3.98 -20.49 -17.04
CA VAL B 674 3.91 -19.99 -15.68
C VAL B 674 2.97 -20.90 -14.99
N ASP B 675 3.51 -21.74 -14.13
CA ASP B 675 2.74 -22.64 -13.37
C ASP B 675 2.33 -21.98 -12.04
N HIS B 676 1.10 -21.46 -12.03
CA HIS B 676 0.53 -20.85 -10.83
C HIS B 676 0.21 -21.85 -9.72
N GLY B 677 0.05 -23.14 -10.08
CA GLY B 677 -0.20 -24.21 -9.10
C GLY B 677 1.00 -24.83 -8.39
N ARG B 678 2.20 -24.37 -8.73
CA ARG B 678 3.41 -24.94 -8.20
C ARG B 678 4.01 -23.96 -7.19
N TRP B 679 3.50 -24.07 -5.97
CA TRP B 679 3.86 -23.32 -4.80
C TRP B 679 4.29 -24.25 -3.69
N ALA B 680 4.94 -23.67 -2.69
CA ALA B 680 5.47 -24.50 -1.61
C ALA B 680 5.88 -23.62 -0.42
N LYS B 681 5.68 -24.14 0.79
CA LYS B 681 6.15 -23.48 2.00
C LYS B 681 7.65 -23.56 2.05
N ASP B 682 8.29 -22.45 2.46
CA ASP B 682 9.73 -22.33 2.75
C ASP B 682 9.96 -23.09 4.03
N TYR B 683 10.57 -24.26 3.93
CA TYR B 683 10.79 -25.15 5.08
C TYR B 683 12.26 -25.17 5.46
N SER B 684 13.12 -24.99 4.47
CA SER B 684 14.46 -25.57 4.44
C SER B 684 15.59 -24.66 5.00
N SER B 685 15.35 -23.36 5.14
CA SER B 685 16.34 -22.40 5.68
C SER B 685 16.86 -22.80 7.06
N VAL B 686 18.07 -22.39 7.36
CA VAL B 686 18.67 -22.73 8.59
C VAL B 686 18.13 -21.78 9.69
N MET B 687 17.98 -20.51 9.35
CA MET B 687 17.53 -19.42 10.26
C MET B 687 16.52 -18.55 9.52
N GLU B 688 15.66 -17.86 10.27
CA GLU B 688 14.59 -17.02 9.73
C GLU B 688 14.85 -15.56 10.02
N THR B 689 14.50 -14.72 9.08
CA THR B 689 14.48 -13.28 9.28
C THR B 689 13.14 -12.86 9.92
N ALA B 690 12.97 -11.59 10.24
CA ALA B 690 11.67 -11.13 10.82
C ALA B 690 11.24 -10.03 9.94
N GLU B 691 11.48 -10.22 8.64
CA GLU B 691 11.22 -9.16 7.69
C GLU B 691 9.70 -8.99 7.57
N PRO B 692 9.17 -7.78 7.87
CA PRO B 692 7.72 -7.66 7.74
C PRO B 692 7.23 -7.62 6.27
N PHE B 693 6.01 -8.07 6.06
CA PHE B 693 5.43 -8.08 4.74
C PHE B 693 3.90 -8.19 4.78
N ALA B 694 3.26 -7.52 3.83
CA ALA B 694 1.81 -7.19 3.91
C ALA B 694 0.94 -8.40 4.05
N GLU B 695 1.38 -9.49 3.43
CA GLU B 695 0.58 -10.65 3.24
C GLU B 695 0.77 -11.58 4.43
N TRP B 696 1.61 -11.19 5.42
CA TRP B 696 1.80 -12.03 6.60
C TRP B 696 0.48 -12.45 7.27
N ASP B 697 0.50 -13.68 7.80
CA ASP B 697 -0.52 -14.25 8.70
C ASP B 697 0.27 -15.10 9.72
N GLY B 698 -0.34 -16.08 10.36
CA GLY B 698 0.41 -16.91 11.30
C GLY B 698 1.56 -17.74 10.73
N THR B 699 1.27 -18.42 9.62
CA THR B 699 1.99 -19.63 9.18
C THR B 699 2.50 -19.44 7.73
N ASN B 700 3.18 -18.33 7.53
CA ASN B 700 3.46 -17.73 6.24
C ASN B 700 4.90 -17.22 6.13
N SER B 701 5.45 -17.12 4.92
CA SER B 701 6.79 -16.59 4.71
C SER B 701 6.99 -15.73 3.46
N LEU B 702 7.91 -14.77 3.59
CA LEU B 702 8.33 -13.93 2.48
C LEU B 702 9.06 -14.79 1.43
N TYR B 703 9.55 -15.96 1.85
CA TYR B 703 10.41 -16.78 1.01
C TYR B 703 9.71 -18.03 0.51
N ASP B 704 8.43 -18.20 0.85
CA ASP B 704 7.56 -19.19 0.21
C ASP B 704 7.62 -19.05 -1.30
N VAL B 705 7.56 -20.15 -2.03
CA VAL B 705 7.52 -20.15 -3.49
C VAL B 705 6.04 -19.96 -3.83
N ILE B 706 5.77 -18.92 -4.61
CA ILE B 706 4.39 -18.58 -4.93
C ILE B 706 3.95 -19.04 -6.31
N PHE B 707 4.88 -19.16 -7.23
CA PHE B 707 4.66 -19.90 -8.46
C PHE B 707 5.99 -20.38 -9.07
N THR B 708 5.93 -21.26 -10.08
CA THR B 708 7.18 -21.71 -10.73
C THR B 708 7.06 -21.44 -12.20
N VAL B 709 8.13 -21.02 -12.84
CA VAL B 709 8.08 -20.87 -14.28
C VAL B 709 9.03 -21.81 -15.00
N PHE B 710 8.61 -22.30 -16.16
CA PHE B 710 9.34 -23.20 -17.02
C PHE B 710 9.54 -22.62 -18.43
N ALA B 711 10.61 -23.04 -19.09
CA ALA B 711 10.78 -22.93 -20.51
C ALA B 711 11.58 -24.13 -21.01
N THR B 712 11.67 -24.21 -22.32
CA THR B 712 12.43 -25.24 -22.97
C THR B 712 13.55 -24.65 -23.76
N ILE B 713 14.72 -25.29 -23.71
CA ILE B 713 15.76 -24.92 -24.62
C ILE B 713 16.14 -26.09 -25.49
N THR B 714 16.48 -25.77 -26.73
CA THR B 714 16.93 -26.72 -27.72
C THR B 714 18.25 -26.35 -28.25
N ASN B 715 19.16 -27.31 -28.25
CA ASN B 715 20.42 -27.17 -28.93
C ASN B 715 20.26 -27.19 -30.44
N THR B 716 20.50 -26.04 -31.02
CA THR B 716 20.14 -25.68 -32.35
C THR B 716 21.41 -25.56 -33.21
N GLY B 717 22.60 -25.80 -32.66
CA GLY B 717 23.84 -25.69 -33.43
C GLY B 717 24.39 -27.06 -33.80
N ASN B 718 25.73 -27.16 -33.92
CA ASN B 718 26.39 -28.38 -34.40
C ASN B 718 27.24 -29.11 -33.37
N LEU B 719 27.22 -28.72 -32.09
CA LEU B 719 28.03 -29.38 -31.02
C LEU B 719 27.31 -29.37 -29.72
N THR B 720 27.67 -30.31 -28.87
CA THR B 720 27.11 -30.32 -27.51
C THR B 720 27.55 -29.06 -26.75
N GLY B 721 26.72 -28.55 -25.84
CA GLY B 721 27.13 -27.39 -25.03
C GLY B 721 26.24 -27.32 -23.83
N SER B 722 26.72 -26.59 -22.82
CA SER B 722 25.93 -26.24 -21.67
C SER B 722 25.34 -24.85 -21.92
N GLU B 723 24.24 -24.54 -21.25
CA GLU B 723 23.60 -23.24 -21.37
C GLU B 723 23.03 -22.72 -20.07
N VAL B 724 23.39 -21.47 -19.76
CA VAL B 724 22.83 -20.74 -18.60
C VAL B 724 21.56 -19.97 -19.04
N ALA B 725 20.40 -20.47 -18.61
CA ALA B 725 19.11 -19.81 -18.81
C ALA B 725 18.88 -18.88 -17.61
N GLN B 726 18.41 -17.66 -17.96
CA GLN B 726 18.13 -16.55 -17.06
C GLN B 726 16.67 -16.06 -17.18
N LEU B 727 16.10 -15.67 -16.04
CA LEU B 727 14.75 -15.19 -15.94
C LEU B 727 14.81 -13.81 -15.35
N TYR B 728 14.08 -12.89 -15.95
CA TYR B 728 14.03 -11.48 -15.48
C TYR B 728 12.60 -11.11 -15.29
N ILE B 729 12.31 -10.32 -14.29
CA ILE B 729 10.95 -9.87 -14.04
C ILE B 729 10.94 -8.35 -14.03
N SER B 730 9.93 -7.79 -14.69
CA SER B 730 9.68 -6.36 -14.63
C SER B 730 8.57 -6.12 -13.61
N ILE B 731 8.92 -5.61 -12.42
CA ILE B 731 7.99 -5.37 -11.33
C ILE B 731 7.37 -3.98 -11.52
N PRO B 732 6.05 -3.90 -11.44
CA PRO B 732 5.39 -2.62 -11.74
C PRO B 732 5.50 -1.68 -10.53
N GLY B 733 5.47 -0.39 -10.76
CA GLY B 733 5.54 0.64 -9.70
C GLY B 733 6.22 1.80 -10.36
N ASP B 734 6.43 2.91 -9.64
CA ASP B 734 7.14 4.05 -10.25
C ASP B 734 8.62 3.81 -10.04
N ASN B 735 9.41 4.36 -10.96
CA ASN B 735 10.86 4.33 -10.90
C ASN B 735 11.42 2.92 -10.66
N GLN B 736 10.87 1.97 -11.39
CA GLN B 736 11.29 0.56 -11.23
C GLN B 736 12.29 0.13 -12.30
N PRO B 737 13.21 -0.76 -11.93
CA PRO B 737 14.05 -1.16 -13.05
C PRO B 737 13.23 -1.77 -14.20
N VAL B 738 13.76 -1.59 -15.38
CA VAL B 738 13.23 -2.20 -16.58
C VAL B 738 13.05 -3.69 -16.33
N ARG B 739 14.10 -4.38 -15.82
CA ARG B 739 14.07 -5.82 -15.60
C ARG B 739 15.03 -6.18 -14.46
N GLN B 740 14.69 -7.15 -13.63
CA GLN B 740 15.57 -7.54 -12.54
C GLN B 740 15.74 -9.04 -12.59
N LEU B 741 16.97 -9.53 -12.48
CA LEU B 741 17.15 -11.01 -12.53
C LEU B 741 16.44 -11.64 -11.39
N ARG B 742 15.68 -12.69 -11.67
CA ARG B 742 15.02 -13.45 -10.64
C ARG B 742 15.10 -14.97 -10.78
N GLY B 743 15.99 -15.43 -11.66
CA GLY B 743 16.27 -16.84 -11.81
C GLY B 743 17.38 -17.11 -12.82
N PHE B 744 18.05 -18.21 -12.57
CA PHE B 744 18.98 -18.79 -13.50
C PHE B 744 19.03 -20.30 -13.32
N ASP B 745 19.32 -21.04 -14.41
CA ASP B 745 19.36 -22.51 -14.36
C ASP B 745 20.36 -22.93 -15.47
N LYS B 746 21.29 -23.81 -15.12
CA LYS B 746 22.35 -24.22 -16.06
C LYS B 746 22.09 -25.64 -16.48
N ILE B 747 21.83 -25.77 -17.78
CA ILE B 747 21.68 -27.03 -18.42
C ILE B 747 23.02 -27.54 -18.90
N LYS B 748 23.42 -28.69 -18.41
CA LYS B 748 24.77 -29.26 -18.71
C LYS B 748 24.76 -30.24 -19.91
N ASP B 749 25.66 -30.00 -20.87
CA ASP B 749 26.05 -30.95 -21.94
C ASP B 749 24.82 -31.44 -22.73
N LEU B 750 24.10 -30.48 -23.27
CA LEU B 750 22.88 -30.75 -24.01
C LEU B 750 23.30 -31.12 -25.46
N PRO B 751 23.00 -32.35 -25.85
CA PRO B 751 23.52 -32.67 -27.19
C PRO B 751 22.75 -32.02 -28.34
N VAL B 752 23.28 -32.21 -29.56
CA VAL B 752 22.77 -31.57 -30.76
C VAL B 752 21.33 -32.08 -31.01
N GLY B 753 20.40 -31.16 -31.18
CA GLY B 753 19.04 -31.44 -31.42
C GLY B 753 18.20 -31.76 -30.23
N ASP B 754 18.79 -31.88 -29.02
CA ASP B 754 18.04 -32.29 -27.85
C ASP B 754 17.46 -31.06 -27.21
N SER B 755 16.45 -31.28 -26.41
CA SER B 755 15.79 -30.21 -25.66
C SER B 755 15.86 -30.50 -24.18
N ALA B 756 15.65 -29.49 -23.37
CA ALA B 756 15.63 -29.68 -21.93
C ALA B 756 14.81 -28.56 -21.33
N VAL B 757 14.17 -28.88 -20.22
CA VAL B 757 13.30 -27.92 -19.55
C VAL B 757 14.10 -27.24 -18.41
N VAL B 758 13.97 -25.93 -18.38
CA VAL B 758 14.55 -25.12 -17.32
C VAL B 758 13.43 -24.72 -16.33
N THR B 759 13.73 -24.63 -15.03
CA THR B 759 12.69 -24.28 -14.04
C THR B 759 13.19 -23.22 -13.09
N PHE B 760 12.29 -22.31 -12.72
CA PHE B 760 12.63 -21.11 -11.94
C PHE B 760 11.60 -20.91 -10.83
N PRO B 761 11.88 -21.39 -9.62
CA PRO B 761 10.92 -21.15 -8.52
C PRO B 761 10.91 -19.67 -8.19
N ILE B 762 9.72 -19.07 -8.05
CA ILE B 762 9.60 -17.61 -7.78
C ILE B 762 9.06 -17.46 -6.34
N ARG B 763 9.86 -16.83 -5.48
CA ARG B 763 9.46 -16.61 -4.10
C ARG B 763 8.61 -15.35 -3.95
N ARG B 764 7.89 -15.20 -2.84
CA ARG B 764 7.08 -13.95 -2.64
C ARG B 764 7.97 -12.75 -2.67
N LYS B 765 9.12 -12.82 -1.95
CA LYS B 765 10.09 -11.72 -2.06
C LYS B 765 10.51 -11.32 -3.46
N ASP B 766 10.62 -12.29 -4.37
CA ASP B 766 11.06 -12.03 -5.71
C ASP B 766 10.18 -11.10 -6.53
N VAL B 767 8.92 -10.98 -6.14
CA VAL B 767 7.97 -10.14 -6.88
C VAL B 767 7.53 -9.00 -5.98
N SER B 768 8.29 -8.74 -4.90
CA SER B 768 7.87 -7.74 -3.89
C SER B 768 8.61 -6.41 -4.05
N SER B 769 8.03 -5.38 -3.43
CA SER B 769 8.66 -4.05 -3.25
C SER B 769 8.65 -3.70 -1.75
N TRP B 770 9.65 -2.94 -1.34
CA TRP B 770 9.66 -2.31 -0.02
C TRP B 770 8.86 -0.98 -0.03
N SER B 771 7.85 -0.93 0.84
CA SER B 771 7.05 0.30 1.05
C SER B 771 7.78 1.17 2.08
N VAL B 772 8.34 2.31 1.69
CA VAL B 772 9.01 3.23 2.64
C VAL B 772 7.96 3.81 3.61
N VAL B 773 6.73 3.98 3.15
CA VAL B 773 5.66 4.55 4.03
C VAL B 773 5.17 3.55 5.09
N ASP B 774 4.76 2.36 4.66
CA ASP B 774 4.48 1.29 5.62
C ASP B 774 5.85 0.75 5.81
N GLN B 775 6.14 0.00 6.81
CA GLN B 775 7.63 -0.35 6.81
C GLN B 775 7.66 -1.80 6.54
N LEU B 776 7.36 -2.16 5.27
CA LEU B 776 7.11 -3.58 4.92
C LEU B 776 7.21 -3.93 3.42
N TRP B 777 7.43 -5.23 3.18
CA TRP B 777 7.49 -5.77 1.82
C TRP B 777 6.04 -6.07 1.35
N TYR B 778 5.72 -5.70 0.13
CA TYR B 778 4.40 -6.00 -0.48
C TYR B 778 4.58 -6.39 -1.92
N VAL B 779 3.61 -7.16 -2.45
CA VAL B 779 3.55 -7.45 -3.86
C VAL B 779 2.73 -6.36 -4.53
N PRO B 780 3.33 -5.54 -5.43
CA PRO B 780 2.52 -4.53 -6.09
C PRO B 780 1.46 -5.07 -7.04
N ASN B 781 0.40 -4.29 -7.21
CA ASN B 781 -0.67 -4.66 -8.11
C ASN B 781 -0.26 -4.10 -9.47
N GLY B 782 -0.64 -4.78 -10.54
CA GLY B 782 -0.26 -4.36 -11.89
C GLY B 782 0.23 -5.55 -12.66
N ASP B 783 0.68 -5.32 -13.89
CA ASP B 783 1.19 -6.42 -14.71
C ASP B 783 2.71 -6.54 -14.59
N PHE B 784 3.17 -7.76 -14.35
CA PHE B 784 4.60 -8.01 -14.26
C PHE B 784 5.01 -8.72 -15.53
N LEU B 785 6.08 -8.29 -16.19
CA LEU B 785 6.54 -8.94 -17.39
C LEU B 785 7.63 -9.94 -16.94
N ILE B 786 7.40 -11.22 -17.27
CA ILE B 786 8.35 -12.33 -17.04
C ILE B 786 9.09 -12.62 -18.34
N SER B 787 10.44 -12.62 -18.33
CA SER B 787 11.23 -12.72 -19.54
C SER B 787 12.29 -13.78 -19.34
N VAL B 788 12.51 -14.59 -20.35
CA VAL B 788 13.46 -15.71 -20.23
C VAL B 788 14.35 -15.70 -21.42
N GLY B 789 15.62 -16.06 -21.22
CA GLY B 789 16.54 -16.16 -22.33
C GLY B 789 17.97 -16.42 -21.89
N GLY B 790 18.88 -16.17 -22.80
CA GLY B 790 20.30 -16.40 -22.62
C GLY B 790 21.15 -15.23 -22.12
N SER B 791 20.65 -13.99 -22.16
CA SER B 791 21.32 -12.87 -21.51
C SER B 791 20.29 -11.82 -21.10
N SER B 792 20.75 -10.79 -20.39
CA SER B 792 19.90 -9.67 -19.94
C SER B 792 19.37 -8.90 -21.09
N ARG B 793 19.92 -9.06 -22.29
CA ARG B 793 19.32 -8.45 -23.50
C ARG B 793 19.03 -9.41 -24.63
N ASP B 794 18.82 -10.66 -24.30
CA ASP B 794 18.61 -11.65 -25.34
C ASP B 794 17.55 -12.47 -24.69
N LEU B 795 16.32 -11.99 -24.80
CA LEU B 795 15.22 -12.56 -24.05
C LEU B 795 14.03 -12.89 -25.01
N PRO B 796 14.13 -13.97 -25.77
CA PRO B 796 13.07 -14.22 -26.81
C PRO B 796 11.69 -14.49 -26.22
N LEU B 797 11.61 -15.00 -24.98
CA LEU B 797 10.37 -15.43 -24.38
C LEU B 797 9.86 -14.43 -23.36
N ASN B 798 8.58 -14.12 -23.45
CA ASN B 798 7.99 -13.24 -22.47
C ASN B 798 6.51 -13.55 -22.26
N THR B 799 6.05 -13.27 -21.04
CA THR B 799 4.64 -13.39 -20.65
C THR B 799 4.30 -12.41 -19.49
N THR B 800 3.01 -12.32 -19.15
CA THR B 800 2.53 -11.43 -18.12
C THR B 800 2.02 -12.23 -16.95
N TRP B 801 2.32 -11.72 -15.75
CA TRP B 801 1.76 -12.28 -14.54
C TRP B 801 1.14 -11.13 -13.77
N THR B 802 -0.06 -11.36 -13.25
CA THR B 802 -0.76 -10.41 -12.36
C THR B 802 -1.00 -11.17 -11.02
N PRO B 803 -0.87 -10.50 -9.86
CA PRO B 803 -1.35 -11.18 -8.60
C PRO B 803 -2.88 -11.46 -8.58
#